data_4F3Z
#
_entry.id   4F3Z
#
_cell.length_a   93.44
_cell.length_b   94.92
_cell.length_c   220.53
_cell.angle_alpha   90.00
_cell.angle_beta   90.00
_cell.angle_gamma   90.00
#
_symmetry.space_group_name_H-M   'P 21 21 21'
#
loop_
_entity.id
_entity.type
_entity.pdbx_description
1 polymer Hemagglutinin
2 polymer Hemagglutinin
3 non-polymer 2-acetamido-2-deoxy-beta-D-glucopyranose
#
loop_
_entity_poly.entity_id
_entity_poly.type
_entity_poly.pdbx_seq_one_letter_code
_entity_poly.pdbx_strand_id
1 'polypeptide(L)'
;PGDTLCIGYHANNSTDTVDTVLEKNVTVTHSVNLLEDRHNGKLCKLRGVAPLHLGKCNIAGWLLGNPECESLFTASSWSY
IVETSSSDNGTCYPGDFINYEELREQLSSVSSFERFEIFPKTSSWPNHDTNRGVTAACPYAGAKSFYRNLIWLVKKENSY
PKLSKSYINNKGKEVLVLWGIHHPSTSADQQSLYQNADAYVFVCSSRYSKKFKPEIAACPKVRDQAGRINYYWTLVEPGD
KITFEATGNLVVPRYAFAMERNSGSGIIISDTSVHDCNTTCQTPKGAINTSLPFQNIHPVTIGECPKYVKSTKLRMATGL
RNVPSIQSR
;
A,C,E
2 'polypeptide(L)'
;GLFGAIAGFIEGGWTGMIDGWYGYHHQNEQGSGYAADLKSTQNAIDGITNKVNSVIEKMNTQFIAVGKEFNHLEKRIENL
NKKVDDGFLDIWTYNAELLILLENERTLDYHDSNVKNLYEKVRSQLKNNAREIGNGCFEFYHKCDDKCMESVKNGTYDYP
KYSEEAKLNREEIDGVSGR
;
B,D,F
#
loop_
_chem_comp.id
_chem_comp.type
_chem_comp.name
_chem_comp.formula
NAG D-saccharide, beta linking 2-acetamido-2-deoxy-beta-D-glucopyranose 'C8 H15 N O6'
#
# COMPACT_ATOMS: atom_id res chain seq x y z
N GLY A 2 10.09 -59.31 27.03
CA GLY A 2 9.26 -59.53 25.84
C GLY A 2 9.67 -58.68 24.66
N ASP A 3 9.17 -59.02 23.47
CA ASP A 3 9.49 -58.27 22.26
C ASP A 3 8.78 -56.92 22.24
N THR A 4 9.49 -55.88 21.79
CA THR A 4 8.97 -54.52 21.84
C THR A 4 8.96 -53.84 20.48
N LEU A 5 7.98 -52.98 20.26
CA LEU A 5 7.95 -52.11 19.09
C LEU A 5 7.62 -50.69 19.51
N CYS A 6 8.53 -49.76 19.23
CA CYS A 6 8.36 -48.38 19.62
C CYS A 6 8.14 -47.49 18.40
N ILE A 7 7.38 -46.41 18.58
CA ILE A 7 7.23 -45.40 17.54
C ILE A 7 7.89 -44.10 18.02
N GLY A 8 8.62 -43.47 17.11
CA GLY A 8 9.44 -42.32 17.46
C GLY A 8 9.77 -41.47 16.25
N TYR A 9 10.64 -40.48 16.43
CA TYR A 9 10.91 -39.50 15.39
C TYR A 9 12.38 -39.14 15.27
N HIS A 10 12.72 -38.44 14.19
CA HIS A 10 14.10 -38.11 13.85
C HIS A 10 14.70 -37.06 14.77
N ALA A 11 16.01 -37.16 14.96
CA ALA A 11 16.80 -36.11 15.61
C ALA A 11 18.18 -36.11 14.98
N ASN A 12 18.83 -34.95 14.94
CA ASN A 12 20.16 -34.87 14.36
C ASN A 12 21.05 -33.78 14.95
N ASN A 13 22.21 -33.57 14.31
CA ASN A 13 23.26 -32.73 14.86
C ASN A 13 23.03 -31.25 14.59
N SER A 14 21.90 -30.94 13.95
CA SER A 14 21.57 -29.57 13.56
C SER A 14 21.29 -28.69 14.77
N THR A 15 22.03 -27.60 14.87
CA THR A 15 21.79 -26.60 15.90
C THR A 15 20.99 -25.43 15.34
N ASP A 16 20.67 -25.50 14.06
CA ASP A 16 19.92 -24.43 13.39
C ASP A 16 18.62 -24.12 14.11
N THR A 17 18.40 -22.85 14.41
CA THR A 17 17.25 -22.44 15.22
C THR A 17 16.25 -21.65 14.39
N VAL A 18 14.98 -21.79 14.74
CA VAL A 18 13.91 -21.09 14.04
C VAL A 18 12.99 -20.38 15.04
N ASP A 19 11.99 -19.69 14.54
CA ASP A 19 11.09 -18.92 15.40
C ASP A 19 9.61 -19.22 15.16
N THR A 20 8.89 -19.47 16.24
CA THR A 20 7.44 -19.62 16.17
C THR A 20 6.78 -18.65 17.15
N VAL A 21 5.45 -18.63 17.16
CA VAL A 21 4.71 -17.61 17.90
C VAL A 21 4.70 -17.82 19.41
N LEU A 22 4.60 -19.08 19.85
CA LEU A 22 4.58 -19.38 21.28
C LEU A 22 5.97 -19.62 21.87
N GLU A 23 6.96 -19.80 21.01
CA GLU A 23 8.32 -20.03 21.47
C GLU A 23 9.38 -19.51 20.51
N LYS A 24 10.46 -18.96 21.06
CA LYS A 24 11.53 -18.35 20.30
C LYS A 24 12.78 -19.23 20.29
N ASN A 25 13.52 -19.17 19.19
CA ASN A 25 14.74 -19.97 19.05
C ASN A 25 14.49 -21.44 19.34
N VAL A 26 13.70 -22.07 18.47
CA VAL A 26 13.46 -23.51 18.56
C VAL A 26 14.38 -24.25 17.61
N THR A 27 15.27 -25.07 18.18
CA THR A 27 16.20 -25.84 17.35
C THR A 27 15.45 -26.95 16.63
N VAL A 28 15.59 -27.00 15.31
CA VAL A 28 14.83 -27.95 14.52
C VAL A 28 15.73 -28.81 13.65
N THR A 29 15.18 -29.91 13.13
CA THR A 29 15.96 -30.86 12.38
C THR A 29 16.33 -30.35 10.98
N HIS A 30 15.38 -29.71 10.31
CA HIS A 30 15.62 -29.20 8.96
C HIS A 30 14.91 -27.87 8.74
N SER A 31 15.54 -26.99 7.96
CA SER A 31 14.96 -25.69 7.67
C SER A 31 15.53 -25.06 6.40
N VAL A 32 14.81 -24.11 5.84
CA VAL A 32 15.32 -23.34 4.71
C VAL A 32 15.37 -21.86 5.03
N ASN A 33 16.35 -21.16 4.48
CA ASN A 33 16.41 -19.71 4.62
C ASN A 33 15.80 -19.03 3.40
N LEU A 34 14.79 -18.19 3.64
CA LEU A 34 14.08 -17.53 2.54
C LEU A 34 14.66 -16.15 2.26
N LEU A 35 15.74 -15.80 2.95
CA LEU A 35 16.28 -14.45 2.89
C LEU A 35 17.71 -14.45 2.35
N GLU A 36 17.93 -13.75 1.24
CA GLU A 36 19.27 -13.61 0.69
C GLU A 36 19.95 -12.35 1.19
N ASP A 37 20.96 -12.53 2.05
CA ASP A 37 21.74 -11.41 2.56
C ASP A 37 23.05 -11.23 1.79
N ARG A 38 23.23 -12.03 0.74
CA ARG A 38 24.48 -12.03 -0.02
C ARG A 38 24.35 -11.32 -1.35
N HIS A 39 25.26 -10.38 -1.60
CA HIS A 39 25.31 -9.68 -2.88
C HIS A 39 26.75 -9.64 -3.37
N ASN A 40 26.92 -9.46 -4.67
CA ASN A 40 28.21 -9.68 -5.32
C ASN A 40 29.17 -8.49 -5.28
N GLY A 41 28.72 -7.39 -4.69
CA GLY A 41 29.59 -6.27 -4.39
C GLY A 41 30.01 -5.39 -5.56
N LYS A 42 29.44 -5.63 -6.73
CA LYS A 42 29.88 -4.93 -7.94
C LYS A 42 28.74 -4.76 -8.94
N LEU A 43 28.86 -3.74 -9.79
CA LEU A 43 27.90 -3.54 -10.87
C LEU A 43 28.15 -4.53 -11.99
N CYS A 44 27.09 -5.06 -12.57
CA CYS A 44 27.20 -6.09 -13.60
C CYS A 44 26.29 -5.81 -14.78
N LYS A 45 26.50 -6.52 -15.87
CA LYS A 45 25.58 -6.49 -17.00
C LYS A 45 24.24 -7.07 -16.57
N LEU A 46 23.16 -6.63 -17.23
CA LEU A 46 21.83 -7.12 -16.89
C LEU A 46 21.22 -7.90 -18.06
N ARG A 47 21.11 -9.22 -17.87
CA ARG A 47 20.55 -10.08 -18.89
C ARG A 47 21.23 -9.89 -20.25
N GLY A 48 22.55 -9.78 -20.22
CA GLY A 48 23.33 -9.63 -21.45
C GLY A 48 23.70 -8.20 -21.74
N VAL A 49 22.70 -7.32 -21.78
CA VAL A 49 22.91 -5.92 -22.10
C VAL A 49 23.88 -5.26 -21.12
N ALA A 50 24.71 -4.36 -21.62
CA ALA A 50 25.60 -3.58 -20.77
C ALA A 50 24.90 -2.32 -20.27
N PRO A 51 25.29 -1.84 -19.09
CA PRO A 51 24.72 -0.58 -18.59
C PRO A 51 25.35 0.59 -19.34
N LEU A 52 24.97 1.81 -18.96
CA LEU A 52 25.64 2.99 -19.48
C LEU A 52 26.14 3.84 -18.31
N HIS A 53 27.45 3.97 -18.20
CA HIS A 53 28.04 4.66 -17.06
C HIS A 53 28.46 6.07 -17.47
N LEU A 54 27.75 7.05 -16.92
CA LEU A 54 27.93 8.44 -17.32
C LEU A 54 29.22 9.05 -16.78
N GLY A 55 29.81 8.41 -15.78
CA GLY A 55 31.06 8.89 -15.21
C GLY A 55 30.92 10.26 -14.57
N LYS A 56 31.83 11.16 -14.91
CA LYS A 56 31.79 12.53 -14.39
C LYS A 56 30.61 13.29 -14.98
N CYS A 57 30.21 12.89 -16.18
CA CYS A 57 29.04 13.47 -16.83
C CYS A 57 27.76 12.95 -16.19
N ASN A 58 26.73 13.80 -16.16
CA ASN A 58 25.41 13.38 -15.72
C ASN A 58 24.45 13.41 -16.91
N ILE A 59 23.20 13.03 -16.68
CA ILE A 59 22.24 12.93 -17.77
C ILE A 59 22.22 14.20 -18.62
N ALA A 60 22.09 15.35 -17.97
CA ALA A 60 22.04 16.61 -18.68
C ALA A 60 23.27 16.80 -19.56
N GLY A 61 24.45 16.75 -18.94
CA GLY A 61 25.70 16.90 -19.66
C GLY A 61 25.80 15.92 -20.82
N TRP A 62 25.19 14.75 -20.64
CA TRP A 62 25.24 13.70 -21.65
C TRP A 62 24.38 14.04 -22.87
N LEU A 63 23.16 14.48 -22.62
CA LEU A 63 22.22 14.77 -23.72
C LEU A 63 22.56 16.08 -24.41
N LEU A 64 23.19 16.99 -23.66
CA LEU A 64 23.54 18.30 -24.20
C LEU A 64 24.88 18.26 -24.92
N GLY A 65 25.60 17.15 -24.76
CA GLY A 65 26.89 16.99 -25.39
C GLY A 65 27.99 17.78 -24.72
N ASN A 66 28.05 17.71 -23.39
CA ASN A 66 29.15 18.28 -22.63
C ASN A 66 30.51 17.77 -23.13
N PRO A 67 31.45 18.69 -23.36
CA PRO A 67 32.75 18.37 -23.98
C PRO A 67 33.53 17.31 -23.20
N GLU A 68 33.32 17.24 -21.88
CA GLU A 68 34.05 16.30 -21.04
C GLU A 68 33.58 14.86 -21.22
N CYS A 69 32.36 14.69 -21.71
CA CYS A 69 31.90 13.38 -22.16
C CYS A 69 32.45 13.12 -23.55
N GLU A 70 32.16 11.97 -24.12
CA GLU A 70 32.53 11.71 -25.51
C GLU A 70 31.52 12.34 -26.47
N SER A 71 30.24 12.32 -26.09
CA SER A 71 29.13 12.80 -26.94
C SER A 71 28.64 11.73 -27.92
N ALA A 75 27.00 5.76 -26.09
CA ALA A 75 26.57 5.48 -27.45
C ALA A 75 25.05 5.41 -27.58
N SER A 76 24.53 4.22 -27.87
CA SER A 76 23.17 4.09 -28.38
C SER A 76 22.17 3.37 -27.47
N SER A 77 22.61 2.37 -26.71
CA SER A 77 21.67 1.64 -25.88
C SER A 77 22.23 1.17 -24.53
N TRP A 78 21.32 0.88 -23.59
CA TRP A 78 21.70 0.53 -22.23
C TRP A 78 20.64 -0.32 -21.55
N SER A 79 21.08 -1.16 -20.61
CA SER A 79 20.16 -1.87 -19.72
C SER A 79 19.67 -0.94 -18.61
N TYR A 80 20.61 -0.20 -18.03
CA TYR A 80 20.28 0.83 -17.05
C TYR A 80 21.36 1.90 -17.02
N ILE A 81 21.01 3.09 -16.53
CA ILE A 81 21.90 4.24 -16.55
C ILE A 81 22.48 4.51 -15.17
N VAL A 82 23.79 4.71 -15.10
CA VAL A 82 24.44 4.83 -13.80
C VAL A 82 25.10 6.19 -13.60
N GLU A 83 24.73 6.86 -12.51
CA GLU A 83 25.36 8.11 -12.12
C GLU A 83 26.11 7.95 -10.80
N THR A 84 27.26 8.61 -10.69
CA THR A 84 28.05 8.52 -9.47
C THR A 84 27.72 9.68 -8.52
N SER A 85 27.86 9.42 -7.23
CA SER A 85 27.55 10.39 -6.17
C SER A 85 27.86 11.80 -6.62
N SER A 86 29.09 12.00 -7.09
CA SER A 86 29.43 13.25 -7.75
C SER A 86 29.52 13.00 -9.25
N SER A 87 28.53 13.49 -9.99
CA SER A 87 28.66 13.63 -11.43
C SER A 87 28.93 15.10 -11.67
N ASP A 88 30.17 15.42 -12.02
CA ASP A 88 30.64 16.80 -11.97
C ASP A 88 30.05 17.59 -13.11
N ASN A 89 30.49 17.29 -14.33
CA ASN A 89 30.12 18.11 -15.45
C ASN A 89 28.61 18.15 -15.57
N GLY A 90 28.06 19.35 -15.41
CA GLY A 90 26.63 19.57 -15.32
C GLY A 90 26.11 20.17 -16.59
N THR A 91 25.13 21.05 -16.44
CA THR A 91 24.86 22.07 -17.44
C THR A 91 26.02 23.08 -17.36
N CYS A 92 26.74 23.21 -18.46
CA CYS A 92 27.98 23.97 -18.52
C CYS A 92 27.81 25.44 -18.16
N TYR A 93 27.05 26.15 -18.99
CA TYR A 93 26.77 27.56 -18.78
C TYR A 93 25.69 27.70 -17.71
N PRO A 94 25.87 28.66 -16.79
CA PRO A 94 24.88 28.85 -15.73
C PRO A 94 23.52 29.13 -16.32
N GLY A 95 22.51 28.40 -15.84
CA GLY A 95 21.19 28.43 -16.45
C GLY A 95 20.27 27.42 -15.79
N ASP A 96 19.11 27.19 -16.40
CA ASP A 96 18.11 26.32 -15.77
C ASP A 96 17.56 25.30 -16.76
N PHE A 97 17.56 24.04 -16.35
CA PHE A 97 17.04 22.97 -17.19
C PHE A 97 15.58 22.71 -16.86
N ILE A 98 14.70 22.98 -17.81
CA ILE A 98 13.26 22.91 -17.56
C ILE A 98 12.74 21.50 -17.72
N ASN A 99 11.98 21.05 -16.73
CA ASN A 99 11.45 19.69 -16.71
C ASN A 99 12.56 18.66 -16.83
N TYR A 100 13.64 18.85 -16.08
CA TYR A 100 14.75 17.92 -16.11
C TYR A 100 14.30 16.53 -15.67
N GLU A 101 13.74 16.46 -14.46
CA GLU A 101 13.36 15.20 -13.86
C GLU A 101 12.42 14.43 -14.76
N GLU A 102 11.51 15.15 -15.40
CA GLU A 102 10.61 14.53 -16.36
C GLU A 102 11.39 13.84 -17.46
N LEU A 103 12.38 14.54 -18.01
CA LEU A 103 13.22 14.01 -19.07
C LEU A 103 13.94 12.75 -18.60
N ARG A 104 14.55 12.84 -17.41
CA ARG A 104 15.23 11.70 -16.81
C ARG A 104 14.27 10.52 -16.66
N GLU A 105 12.99 10.83 -16.48
CA GLU A 105 11.97 9.81 -16.38
C GLU A 105 11.64 9.24 -17.77
N GLN A 106 11.80 10.07 -18.79
CA GLN A 106 11.52 9.66 -20.16
C GLN A 106 12.59 8.71 -20.66
N LEU A 107 13.84 8.98 -20.28
CA LEU A 107 14.93 8.06 -20.57
C LEU A 107 14.86 6.87 -19.64
N SER A 108 14.31 7.08 -18.45
CA SER A 108 14.22 6.03 -17.46
C SER A 108 13.56 4.78 -18.06
N SER A 109 12.62 4.97 -18.97
CA SER A 109 12.14 3.86 -19.76
C SER A 109 12.57 4.04 -21.21
N VAL A 110 13.60 3.31 -21.62
CA VAL A 110 13.99 3.15 -23.02
C VAL A 110 15.35 2.46 -23.12
N SER A 111 15.69 1.98 -24.30
CA SER A 111 17.04 1.52 -24.60
C SER A 111 17.39 1.95 -26.01
N SER A 112 16.38 1.92 -26.87
CA SER A 112 16.46 2.59 -28.16
C SER A 112 16.89 4.02 -27.92
N PHE A 113 17.41 4.64 -28.98
CA PHE A 113 18.18 5.87 -28.86
C PHE A 113 19.11 5.98 -30.05
N GLU A 114 18.63 6.56 -31.14
CA GLU A 114 19.53 6.89 -32.24
C GLU A 114 19.74 8.41 -32.33
N ARG A 115 20.96 8.83 -32.02
CA ARG A 115 21.35 10.23 -32.19
C ARG A 115 21.62 10.55 -33.65
N PHE A 116 20.90 11.54 -34.17
CA PHE A 116 21.16 11.99 -35.53
C PHE A 116 21.37 13.49 -35.58
N GLU A 117 21.64 14.02 -36.78
CA GLU A 117 21.74 15.46 -36.92
C GLU A 117 20.46 15.99 -37.52
N ILE A 118 19.66 16.64 -36.70
CA ILE A 118 18.37 17.17 -37.13
C ILE A 118 18.59 18.46 -37.90
N PHE A 119 19.63 19.20 -37.51
CA PHE A 119 20.01 20.44 -38.18
C PHE A 119 21.49 20.40 -38.52
N PRO A 120 21.82 19.83 -39.69
CA PRO A 120 23.21 19.64 -40.11
C PRO A 120 24.03 20.93 -39.96
N LYS A 121 25.22 20.79 -39.40
CA LYS A 121 26.02 21.95 -38.98
C LYS A 121 26.12 23.06 -40.01
N THR A 122 26.83 22.78 -41.10
CA THR A 122 27.17 23.79 -42.10
C THR A 122 25.96 24.34 -42.85
N SER A 123 25.21 23.45 -43.48
CA SER A 123 24.16 23.85 -44.41
C SER A 123 23.06 24.73 -43.81
N SER A 124 22.70 24.45 -42.56
CA SER A 124 21.44 24.91 -41.99
C SER A 124 21.34 26.41 -41.74
N TRP A 125 22.47 27.05 -41.42
CA TRP A 125 22.45 28.44 -40.97
C TRP A 125 23.33 29.36 -41.84
N PRO A 126 22.82 29.72 -43.02
CA PRO A 126 23.52 30.53 -44.02
C PRO A 126 23.85 31.94 -43.53
N ASN A 127 22.87 32.60 -42.90
CA ASN A 127 23.01 34.01 -42.56
C ASN A 127 23.51 34.29 -41.14
N HIS A 128 23.71 33.22 -40.36
CA HIS A 128 24.16 33.37 -38.98
C HIS A 128 25.48 32.64 -38.74
N ASP A 129 26.01 32.77 -37.53
CA ASP A 129 27.38 32.32 -37.25
C ASP A 129 27.40 31.06 -36.39
N THR A 130 27.91 29.97 -36.98
CA THR A 130 27.98 28.68 -36.31
C THR A 130 29.17 28.53 -35.36
N ASN A 131 30.32 29.07 -35.76
CA ASN A 131 31.61 28.73 -35.17
C ASN A 131 32.08 29.65 -34.03
N ARG A 132 31.42 30.80 -33.92
CA ARG A 132 31.87 31.84 -32.99
C ARG A 132 31.25 31.69 -31.61
N GLY A 133 30.41 30.67 -31.44
CA GLY A 133 29.49 30.64 -30.31
C GLY A 133 30.01 29.99 -29.04
N VAL A 134 31.32 29.94 -28.87
CA VAL A 134 31.91 29.28 -27.71
C VAL A 134 31.70 30.07 -26.41
N THR A 135 32.22 29.52 -25.31
CA THR A 135 32.20 30.22 -24.02
C THR A 135 33.35 29.73 -23.12
N ALA A 136 33.63 30.50 -22.08
CA ALA A 136 34.70 30.16 -21.14
C ALA A 136 34.20 29.21 -20.06
N ALA A 137 32.89 28.98 -20.05
CA ALA A 137 32.31 28.01 -19.13
C ALA A 137 32.57 26.58 -19.59
N CYS A 138 32.82 26.40 -20.88
CA CYS A 138 32.98 25.06 -21.46
C CYS A 138 34.36 24.89 -22.08
N PRO A 139 35.35 24.45 -21.29
CA PRO A 139 36.67 24.15 -21.83
C PRO A 139 36.68 22.95 -22.77
N TYR A 140 37.38 23.09 -23.90
CA TYR A 140 37.81 21.93 -24.68
C TYR A 140 39.34 21.99 -24.73
N ALA A 141 39.99 21.05 -24.05
CA ALA A 141 41.44 21.04 -23.93
C ALA A 141 41.99 22.40 -23.50
N GLY A 142 41.30 23.05 -22.57
CA GLY A 142 41.78 24.32 -22.02
C GLY A 142 41.31 25.54 -22.77
N ALA A 143 40.86 25.35 -24.00
CA ALA A 143 40.35 26.45 -24.81
C ALA A 143 38.90 26.80 -24.41
N LYS A 144 38.35 27.80 -25.06
CA LYS A 144 36.96 28.21 -24.83
C LYS A 144 36.04 27.54 -25.85
N SER A 145 35.05 26.82 -25.34
CA SER A 145 34.27 25.91 -26.17
C SER A 145 32.83 25.82 -25.69
N PHE A 146 32.09 24.84 -26.22
CA PHE A 146 30.67 24.72 -25.94
C PHE A 146 30.19 23.28 -26.10
N TYR A 147 28.88 23.08 -26.07
CA TYR A 147 28.29 21.74 -26.22
C TYR A 147 28.46 21.23 -27.65
N ARG A 148 28.45 19.90 -27.79
CA ARG A 148 28.48 19.27 -29.11
C ARG A 148 27.10 19.21 -29.77
N ASN A 149 26.06 18.95 -28.97
CA ASN A 149 24.73 18.69 -29.51
C ASN A 149 23.89 19.94 -29.74
N LEU A 150 24.45 21.10 -29.41
CA LEU A 150 23.76 22.36 -29.64
C LEU A 150 24.67 23.37 -30.33
N ILE A 151 24.09 24.15 -31.24
CA ILE A 151 24.81 25.20 -31.94
C ILE A 151 24.33 26.56 -31.45
N TRP A 152 25.27 27.36 -30.95
CA TRP A 152 24.95 28.69 -30.45
C TRP A 152 25.11 29.72 -31.56
N LEU A 153 23.99 30.32 -31.97
CA LEU A 153 23.96 31.20 -33.13
C LEU A 153 24.11 32.66 -32.72
N VAL A 154 24.81 33.43 -33.57
CA VAL A 154 25.13 34.83 -33.26
C VAL A 154 25.15 35.68 -34.52
N LYS A 155 25.63 36.92 -34.37
CA LYS A 155 25.76 37.86 -35.48
C LYS A 155 26.60 37.32 -36.62
N LYS A 156 26.22 37.69 -37.84
CA LYS A 156 27.11 37.61 -39.00
C LYS A 156 27.05 38.98 -39.65
N GLU A 157 28.23 39.61 -39.82
CA GLU A 157 28.32 41.05 -40.01
C GLU A 157 27.73 41.72 -38.76
N ASN A 158 26.87 42.71 -38.99
CA ASN A 158 25.99 43.22 -37.94
C ASN A 158 24.60 42.58 -38.07
N SER A 159 24.47 41.66 -39.02
CA SER A 159 23.19 41.04 -39.35
C SER A 159 22.87 39.79 -38.53
N TYR A 160 21.76 39.82 -37.80
CA TYR A 160 21.13 38.63 -37.28
C TYR A 160 19.67 38.61 -37.72
N PRO A 161 19.42 38.07 -38.93
CA PRO A 161 18.10 38.09 -39.56
C PRO A 161 17.17 37.07 -38.92
N LYS A 162 15.86 37.25 -39.12
CA LYS A 162 14.87 36.29 -38.65
C LYS A 162 15.21 34.91 -39.20
N LEU A 163 15.02 33.88 -38.39
CA LEU A 163 15.14 32.52 -38.89
C LEU A 163 13.96 31.64 -38.50
N SER A 164 13.35 31.03 -39.52
CA SER A 164 12.43 29.94 -39.31
C SER A 164 13.07 28.65 -39.84
N LYS A 165 13.34 27.72 -38.94
CA LYS A 165 13.80 26.40 -39.38
C LYS A 165 12.86 25.31 -38.89
N SER A 166 12.49 24.42 -39.80
CA SER A 166 11.45 23.43 -39.56
C SER A 166 11.93 22.01 -39.80
N TYR A 167 11.74 21.16 -38.80
CA TYR A 167 11.98 19.74 -38.99
C TYR A 167 10.67 18.96 -38.81
N ILE A 168 10.20 18.35 -39.90
CA ILE A 168 9.03 17.49 -39.84
C ILE A 168 9.52 16.06 -39.70
N ASN A 169 8.82 15.26 -38.91
CA ASN A 169 9.38 14.00 -38.44
C ASN A 169 9.09 12.84 -39.39
N ASN A 170 10.15 12.35 -40.02
CA ASN A 170 10.04 11.22 -40.95
C ASN A 170 10.41 9.89 -40.32
N LYS A 171 10.83 9.92 -39.05
CA LYS A 171 11.25 8.70 -38.36
C LYS A 171 10.02 7.92 -37.91
N GLY A 172 10.24 6.75 -37.32
CA GLY A 172 9.14 5.87 -36.96
C GLY A 172 8.71 6.00 -35.52
N LYS A 173 9.32 6.94 -34.81
CA LYS A 173 9.16 7.04 -33.37
C LYS A 173 9.17 8.47 -32.87
N GLU A 174 9.15 8.63 -31.55
CA GLU A 174 9.27 9.94 -30.94
C GLU A 174 10.69 10.47 -31.09
N VAL A 175 10.81 11.77 -31.33
CA VAL A 175 12.10 12.42 -31.37
C VAL A 175 12.25 13.45 -30.24
N LEU A 176 13.18 13.17 -29.33
CA LEU A 176 13.55 14.12 -28.30
C LEU A 176 14.49 15.19 -28.86
N VAL A 177 14.09 16.44 -28.65
CA VAL A 177 14.84 17.58 -29.13
C VAL A 177 15.11 18.58 -28.01
N LEU A 178 16.35 19.06 -27.96
CA LEU A 178 16.76 20.05 -26.97
C LEU A 178 17.14 21.36 -27.62
N TRP A 179 16.94 22.46 -26.91
CA TRP A 179 17.45 23.76 -27.34
C TRP A 179 17.71 24.62 -26.12
N GLY A 180 18.10 25.87 -26.33
CA GLY A 180 18.36 26.75 -25.22
C GLY A 180 18.18 28.22 -25.53
N ILE A 181 17.88 28.99 -24.49
CA ILE A 181 17.58 30.40 -24.64
C ILE A 181 18.54 31.23 -23.81
N HIS A 182 19.14 32.25 -24.42
CA HIS A 182 20.14 33.06 -23.74
C HIS A 182 19.59 34.40 -23.28
N HIS A 183 19.70 34.66 -21.99
CA HIS A 183 19.39 35.96 -21.43
C HIS A 183 20.68 36.62 -20.96
N PRO A 184 21.13 37.63 -21.72
CA PRO A 184 22.39 38.33 -21.45
C PRO A 184 22.34 39.19 -20.19
N SER A 185 23.50 39.53 -19.67
CA SER A 185 23.59 40.34 -18.47
C SER A 185 23.50 41.83 -18.81
N THR A 186 23.56 42.14 -20.10
CA THR A 186 23.48 43.52 -20.56
C THR A 186 22.75 43.64 -21.90
N SER A 187 22.03 44.74 -22.07
CA SER A 187 21.47 45.09 -23.37
C SER A 187 22.63 45.22 -24.35
N ALA A 188 23.75 45.68 -23.80
CA ALA A 188 24.99 45.74 -24.53
C ALA A 188 25.25 44.41 -25.22
N ASP A 189 25.47 43.37 -24.42
CA ASP A 189 25.74 42.04 -24.96
C ASP A 189 24.68 41.63 -25.97
N GLN A 190 23.42 41.85 -25.60
CA GLN A 190 22.30 41.53 -26.48
C GLN A 190 22.51 42.10 -27.87
N GLN A 191 23.01 43.33 -27.94
CA GLN A 191 23.26 43.99 -29.22
C GLN A 191 24.64 43.66 -29.78
N SER A 192 25.46 42.99 -28.97
CA SER A 192 26.77 42.52 -29.40
C SER A 192 26.67 41.15 -30.06
N LEU A 193 25.54 40.49 -29.84
CA LEU A 193 25.36 39.12 -30.31
C LEU A 193 24.23 39.02 -31.33
N TYR A 194 23.02 39.33 -30.88
CA TYR A 194 21.84 39.09 -31.68
C TYR A 194 21.39 40.33 -32.46
N GLN A 195 22.06 41.45 -32.21
CA GLN A 195 21.90 42.66 -33.02
C GLN A 195 20.54 43.36 -32.87
N ASN A 196 19.59 42.68 -32.25
CA ASN A 196 18.25 43.24 -32.13
C ASN A 196 17.81 43.43 -30.68
N ALA A 197 17.67 44.70 -30.27
CA ALA A 197 17.32 45.02 -28.89
C ALA A 197 16.07 44.25 -28.47
N ASP A 198 14.99 44.42 -29.22
CA ASP A 198 13.83 43.55 -29.07
C ASP A 198 14.04 42.35 -29.98
N ALA A 199 14.03 41.17 -29.38
CA ALA A 199 14.12 39.93 -30.14
C ALA A 199 13.12 38.94 -29.58
N TYR A 200 12.72 37.98 -30.41
CA TYR A 200 11.85 36.91 -29.94
C TYR A 200 12.41 35.54 -30.32
N VAL A 201 11.99 34.52 -29.59
CA VAL A 201 12.11 33.15 -30.07
C VAL A 201 10.76 32.49 -29.90
N PHE A 202 10.42 31.56 -30.77
CA PHE A 202 9.27 30.71 -30.47
C PHE A 202 9.34 29.38 -31.21
N VAL A 203 8.69 28.37 -30.64
CA VAL A 203 8.79 27.01 -31.13
C VAL A 203 7.43 26.35 -31.08
N CYS A 204 7.05 25.70 -32.18
CA CYS A 204 5.89 24.81 -32.11
C CYS A 204 6.01 23.48 -32.84
N SER A 205 5.68 22.42 -32.11
CA SER A 205 5.08 21.24 -32.68
C SER A 205 3.58 21.44 -32.48
N SER A 206 2.79 20.41 -32.76
CA SER A 206 1.39 20.41 -32.36
C SER A 206 1.35 20.29 -30.85
N ARG A 207 2.39 19.67 -30.30
CA ARG A 207 2.50 19.45 -28.87
C ARG A 207 2.92 20.73 -28.17
N TYR A 208 4.11 21.22 -28.51
CA TYR A 208 4.71 22.37 -27.85
C TYR A 208 4.48 23.66 -28.64
N SER A 209 4.03 24.69 -27.94
CA SER A 209 4.09 26.05 -28.48
C SER A 209 4.53 27.02 -27.40
N LYS A 210 5.65 27.72 -27.61
CA LYS A 210 6.01 28.80 -26.68
C LYS A 210 6.94 29.86 -27.27
N LYS A 211 6.90 31.05 -26.68
CA LYS A 211 7.68 32.19 -27.16
C LYS A 211 8.42 32.88 -25.99
N PHE A 212 9.71 33.14 -26.20
CA PHE A 212 10.54 33.78 -25.20
C PHE A 212 11.02 35.13 -25.66
N LYS A 213 10.81 36.14 -24.82
CA LYS A 213 11.61 37.35 -24.85
C LYS A 213 12.80 37.16 -23.92
N PRO A 214 13.99 37.60 -24.33
CA PRO A 214 15.11 37.55 -23.38
C PRO A 214 14.82 38.43 -22.17
N GLU A 215 14.98 37.87 -20.97
CA GLU A 215 14.82 38.66 -19.75
C GLU A 215 16.19 39.05 -19.22
N ILE A 216 16.50 40.33 -19.35
CA ILE A 216 17.87 40.81 -19.19
C ILE A 216 18.18 41.24 -17.78
N ALA A 217 19.31 40.76 -17.27
CA ALA A 217 19.78 41.12 -15.95
C ALA A 217 21.06 40.33 -15.69
N ALA A 218 21.84 40.77 -14.71
CA ALA A 218 22.93 39.95 -14.22
C ALA A 218 22.70 39.58 -12.77
N CYS A 219 22.33 38.32 -12.54
CA CYS A 219 22.40 37.74 -11.21
C CYS A 219 23.75 37.06 -11.05
N PRO A 220 24.19 36.84 -9.79
CA PRO A 220 25.60 36.60 -9.52
C PRO A 220 26.21 35.55 -10.43
N LYS A 221 27.47 35.76 -10.80
CA LYS A 221 28.16 34.87 -11.73
C LYS A 221 28.22 33.45 -11.21
N VAL A 222 27.83 32.49 -12.05
CA VAL A 222 28.10 31.08 -11.80
C VAL A 222 29.00 30.55 -12.91
N ARG A 223 30.20 30.12 -12.54
CA ARG A 223 31.26 29.90 -13.51
C ARG A 223 31.59 31.21 -14.24
N ASP A 224 31.57 32.31 -13.49
CA ASP A 224 31.96 33.63 -13.98
C ASP A 224 31.15 34.10 -15.18
N GLN A 225 29.90 33.65 -15.25
CA GLN A 225 28.93 34.19 -16.21
C GLN A 225 27.66 34.62 -15.49
N ALA A 226 27.38 35.93 -15.48
CA ALA A 226 26.17 36.44 -14.84
C ALA A 226 24.99 36.37 -15.80
N GLY A 227 25.28 36.10 -17.06
CA GLY A 227 24.25 35.80 -18.05
C GLY A 227 23.69 34.42 -17.80
N ARG A 228 22.58 34.08 -18.45
CA ARG A 228 21.95 32.79 -18.22
C ARG A 228 21.54 32.09 -19.50
N ILE A 229 21.53 30.76 -19.45
CA ILE A 229 20.91 29.96 -20.51
C ILE A 229 19.90 28.98 -19.91
N ASN A 230 18.72 28.94 -20.50
CA ASN A 230 17.70 28.00 -20.08
C ASN A 230 17.50 26.92 -21.12
N TYR A 231 17.65 25.67 -20.70
CA TYR A 231 17.62 24.55 -21.61
C TYR A 231 16.25 23.90 -21.62
N TYR A 232 15.73 23.65 -22.81
CA TYR A 232 14.40 23.10 -22.98
C TYR A 232 14.47 21.84 -23.84
N TRP A 233 13.42 21.04 -23.78
CA TRP A 233 13.33 19.83 -24.58
C TRP A 233 11.86 19.51 -24.86
N THR A 234 11.62 18.75 -25.92
CA THR A 234 10.29 18.24 -26.18
C THR A 234 10.34 16.97 -27.03
N LEU A 235 9.26 16.21 -26.98
CA LEU A 235 9.13 15.01 -27.80
C LEU A 235 8.18 15.27 -28.96
N VAL A 236 8.70 15.20 -30.19
CA VAL A 236 7.87 15.34 -31.36
C VAL A 236 7.45 13.97 -31.89
N GLU A 237 6.17 13.81 -32.17
CA GLU A 237 5.66 12.55 -32.68
C GLU A 237 6.24 12.30 -34.06
N PRO A 238 5.92 11.14 -34.66
CA PRO A 238 6.23 10.93 -36.08
C PRO A 238 5.22 11.69 -36.94
N GLY A 239 5.63 12.09 -38.14
CA GLY A 239 4.76 12.83 -39.03
C GLY A 239 4.21 14.10 -38.39
N ASP A 240 4.96 14.65 -37.44
CA ASP A 240 4.64 15.95 -36.88
C ASP A 240 5.77 16.94 -37.21
N LYS A 241 5.60 18.19 -36.82
CA LYS A 241 6.53 19.24 -37.24
C LYS A 241 6.96 20.14 -36.09
N ILE A 242 8.28 20.28 -35.93
CA ILE A 242 8.85 21.22 -34.97
C ILE A 242 9.37 22.45 -35.72
N THR A 243 9.02 23.62 -35.23
CA THR A 243 9.42 24.86 -35.90
C THR A 243 10.00 25.88 -34.93
N PHE A 244 11.19 26.37 -35.28
CA PHE A 244 11.87 27.41 -34.52
C PHE A 244 11.90 28.72 -35.28
N GLU A 245 11.62 29.82 -34.60
CA GLU A 245 11.74 31.16 -35.19
C GLU A 245 12.44 32.10 -34.22
N ALA A 246 13.57 32.64 -34.65
CA ALA A 246 14.38 33.49 -33.78
C ALA A 246 14.90 34.74 -34.48
N THR A 247 14.72 35.89 -33.84
CA THR A 247 15.43 37.11 -34.20
C THR A 247 16.66 37.28 -33.30
N GLY A 248 16.87 36.28 -32.45
CA GLY A 248 18.03 36.26 -31.56
C GLY A 248 17.82 35.35 -30.37
N ASN A 249 18.87 35.17 -29.58
CA ASN A 249 18.77 34.50 -28.29
C ASN A 249 18.34 33.03 -28.39
N LEU A 250 18.80 32.34 -29.44
CA LEU A 250 18.44 30.94 -29.58
C LEU A 250 19.64 30.03 -29.78
N VAL A 251 19.73 29.01 -28.93
CA VAL A 251 20.71 27.95 -29.12
C VAL A 251 20.01 26.76 -29.75
N VAL A 252 20.31 26.50 -31.02
CA VAL A 252 19.56 25.53 -31.79
C VAL A 252 20.07 24.11 -31.61
N PRO A 253 19.23 23.12 -31.93
CA PRO A 253 19.67 21.72 -31.90
C PRO A 253 20.67 21.44 -33.00
N ARG A 254 21.51 20.42 -32.80
CA ARG A 254 22.35 19.90 -33.86
C ARG A 254 22.09 18.42 -33.99
N TYR A 255 22.43 17.68 -32.94
CA TYR A 255 22.09 16.26 -32.87
C TYR A 255 20.89 16.06 -31.93
N ALA A 256 19.82 15.50 -32.48
CA ALA A 256 18.61 15.21 -31.71
C ALA A 256 18.40 13.71 -31.71
N PHE A 257 17.62 13.22 -30.76
CA PHE A 257 17.56 11.79 -30.52
C PHE A 257 16.23 11.15 -30.93
N ALA A 258 16.30 9.91 -31.41
CA ALA A 258 15.09 9.18 -31.76
C ALA A 258 14.93 7.96 -30.87
N MET A 259 13.81 7.88 -30.16
CA MET A 259 13.61 6.80 -29.20
C MET A 259 12.53 5.83 -29.61
N GLU A 260 12.88 4.55 -29.63
CA GLU A 260 11.94 3.49 -30.02
C GLU A 260 11.61 2.65 -28.79
N ARG A 261 10.74 1.65 -28.96
CA ARG A 261 10.17 1.00 -27.79
C ARG A 261 10.62 -0.44 -27.52
N ASN A 262 11.43 -0.57 -26.48
CA ASN A 262 11.43 -1.73 -25.60
C ASN A 262 11.25 -1.18 -24.19
N SER A 263 10.46 -1.87 -23.39
CA SER A 263 9.69 -1.24 -22.33
C SER A 263 10.41 -0.99 -20.99
N GLY A 264 11.72 -1.26 -20.95
CA GLY A 264 12.41 -1.26 -19.67
C GLY A 264 13.84 -0.75 -19.67
N SER A 265 14.30 -0.42 -18.47
CA SER A 265 15.50 0.39 -18.26
C SER A 265 15.53 0.84 -16.79
N GLY A 266 15.90 2.09 -16.55
CA GLY A 266 15.93 2.63 -15.20
C GLY A 266 17.21 3.41 -14.94
N ILE A 267 17.27 4.05 -13.77
CA ILE A 267 18.46 4.81 -13.39
C ILE A 267 19.01 4.41 -12.01
N ILE A 268 20.33 4.22 -11.94
CA ILE A 268 20.99 3.88 -10.69
C ILE A 268 22.01 4.94 -10.31
N ILE A 269 22.02 5.32 -9.04
CA ILE A 269 23.06 6.19 -8.51
C ILE A 269 23.97 5.36 -7.59
N SER A 270 25.18 5.08 -8.04
CA SER A 270 26.12 4.35 -7.21
C SER A 270 27.58 4.68 -7.56
N ASP A 271 28.45 4.63 -6.56
CA ASP A 271 29.87 4.84 -6.79
C ASP A 271 30.54 3.49 -6.99
N THR A 272 29.74 2.43 -6.98
CA THR A 272 30.23 1.08 -7.26
C THR A 272 30.69 1.01 -8.70
N SER A 273 31.92 0.55 -8.91
CA SER A 273 32.48 0.48 -10.25
C SER A 273 31.92 -0.69 -11.05
N VAL A 274 31.95 -0.57 -12.37
CA VAL A 274 31.46 -1.62 -13.26
C VAL A 274 32.52 -2.70 -13.48
N HIS A 275 32.15 -3.95 -13.23
CA HIS A 275 33.03 -5.07 -13.46
C HIS A 275 32.49 -5.92 -14.61
N ASP A 276 33.20 -7.00 -14.92
CA ASP A 276 32.74 -7.92 -15.96
C ASP A 276 31.96 -9.06 -15.31
N CYS A 277 30.64 -9.03 -15.51
CA CYS A 277 29.78 -10.05 -14.95
C CYS A 277 28.37 -9.92 -15.50
N ASN A 278 27.50 -10.83 -15.09
CA ASN A 278 26.12 -10.83 -15.57
C ASN A 278 25.22 -11.24 -14.42
N THR A 279 24.05 -10.63 -14.34
CA THR A 279 23.09 -10.98 -13.32
C THR A 279 21.67 -10.65 -13.76
N THR A 280 20.69 -11.33 -13.18
CA THR A 280 19.29 -11.03 -13.48
C THR A 280 18.73 -10.03 -12.49
N CYS A 281 19.51 -9.72 -11.45
CA CYS A 281 19.10 -8.73 -10.45
C CYS A 281 20.27 -7.86 -10.03
N GLN A 282 20.09 -6.55 -10.08
CA GLN A 282 21.17 -5.62 -9.76
C GLN A 282 20.72 -4.50 -8.83
N THR A 283 21.49 -4.27 -7.77
CA THR A 283 21.24 -3.16 -6.86
C THR A 283 22.47 -2.27 -6.79
N PRO A 284 22.29 -1.00 -6.41
CA PRO A 284 23.41 -0.06 -6.33
C PRO A 284 24.51 -0.53 -5.38
N LYS A 285 24.17 -1.45 -4.49
CA LYS A 285 25.14 -1.99 -3.54
C LYS A 285 26.02 -3.02 -4.23
N GLY A 286 25.41 -3.80 -5.11
CA GLY A 286 26.06 -4.91 -5.77
C GLY A 286 25.00 -5.74 -6.46
N ALA A 287 25.42 -6.83 -7.09
CA ALA A 287 24.48 -7.67 -7.82
C ALA A 287 23.96 -8.78 -6.91
N ILE A 288 23.04 -9.58 -7.44
CA ILE A 288 22.43 -10.65 -6.66
C ILE A 288 22.26 -11.91 -7.49
N ASN A 289 22.79 -13.02 -6.97
CA ASN A 289 22.43 -14.33 -7.47
C ASN A 289 21.71 -15.11 -6.39
N THR A 290 20.40 -15.26 -6.55
CA THR A 290 19.61 -16.07 -5.63
C THR A 290 18.30 -16.52 -6.27
N SER A 291 17.75 -17.61 -5.76
CA SER A 291 16.44 -18.09 -6.16
C SER A 291 15.41 -17.64 -5.13
N LEU A 292 15.88 -16.89 -4.13
CA LEU A 292 15.10 -16.67 -2.92
C LEU A 292 14.02 -15.60 -3.06
N PRO A 293 12.94 -15.72 -2.27
CA PRO A 293 11.80 -14.81 -2.27
C PRO A 293 12.10 -13.44 -1.68
N PHE A 294 13.10 -13.35 -0.81
CA PHE A 294 13.36 -12.11 -0.08
C PHE A 294 14.82 -11.67 -0.13
N GLN A 295 15.04 -10.36 0.01
CA GLN A 295 16.38 -9.81 0.14
C GLN A 295 16.40 -8.60 1.07
N ASN A 296 17.40 -8.52 1.93
CA ASN A 296 17.60 -7.37 2.81
C ASN A 296 18.63 -6.37 2.28
N ILE A 297 19.10 -6.61 1.06
CA ILE A 297 20.33 -5.97 0.57
C ILE A 297 20.16 -4.49 0.28
N HIS A 298 19.35 -4.18 -0.72
CA HIS A 298 19.06 -2.78 -1.05
C HIS A 298 17.61 -2.64 -1.51
N PRO A 299 16.96 -1.52 -1.15
CA PRO A 299 15.58 -1.28 -1.57
C PRO A 299 15.43 -1.07 -3.09
N VAL A 300 16.48 -0.60 -3.73
CA VAL A 300 16.45 -0.38 -5.18
C VAL A 300 17.02 -1.55 -5.94
N THR A 301 16.20 -2.16 -6.79
CA THR A 301 16.62 -3.31 -7.58
C THR A 301 16.28 -3.11 -9.05
N ILE A 302 16.94 -3.86 -9.91
CA ILE A 302 16.57 -3.94 -11.31
C ILE A 302 16.65 -5.37 -11.80
N GLY A 303 15.78 -5.71 -12.76
CA GLY A 303 15.71 -7.06 -13.29
C GLY A 303 14.67 -7.89 -12.57
N GLU A 304 14.85 -9.20 -12.57
CA GLU A 304 13.94 -10.08 -11.84
C GLU A 304 14.52 -10.28 -10.46
N CYS A 305 13.84 -9.73 -9.46
CA CYS A 305 14.44 -9.58 -8.14
C CYS A 305 13.52 -10.04 -7.01
N PRO A 306 14.14 -10.52 -5.92
CA PRO A 306 13.44 -10.83 -4.66
C PRO A 306 12.86 -9.57 -4.06
N LYS A 307 11.89 -9.71 -3.17
CA LYS A 307 11.28 -8.56 -2.49
C LYS A 307 12.18 -8.05 -1.37
N TYR A 308 12.20 -6.73 -1.20
CA TYR A 308 13.03 -6.12 -0.16
C TYR A 308 12.31 -6.09 1.19
N VAL A 309 13.05 -6.39 2.25
CA VAL A 309 12.49 -6.45 3.59
C VAL A 309 13.47 -5.89 4.62
N LYS A 310 12.93 -5.48 5.77
CA LYS A 310 13.75 -4.94 6.86
C LYS A 310 14.26 -6.07 7.75
N SER A 311 13.96 -7.30 7.35
CA SER A 311 14.24 -8.47 8.17
C SER A 311 15.72 -8.79 8.33
N THR A 312 16.10 -9.14 9.55
CA THR A 312 17.43 -9.68 9.85
C THR A 312 17.49 -11.12 9.38
N LYS A 313 16.43 -11.88 9.65
CA LYS A 313 16.34 -13.25 9.18
C LYS A 313 14.90 -13.65 8.93
N LEU A 314 14.69 -14.44 7.88
CA LEU A 314 13.44 -15.13 7.66
C LEU A 314 13.75 -16.60 7.40
N ARG A 315 13.36 -17.46 8.32
CA ARG A 315 13.72 -18.87 8.24
C ARG A 315 12.50 -19.76 8.41
N MET A 316 12.24 -20.59 7.41
CA MET A 316 11.08 -21.46 7.41
C MET A 316 11.45 -22.87 7.85
N ALA A 317 10.80 -23.33 8.91
CA ALA A 317 11.04 -24.66 9.42
C ALA A 317 10.42 -25.71 8.49
N THR A 318 11.20 -26.72 8.15
CA THR A 318 10.73 -27.80 7.30
C THR A 318 10.56 -29.07 8.13
N GLY A 319 11.66 -29.54 8.71
CA GLY A 319 11.62 -30.66 9.63
C GLY A 319 11.02 -30.32 10.98
N LEU A 320 11.16 -31.23 11.93
CA LEU A 320 10.49 -31.10 13.22
C LEU A 320 11.43 -30.68 14.33
N ARG A 321 10.91 -30.56 15.54
CA ARG A 321 11.71 -30.19 16.70
C ARG A 321 12.84 -31.19 16.89
N ASN A 322 14.00 -30.69 17.30
CA ASN A 322 15.20 -31.52 17.42
C ASN A 322 15.48 -31.90 18.86
N VAL A 323 15.29 -33.18 19.19
CA VAL A 323 15.43 -33.63 20.57
C VAL A 323 16.26 -34.91 20.70
N PRO A 324 17.59 -34.75 20.78
CA PRO A 324 18.49 -35.89 20.99
C PRO A 324 18.77 -36.10 22.47
N GLY B 1 3.80 -30.94 22.82
CA GLY B 1 3.27 -30.29 21.65
C GLY B 1 1.77 -30.05 21.73
N LEU B 2 1.15 -29.81 20.59
CA LEU B 2 -0.30 -29.67 20.51
C LEU B 2 -0.97 -31.04 20.53
N PHE B 3 -0.36 -32.00 19.84
CA PHE B 3 -0.86 -33.37 19.80
C PHE B 3 -0.13 -34.26 20.80
N GLY B 4 0.78 -33.68 21.55
CA GLY B 4 1.36 -34.34 22.72
C GLY B 4 2.19 -35.57 22.45
N ALA B 5 2.65 -35.74 21.22
CA ALA B 5 3.53 -36.85 20.88
C ALA B 5 4.98 -36.45 20.99
N ILE B 6 5.39 -35.54 20.09
CA ILE B 6 6.75 -35.03 20.08
C ILE B 6 6.97 -34.12 21.28
N ALA B 7 8.04 -34.38 22.02
CA ALA B 7 8.27 -33.74 23.30
C ALA B 7 7.08 -34.04 24.19
N GLY B 8 6.35 -35.09 23.83
CA GLY B 8 5.15 -35.53 24.51
C GLY B 8 5.44 -36.74 25.37
N PHE B 9 4.45 -37.62 25.47
CA PHE B 9 4.64 -38.92 26.10
C PHE B 9 5.81 -39.66 25.45
N ILE B 10 6.09 -39.32 24.20
CA ILE B 10 7.34 -39.73 23.56
C ILE B 10 8.35 -38.62 23.82
N GLU B 11 9.35 -38.91 24.66
CA GLU B 11 10.20 -37.88 25.22
C GLU B 11 11.13 -37.21 24.21
N GLY B 12 11.70 -37.99 23.30
CA GLY B 12 12.70 -37.46 22.41
C GLY B 12 12.80 -38.19 21.08
N GLY B 13 13.69 -37.73 20.24
CA GLY B 13 13.89 -38.32 18.92
C GLY B 13 15.06 -39.27 18.91
N TRP B 14 15.25 -39.95 17.79
CA TRP B 14 16.31 -40.93 17.68
C TRP B 14 17.37 -40.51 16.67
N THR B 15 18.55 -40.17 17.18
CA THR B 15 19.67 -39.83 16.31
C THR B 15 19.99 -41.03 15.44
N GLY B 16 19.54 -42.19 15.89
CA GLY B 16 19.90 -43.45 15.25
C GLY B 16 19.05 -43.83 14.07
N MET B 17 17.95 -43.11 13.85
CA MET B 17 17.17 -43.33 12.64
C MET B 17 17.45 -42.21 11.62
N ILE B 18 18.22 -42.55 10.60
CA ILE B 18 18.64 -41.56 9.62
C ILE B 18 17.77 -41.52 8.36
N ASP B 19 16.90 -42.51 8.21
CA ASP B 19 16.25 -42.75 6.93
C ASP B 19 14.95 -41.99 6.71
N GLY B 20 14.44 -41.36 7.77
CA GLY B 20 13.20 -40.61 7.67
C GLY B 20 12.90 -39.77 8.90
N TRP B 21 11.77 -39.07 8.86
CA TRP B 21 11.32 -38.27 9.99
C TRP B 21 10.67 -39.11 11.09
N TYR B 22 9.76 -40.00 10.69
CA TYR B 22 9.02 -40.83 11.63
C TYR B 22 9.40 -42.29 11.43
N GLY B 23 9.28 -43.10 12.47
CA GLY B 23 9.59 -44.52 12.36
C GLY B 23 9.46 -45.34 13.62
N TYR B 24 10.04 -46.53 13.59
CA TYR B 24 9.96 -47.50 14.68
C TYR B 24 11.35 -47.93 15.11
N HIS B 25 11.45 -48.39 16.36
CA HIS B 25 12.60 -49.15 16.84
C HIS B 25 12.10 -50.34 17.63
N HIS B 26 12.67 -51.51 17.34
CA HIS B 26 12.09 -52.76 17.84
C HIS B 26 13.13 -53.67 18.48
N GLN B 27 12.70 -54.45 19.46
CA GLN B 27 13.49 -55.53 20.00
C GLN B 27 12.83 -56.86 19.65
N ASN B 28 13.62 -57.79 19.12
CA ASN B 28 13.08 -59.05 18.66
C ASN B 28 13.98 -60.22 19.00
N GLU B 29 13.54 -61.42 18.67
CA GLU B 29 14.36 -62.60 18.86
C GLU B 29 15.38 -62.68 17.74
N GLN B 30 15.09 -61.97 16.65
CA GLN B 30 16.00 -61.87 15.53
C GLN B 30 16.87 -60.61 15.65
N GLY B 31 16.66 -59.84 16.72
CA GLY B 31 17.45 -58.66 16.97
C GLY B 31 16.73 -57.34 16.76
N SER B 32 17.47 -56.24 16.91
CA SER B 32 16.89 -54.90 17.02
C SER B 32 17.39 -53.90 15.97
N GLY B 33 16.65 -52.80 15.81
CA GLY B 33 17.10 -51.69 14.99
C GLY B 33 16.07 -50.60 14.75
N TYR B 34 16.53 -49.43 14.29
CA TYR B 34 15.64 -48.35 13.88
C TYR B 34 15.30 -48.50 12.40
N ALA B 35 14.04 -48.30 12.05
CA ALA B 35 13.66 -48.18 10.64
C ALA B 35 12.48 -47.24 10.49
N ALA B 36 12.51 -46.40 9.47
CA ALA B 36 11.52 -45.35 9.30
C ALA B 36 10.36 -45.81 8.43
N ASP B 37 9.16 -45.34 8.77
CA ASP B 37 7.99 -45.66 7.97
C ASP B 37 7.92 -44.60 6.88
N LEU B 38 8.14 -45.04 5.64
CA LEU B 38 8.46 -44.12 4.56
C LEU B 38 7.24 -43.49 3.90
N LYS B 39 6.06 -44.05 4.20
CA LYS B 39 4.80 -43.55 3.66
C LYS B 39 4.36 -42.27 4.37
N SER B 40 4.39 -42.30 5.70
CA SER B 40 4.02 -41.14 6.50
C SER B 40 5.09 -40.06 6.36
N THR B 41 6.35 -40.48 6.39
CA THR B 41 7.45 -39.57 6.13
C THR B 41 7.26 -38.91 4.77
N GLN B 42 7.00 -39.74 3.75
CA GLN B 42 6.89 -39.23 2.39
C GLN B 42 5.74 -38.24 2.26
N ASN B 43 4.59 -38.57 2.84
CA ASN B 43 3.47 -37.63 2.85
C ASN B 43 3.87 -36.32 3.53
N ALA B 44 4.58 -36.43 4.65
CA ALA B 44 5.07 -35.26 5.35
C ALA B 44 5.88 -34.39 4.39
N ILE B 45 6.77 -35.02 3.62
CA ILE B 45 7.63 -34.27 2.71
C ILE B 45 6.83 -33.63 1.57
N ASP B 46 5.83 -34.34 1.07
CA ASP B 46 4.91 -33.79 0.08
C ASP B 46 4.33 -32.48 0.63
N GLY B 47 3.78 -32.57 1.83
CA GLY B 47 3.14 -31.44 2.46
C GLY B 47 4.07 -30.26 2.66
N ILE B 48 5.19 -30.49 3.35
CA ILE B 48 6.15 -29.44 3.63
C ILE B 48 6.63 -28.79 2.34
N THR B 49 6.93 -29.62 1.36
CA THR B 49 7.38 -29.12 0.06
C THR B 49 6.34 -28.18 -0.55
N ASN B 50 5.09 -28.62 -0.57
CA ASN B 50 4.02 -27.78 -1.11
C ASN B 50 3.82 -26.51 -0.30
N LYS B 51 4.16 -26.57 0.98
CA LYS B 51 4.04 -25.41 1.86
C LYS B 51 5.09 -24.37 1.52
N VAL B 52 6.33 -24.80 1.39
CA VAL B 52 7.42 -23.89 1.02
C VAL B 52 7.21 -23.32 -0.38
N ASN B 53 6.96 -24.21 -1.34
CA ASN B 53 6.68 -23.79 -2.70
C ASN B 53 5.54 -22.78 -2.77
N SER B 54 4.47 -23.07 -2.04
CA SER B 54 3.34 -22.15 -1.95
C SER B 54 3.80 -20.81 -1.39
N VAL B 55 4.56 -20.86 -0.30
CA VAL B 55 5.09 -19.65 0.31
C VAL B 55 5.79 -18.79 -0.72
N ILE B 56 6.73 -19.38 -1.44
CA ILE B 56 7.51 -18.65 -2.44
C ILE B 56 6.64 -18.11 -3.58
N GLU B 57 5.71 -18.94 -4.06
CA GLU B 57 4.81 -18.53 -5.13
C GLU B 57 3.93 -17.35 -4.73
N LYS B 58 3.56 -17.31 -3.46
CA LYS B 58 2.57 -16.35 -2.97
C LYS B 58 3.09 -14.91 -3.00
N MET B 59 4.40 -14.75 -3.20
CA MET B 59 4.97 -13.44 -3.48
C MET B 59 5.71 -13.42 -4.82
N ASN B 60 5.15 -12.70 -5.78
CA ASN B 60 5.83 -12.43 -7.05
C ASN B 60 5.42 -11.05 -7.53
N THR B 61 6.35 -10.35 -8.17
CA THR B 61 6.34 -8.90 -8.18
C THR B 61 6.09 -8.26 -9.53
N GLN B 62 5.68 -6.99 -9.51
CA GLN B 62 5.37 -6.25 -10.74
C GLN B 62 6.31 -5.06 -10.93
N PHE B 63 6.36 -4.57 -12.17
CA PHE B 63 7.52 -3.86 -12.72
C PHE B 63 7.59 -2.36 -12.40
N ILE B 64 8.70 -1.94 -11.80
CA ILE B 64 8.96 -0.52 -11.55
C ILE B 64 10.46 -0.21 -11.58
N ALA B 65 10.80 0.97 -12.09
CA ALA B 65 12.14 1.52 -11.90
C ALA B 65 12.05 2.39 -10.65
N VAL B 66 12.69 1.92 -9.57
CA VAL B 66 12.51 2.57 -8.27
C VAL B 66 13.20 3.94 -8.26
N GLY B 67 14.02 4.18 -9.28
CA GLY B 67 14.58 5.50 -9.49
C GLY B 67 13.53 6.54 -9.89
N LYS B 68 13.45 7.61 -9.12
CA LYS B 68 12.59 8.74 -9.44
C LYS B 68 13.25 10.00 -8.89
N GLU B 69 13.12 11.11 -9.61
CA GLU B 69 13.83 12.33 -9.23
C GLU B 69 12.90 13.54 -9.08
N PHE B 70 13.05 14.27 -7.98
CA PHE B 70 12.28 15.49 -7.75
C PHE B 70 13.22 16.65 -7.42
N ASN B 71 12.83 17.86 -7.80
CA ASN B 71 13.61 19.03 -7.42
C ASN B 71 13.11 19.69 -6.13
N HIS B 72 13.66 20.86 -5.81
CA HIS B 72 13.44 21.47 -4.49
C HIS B 72 12.07 22.11 -4.33
N LEU B 73 11.36 22.29 -5.43
CA LEU B 73 9.97 22.72 -5.38
C LEU B 73 9.02 21.54 -5.47
N GLU B 74 9.60 20.34 -5.60
CA GLU B 74 8.85 19.10 -5.68
C GLU B 74 8.79 18.35 -4.34
N LYS B 75 9.35 18.95 -3.29
CA LYS B 75 9.56 18.24 -2.01
C LYS B 75 8.36 17.45 -1.50
N ARG B 76 7.16 18.01 -1.63
CA ARG B 76 5.95 17.36 -1.12
C ARG B 76 5.75 15.97 -1.72
N ILE B 77 5.71 15.92 -3.05
CA ILE B 77 5.49 14.67 -3.76
C ILE B 77 6.67 13.73 -3.57
N GLU B 78 7.83 14.29 -3.23
CA GLU B 78 9.00 13.50 -2.88
C GLU B 78 8.75 12.74 -1.59
N ASN B 79 8.31 13.46 -0.56
CA ASN B 79 7.96 12.83 0.71
C ASN B 79 6.77 11.89 0.60
N LEU B 80 5.92 12.13 -0.40
CA LEU B 80 4.81 11.22 -0.66
C LEU B 80 5.31 9.92 -1.28
N ASN B 81 6.20 10.03 -2.25
CA ASN B 81 6.85 8.87 -2.83
C ASN B 81 7.49 8.06 -1.71
N LYS B 82 8.27 8.74 -0.89
CA LYS B 82 8.94 8.12 0.24
C LYS B 82 7.94 7.39 1.13
N LYS B 83 6.83 8.08 1.44
CA LYS B 83 5.78 7.50 2.27
C LYS B 83 5.25 6.20 1.67
N VAL B 84 5.04 6.22 0.36
CA VAL B 84 4.64 5.02 -0.37
C VAL B 84 5.64 3.89 -0.17
N ASP B 85 6.86 4.09 -0.68
CA ASP B 85 7.88 3.06 -0.62
C ASP B 85 8.02 2.47 0.77
N ASP B 86 8.08 3.34 1.78
CA ASP B 86 8.26 2.89 3.16
C ASP B 86 7.05 2.13 3.69
N GLY B 87 5.86 2.68 3.50
CA GLY B 87 4.64 2.01 3.91
C GLY B 87 4.54 0.61 3.34
N PHE B 88 4.76 0.49 2.03
CA PHE B 88 4.77 -0.81 1.37
C PHE B 88 5.82 -1.72 1.99
N LEU B 89 7.01 -1.18 2.24
CA LEU B 89 8.08 -1.93 2.86
C LEU B 89 7.64 -2.55 4.18
N ASP B 90 7.07 -1.72 5.06
CA ASP B 90 6.56 -2.20 6.34
C ASP B 90 5.51 -3.28 6.15
N ILE B 91 4.55 -3.02 5.28
CA ILE B 91 3.50 -4.00 5.02
C ILE B 91 4.08 -5.36 4.66
N TRP B 92 4.99 -5.36 3.69
CA TRP B 92 5.56 -6.62 3.21
C TRP B 92 6.41 -7.33 4.25
N THR B 93 7.29 -6.59 4.92
CA THR B 93 8.07 -7.18 6.00
C THR B 93 7.13 -7.86 6.99
N TYR B 94 6.11 -7.14 7.43
CA TYR B 94 5.13 -7.69 8.35
C TYR B 94 4.53 -9.00 7.83
N ASN B 95 4.02 -8.95 6.60
CA ASN B 95 3.45 -10.14 5.96
C ASN B 95 4.40 -11.33 6.00
N ALA B 96 5.64 -11.08 5.61
CA ALA B 96 6.68 -12.10 5.62
C ALA B 96 6.83 -12.72 7.00
N GLU B 97 7.27 -11.91 7.97
CA GLU B 97 7.56 -12.42 9.30
C GLU B 97 6.38 -13.17 9.91
N LEU B 98 5.19 -12.59 9.75
CA LEU B 98 3.96 -13.22 10.24
C LEU B 98 3.73 -14.58 9.60
N LEU B 99 3.75 -14.62 8.27
CA LEU B 99 3.60 -15.86 7.54
C LEU B 99 4.58 -16.90 8.07
N ILE B 100 5.84 -16.50 8.24
CA ILE B 100 6.88 -17.39 8.72
C ILE B 100 6.54 -17.98 10.08
N LEU B 101 6.29 -17.11 11.06
CA LEU B 101 5.94 -17.58 12.39
C LEU B 101 4.77 -18.57 12.35
N LEU B 102 3.67 -18.14 11.74
CA LEU B 102 2.44 -18.92 11.73
C LEU B 102 2.62 -20.28 11.08
N GLU B 103 3.37 -20.31 9.98
CA GLU B 103 3.59 -21.57 9.27
C GLU B 103 4.65 -22.47 9.92
N ASN B 104 5.53 -21.87 10.72
CA ASN B 104 6.42 -22.65 11.57
C ASN B 104 5.61 -23.37 12.64
N GLU B 105 4.74 -22.62 13.31
CA GLU B 105 3.88 -23.21 14.30
C GLU B 105 3.03 -24.32 13.68
N ARG B 106 2.36 -24.01 12.58
CA ARG B 106 1.53 -24.98 11.88
C ARG B 106 2.33 -26.22 11.49
N THR B 107 3.58 -26.00 11.11
CA THR B 107 4.44 -27.10 10.68
C THR B 107 4.80 -28.03 11.82
N LEU B 108 5.23 -27.46 12.95
CA LEU B 108 5.55 -28.28 14.12
C LEU B 108 4.33 -29.06 14.59
N ASP B 109 3.20 -28.36 14.68
CA ASP B 109 1.93 -29.01 14.99
C ASP B 109 1.69 -30.16 14.02
N TYR B 110 2.06 -29.94 12.76
CA TYR B 110 1.87 -30.94 11.71
C TYR B 110 2.68 -32.20 11.99
N HIS B 111 3.97 -32.04 12.25
CA HIS B 111 4.81 -33.19 12.57
C HIS B 111 4.26 -33.95 13.76
N ASP B 112 3.92 -33.19 14.80
CA ASP B 112 3.36 -33.80 16.01
C ASP B 112 2.12 -34.64 15.69
N SER B 113 1.15 -34.01 15.04
CA SER B 113 -0.07 -34.69 14.63
C SER B 113 0.24 -35.96 13.87
N ASN B 114 1.24 -35.91 12.99
CA ASN B 114 1.59 -37.07 12.20
C ASN B 114 2.12 -38.22 13.05
N VAL B 115 3.05 -37.91 13.94
CA VAL B 115 3.57 -38.93 14.84
C VAL B 115 2.46 -39.55 15.67
N LYS B 116 1.66 -38.70 16.32
CA LYS B 116 0.53 -39.19 17.12
C LYS B 116 -0.38 -40.09 16.29
N ASN B 117 -0.71 -39.64 15.10
CA ASN B 117 -1.49 -40.44 14.16
C ASN B 117 -0.89 -41.84 13.99
N LEU B 118 0.42 -41.89 13.77
CA LEU B 118 1.10 -43.15 13.60
C LEU B 118 0.92 -44.04 14.83
N TYR B 119 1.26 -43.50 16.00
CA TYR B 119 1.17 -44.25 17.25
C TYR B 119 -0.24 -44.80 17.48
N GLU B 120 -1.26 -43.99 17.18
CA GLU B 120 -2.63 -44.46 17.33
C GLU B 120 -2.95 -45.55 16.31
N LYS B 121 -2.40 -45.43 15.12
CA LYS B 121 -2.56 -46.45 14.10
C LYS B 121 -2.06 -47.79 14.61
N VAL B 122 -0.83 -47.80 15.10
CA VAL B 122 -0.24 -49.03 15.61
C VAL B 122 -0.96 -49.56 16.85
N ARG B 123 -1.21 -48.69 17.83
CA ARG B 123 -1.94 -49.09 19.04
C ARG B 123 -3.26 -49.76 18.68
N SER B 124 -4.06 -49.04 17.89
CA SER B 124 -5.33 -49.56 17.42
C SER B 124 -5.13 -50.90 16.74
N GLN B 125 -4.03 -51.03 16.01
CA GLN B 125 -3.73 -52.29 15.34
C GLN B 125 -3.53 -53.45 16.32
N LEU B 126 -2.71 -53.23 17.34
CA LEU B 126 -2.32 -54.28 18.28
C LEU B 126 -3.44 -54.65 19.24
N LYS B 127 -4.23 -53.67 19.67
CA LYS B 127 -5.25 -53.91 20.69
C LYS B 127 -4.64 -54.44 21.99
N ASN B 128 -5.17 -55.56 22.49
CA ASN B 128 -4.69 -56.11 23.76
C ASN B 128 -3.52 -57.07 23.62
N ASN B 129 -3.17 -57.43 22.39
CA ASN B 129 -2.06 -58.35 22.15
C ASN B 129 -0.73 -57.83 22.68
N ALA B 130 -0.66 -56.52 22.88
CA ALA B 130 0.53 -55.90 23.47
C ALA B 130 0.14 -54.86 24.51
N ARG B 131 1.07 -54.54 25.39
CA ARG B 131 0.83 -53.56 26.45
C ARG B 131 1.50 -52.23 26.11
N GLU B 132 0.86 -51.13 26.49
CA GLU B 132 1.40 -49.81 26.21
C GLU B 132 2.24 -49.32 27.38
N ILE B 133 3.55 -49.22 27.16
CA ILE B 133 4.45 -48.73 28.20
C ILE B 133 4.42 -47.21 28.31
N GLY B 134 4.39 -46.53 27.18
CA GLY B 134 4.73 -45.12 27.12
C GLY B 134 6.09 -44.92 26.45
N ASN B 135 6.41 -43.67 26.14
CA ASN B 135 7.50 -43.38 25.23
C ASN B 135 7.19 -43.99 23.87
N GLY B 136 5.89 -44.15 23.60
CA GLY B 136 5.44 -44.69 22.33
C GLY B 136 5.89 -46.11 22.10
N CYS B 137 6.06 -46.87 23.17
CA CYS B 137 6.53 -48.26 23.05
C CYS B 137 5.45 -49.26 23.42
N PHE B 138 5.52 -50.44 22.79
CA PHE B 138 4.65 -51.54 23.13
C PHE B 138 5.48 -52.75 23.53
N GLU B 139 5.02 -53.47 24.54
CA GLU B 139 5.64 -54.75 24.87
C GLU B 139 4.68 -55.87 24.52
N PHE B 140 5.11 -56.76 23.63
CA PHE B 140 4.22 -57.78 23.08
C PHE B 140 3.95 -58.91 24.07
N TYR B 141 2.69 -59.32 24.14
CA TYR B 141 2.27 -60.40 25.02
C TYR B 141 2.56 -61.75 24.37
N HIS B 142 3.10 -61.69 23.16
CA HIS B 142 3.49 -62.89 22.43
C HIS B 142 4.83 -62.66 21.74
N LYS B 143 5.24 -63.60 20.91
CA LYS B 143 6.47 -63.44 20.14
C LYS B 143 6.18 -62.80 18.80
N CYS B 144 6.69 -61.59 18.61
CA CYS B 144 6.57 -60.91 17.33
C CYS B 144 7.92 -60.93 16.63
N ASP B 145 8.01 -61.74 15.58
CA ASP B 145 9.25 -61.89 14.84
C ASP B 145 9.36 -60.79 13.78
N ASP B 146 10.41 -60.85 12.99
CA ASP B 146 10.58 -59.90 11.90
C ASP B 146 9.30 -59.77 11.08
N LYS B 147 8.88 -60.87 10.46
CA LYS B 147 7.66 -60.87 9.65
C LYS B 147 6.49 -60.23 10.39
N CYS B 148 6.37 -60.53 11.68
CA CYS B 148 5.29 -59.98 12.50
C CYS B 148 5.39 -58.45 12.60
N MET B 149 6.57 -57.98 13.00
CA MET B 149 6.80 -56.54 13.13
C MET B 149 6.49 -55.83 11.83
N GLU B 150 7.11 -56.28 10.75
CA GLU B 150 6.92 -55.68 9.45
C GLU B 150 5.47 -55.80 8.99
N SER B 151 4.74 -56.76 9.57
CA SER B 151 3.32 -56.89 9.30
C SER B 151 2.57 -55.78 10.02
N VAL B 152 3.03 -55.42 11.20
CA VAL B 152 2.49 -54.28 11.92
C VAL B 152 2.74 -53.00 11.12
N LYS B 153 3.94 -52.90 10.56
CA LYS B 153 4.36 -51.67 9.88
C LYS B 153 3.59 -51.40 8.59
N ASN B 154 3.24 -52.47 7.87
CA ASN B 154 2.40 -52.31 6.68
C ASN B 154 0.91 -52.46 7.00
N GLY B 155 0.60 -52.62 8.28
CA GLY B 155 -0.76 -52.58 8.76
C GLY B 155 -1.55 -53.86 8.54
N THR B 156 -0.84 -54.94 8.22
CA THR B 156 -1.46 -56.22 7.92
C THR B 156 -1.52 -57.12 9.16
N TYR B 157 -1.13 -56.55 10.30
CA TYR B 157 -0.98 -57.33 11.52
C TYR B 157 -2.20 -58.19 11.81
N ASP B 158 -1.96 -59.43 12.22
CA ASP B 158 -3.02 -60.40 12.45
C ASP B 158 -3.27 -60.60 13.94
N TYR B 159 -4.39 -60.08 14.44
CA TYR B 159 -4.78 -60.27 15.83
C TYR B 159 -5.18 -61.71 16.16
N PRO B 160 -6.05 -62.29 15.32
CA PRO B 160 -6.55 -63.65 15.56
C PRO B 160 -5.43 -64.65 15.82
N LYS B 161 -4.35 -64.56 15.04
CA LYS B 161 -3.25 -65.50 15.15
C LYS B 161 -2.66 -65.52 16.55
N TYR B 162 -2.35 -64.34 17.07
CA TYR B 162 -1.64 -64.22 18.34
C TYR B 162 -2.58 -64.05 19.54
N SER B 163 -3.88 -64.14 19.27
CA SER B 163 -4.89 -63.93 20.32
C SER B 163 -4.62 -64.75 21.58
N GLU B 164 -4.47 -66.07 21.39
CA GLU B 164 -4.29 -66.97 22.52
C GLU B 164 -2.90 -66.86 23.14
N GLU B 165 -1.89 -66.86 22.28
CA GLU B 165 -0.50 -66.76 22.74
C GLU B 165 -0.34 -65.52 23.61
N ALA B 166 -1.07 -64.47 23.27
CA ALA B 166 -1.12 -63.26 24.09
C ALA B 166 -1.90 -63.49 25.37
N LYS B 167 -3.10 -64.05 25.22
CA LYS B 167 -3.99 -64.28 26.37
C LYS B 167 -3.27 -64.99 27.51
N LEU B 168 -2.65 -66.12 27.21
CA LEU B 168 -1.96 -66.92 28.21
C LEU B 168 -0.94 -66.11 29.01
N ASN B 169 -0.19 -65.26 28.31
CA ASN B 169 0.84 -64.46 28.97
C ASN B 169 0.28 -63.28 29.72
N ARG B 170 -0.85 -62.76 29.27
CA ARG B 170 -1.54 -61.68 29.96
C ARG B 170 -2.07 -62.20 31.30
N GLU B 171 -2.29 -63.51 31.36
CA GLU B 171 -2.69 -64.20 32.58
C GLU B 171 -3.72 -63.38 33.37
N PRO C 1 -17.95 -44.68 47.05
CA PRO C 1 -16.69 -44.60 47.81
C PRO C 1 -15.49 -44.93 46.92
N GLY C 2 -15.55 -44.48 45.67
CA GLY C 2 -14.61 -44.92 44.66
C GLY C 2 -13.35 -44.12 44.49
N ASP C 3 -13.05 -43.20 45.42
CA ASP C 3 -11.77 -42.50 45.42
C ASP C 3 -11.42 -41.84 44.09
N THR C 4 -12.12 -40.74 43.79
CA THR C 4 -11.96 -40.08 42.50
C THR C 4 -10.74 -39.17 42.37
N LEU C 5 -10.20 -39.11 41.16
CA LEU C 5 -9.30 -38.04 40.75
C LEU C 5 -9.81 -37.45 39.44
N CYS C 6 -9.98 -36.13 39.41
CA CYS C 6 -10.55 -35.45 38.26
C CYS C 6 -9.60 -34.41 37.68
N ILE C 7 -9.76 -34.17 36.38
CA ILE C 7 -8.97 -33.18 35.66
C ILE C 7 -9.89 -32.11 35.08
N GLY C 8 -9.54 -30.85 35.27
CA GLY C 8 -10.38 -29.75 34.84
C GLY C 8 -9.63 -28.47 34.60
N TYR C 9 -10.36 -27.41 34.24
CA TYR C 9 -9.76 -26.13 33.90
C TYR C 9 -10.42 -24.97 34.62
N HIS C 10 -9.79 -23.81 34.55
CA HIS C 10 -10.19 -22.63 35.31
C HIS C 10 -11.46 -21.98 34.78
N ALA C 11 -12.16 -21.27 35.66
CA ALA C 11 -13.25 -20.39 35.28
C ALA C 11 -13.37 -19.28 36.31
N ASN C 12 -13.91 -18.13 35.90
CA ASN C 12 -14.04 -17.01 36.82
C ASN C 12 -15.17 -16.04 36.46
N ASN C 13 -15.28 -14.97 37.24
CA ASN C 13 -16.34 -13.98 37.06
C ASN C 13 -16.19 -13.14 35.79
N SER C 14 -15.03 -13.28 35.16
CA SER C 14 -14.65 -12.43 34.04
C SER C 14 -15.66 -12.44 32.91
N THR C 15 -16.08 -11.24 32.50
CA THR C 15 -17.03 -11.08 31.39
C THR C 15 -16.37 -10.74 30.07
N ASP C 16 -15.04 -10.72 30.04
CA ASP C 16 -14.31 -10.31 28.83
C ASP C 16 -14.79 -11.09 27.62
N THR C 17 -15.07 -10.37 26.54
CA THR C 17 -15.65 -10.98 25.35
C THR C 17 -14.72 -10.80 24.16
N VAL C 18 -14.45 -11.89 23.45
CA VAL C 18 -13.55 -11.84 22.30
C VAL C 18 -14.13 -12.63 21.12
N ASP C 19 -13.73 -12.25 19.91
CA ASP C 19 -14.26 -12.87 18.71
C ASP C 19 -13.26 -13.82 18.08
N THR C 20 -13.70 -15.05 17.83
CA THR C 20 -12.94 -16.00 17.05
C THR C 20 -13.52 -16.03 15.64
N VAL C 21 -12.93 -16.84 14.77
CA VAL C 21 -13.42 -16.93 13.40
C VAL C 21 -14.81 -17.52 13.32
N LEU C 22 -14.99 -18.71 13.89
CA LEU C 22 -16.22 -19.48 13.72
C LEU C 22 -17.26 -19.22 14.80
N GLU C 23 -16.86 -18.46 15.82
CA GLU C 23 -17.79 -18.04 16.85
C GLU C 23 -17.44 -16.67 17.38
N LYS C 24 -18.46 -15.87 17.67
CA LYS C 24 -18.24 -14.52 18.16
C LYS C 24 -18.71 -14.37 19.60
N ASN C 25 -18.49 -13.19 20.16
CA ASN C 25 -18.86 -12.93 21.55
C ASN C 25 -18.59 -14.10 22.48
N VAL C 26 -17.32 -14.45 22.62
CA VAL C 26 -16.92 -15.51 23.53
C VAL C 26 -16.40 -14.95 24.85
N THR C 27 -16.96 -15.43 25.95
CA THR C 27 -16.47 -15.09 27.28
C THR C 27 -15.21 -15.90 27.57
N VAL C 28 -14.14 -15.22 27.95
CA VAL C 28 -12.88 -15.89 28.27
C VAL C 28 -12.36 -15.47 29.64
N THR C 29 -11.69 -16.40 30.31
CA THR C 29 -11.15 -16.17 31.64
C THR C 29 -10.21 -14.97 31.68
N HIS C 30 -9.46 -14.78 30.61
CA HIS C 30 -8.49 -13.68 30.54
C HIS C 30 -8.31 -13.13 29.12
N SER C 31 -8.04 -11.84 29.04
CA SER C 31 -7.84 -11.15 27.77
C SER C 31 -7.02 -9.89 27.97
N VAL C 32 -6.49 -9.36 26.87
CA VAL C 32 -5.77 -8.10 26.91
C VAL C 32 -6.24 -7.21 25.76
N ASN C 33 -6.40 -5.92 26.03
CA ASN C 33 -6.81 -4.96 25.02
C ASN C 33 -5.62 -4.35 24.28
N LEU C 34 -5.62 -4.49 22.96
CA LEU C 34 -4.51 -4.02 22.14
C LEU C 34 -4.75 -2.64 21.55
N LEU C 35 -5.91 -2.06 21.84
CA LEU C 35 -6.32 -0.81 21.20
C LEU C 35 -6.46 0.33 22.20
N GLU C 36 -5.58 1.32 22.09
CA GLU C 36 -5.54 2.42 23.05
C GLU C 36 -6.41 3.59 22.58
N ASP C 37 -7.46 3.87 23.35
CA ASP C 37 -8.33 5.01 23.10
C ASP C 37 -7.99 6.22 23.97
N ARG C 38 -7.00 6.08 24.82
CA ARG C 38 -6.74 7.07 25.87
C ARG C 38 -5.70 8.09 25.47
N HIS C 39 -5.98 9.35 25.75
CA HIS C 39 -5.00 10.42 25.57
C HIS C 39 -5.24 11.55 26.56
N ASN C 40 -4.21 12.33 26.84
CA ASN C 40 -4.30 13.36 27.86
C ASN C 40 -4.93 14.67 27.38
N GLY C 41 -5.30 14.71 26.11
CA GLY C 41 -5.95 15.89 25.55
C GLY C 41 -5.16 17.15 25.81
N LYS C 42 -3.83 17.03 25.76
CA LYS C 42 -2.94 18.17 25.88
C LYS C 42 -1.86 18.08 24.81
N LEU C 43 -1.31 19.24 24.44
CA LEU C 43 -0.13 19.27 23.59
C LEU C 43 1.10 19.32 24.49
N CYS C 44 1.92 18.28 24.45
CA CYS C 44 3.09 18.22 25.31
C CYS C 44 4.38 18.31 24.50
N LYS C 45 5.51 18.23 25.19
CA LYS C 45 6.80 18.18 24.51
C LYS C 45 6.96 16.81 23.88
N LEU C 46 8.05 16.62 23.13
CA LEU C 46 8.31 15.33 22.51
C LEU C 46 9.76 14.92 22.71
N ARG C 47 9.96 13.82 23.44
CA ARG C 47 11.31 13.35 23.75
C ARG C 47 12.19 14.49 24.25
N GLY C 48 11.59 15.42 24.99
CA GLY C 48 12.35 16.48 25.63
C GLY C 48 12.07 17.88 25.08
N VAL C 49 12.20 18.02 23.76
CA VAL C 49 12.10 19.32 23.12
C VAL C 49 10.66 19.80 22.95
N ALA C 50 10.38 21.03 23.36
CA ALA C 50 9.05 21.60 23.24
C ALA C 50 8.69 21.88 21.78
N PRO C 51 7.39 22.02 21.49
CA PRO C 51 6.99 22.39 20.14
C PRO C 51 6.94 23.90 19.96
N LEU C 52 6.64 24.35 18.75
CA LEU C 52 6.51 25.77 18.46
C LEU C 52 5.06 26.09 18.10
N HIS C 53 4.40 26.87 18.94
CA HIS C 53 3.00 27.19 18.72
C HIS C 53 2.86 28.58 18.10
N LEU C 54 2.43 28.60 16.85
CA LEU C 54 2.39 29.84 16.08
C LEU C 54 1.37 30.85 16.60
N GLY C 55 0.57 30.42 17.56
CA GLY C 55 -0.41 31.31 18.18
C GLY C 55 -1.50 31.77 17.23
N LYS C 56 -1.66 33.08 17.12
CA LYS C 56 -2.68 33.65 16.24
C LYS C 56 -2.28 33.53 14.77
N CYS C 57 -1.01 33.80 14.49
CA CYS C 57 -0.51 33.77 13.12
C CYS C 57 -0.32 32.34 12.63
N ASN C 58 -0.46 32.13 11.33
CA ASN C 58 -0.08 30.87 10.71
C ASN C 58 1.35 30.96 10.16
N ILE C 59 1.79 29.91 9.48
CA ILE C 59 3.18 29.85 9.02
C ILE C 59 3.60 31.13 8.30
N ALA C 60 2.79 31.56 7.34
CA ALA C 60 3.09 32.77 6.57
C ALA C 60 3.17 34.00 7.45
N GLY C 61 2.16 34.20 8.28
CA GLY C 61 2.12 35.33 9.20
C GLY C 61 3.32 35.32 10.12
N TRP C 62 3.76 34.12 10.48
CA TRP C 62 4.93 33.94 11.33
C TRP C 62 6.20 34.39 10.62
N LEU C 63 6.43 33.84 9.43
CA LEU C 63 7.66 34.10 8.69
C LEU C 63 7.75 35.52 8.17
N LEU C 64 6.60 36.11 7.84
CA LEU C 64 6.56 37.47 7.34
C LEU C 64 6.55 38.49 8.48
N GLY C 65 6.44 38.00 9.71
CA GLY C 65 6.51 38.83 10.89
C GLY C 65 5.27 39.65 11.24
N ASN C 66 4.10 39.02 11.25
CA ASN C 66 2.89 39.64 11.78
C ASN C 66 3.10 40.11 13.23
N PRO C 67 2.88 41.42 13.47
CA PRO C 67 3.13 42.04 14.78
C PRO C 67 2.30 41.46 15.93
N GLU C 68 1.22 40.76 15.61
CA GLU C 68 0.40 40.12 16.63
C GLU C 68 1.02 38.79 17.03
N CYS C 69 2.14 38.48 16.40
CA CYS C 69 3.00 37.40 16.86
C CYS C 69 4.08 37.95 17.80
N GLU C 70 5.09 37.11 18.04
CA GLU C 70 6.41 37.48 18.59
C GLU C 70 6.71 36.79 19.90
N ALA C 75 12.67 32.88 18.78
CA ALA C 75 13.35 31.69 19.28
C ALA C 75 13.79 30.75 18.14
N SER C 76 14.45 29.65 18.51
CA SER C 76 15.32 28.94 17.56
C SER C 76 14.90 27.52 17.15
N SER C 77 14.27 26.76 18.02
CA SER C 77 13.99 25.37 17.66
C SER C 77 12.68 24.78 18.20
N TRP C 78 12.29 23.65 17.61
CA TRP C 78 11.04 22.98 17.95
C TRP C 78 11.08 21.48 17.68
N SER C 79 10.22 20.74 18.36
CA SER C 79 9.97 19.34 18.03
C SER C 79 8.98 19.26 16.86
N TYR C 80 7.96 20.09 16.91
CA TYR C 80 6.98 20.20 15.83
C TYR C 80 6.30 21.56 15.89
N ILE C 81 5.68 21.95 14.78
CA ILE C 81 5.01 23.24 14.68
C ILE C 81 3.49 23.07 14.81
N VAL C 82 2.84 24.01 15.50
CA VAL C 82 1.40 23.93 15.73
C VAL C 82 0.66 25.15 15.20
N GLU C 83 -0.41 24.90 14.45
CA GLU C 83 -1.29 25.96 13.97
C GLU C 83 -2.68 25.81 14.58
N THR C 84 -3.34 26.93 14.83
CA THR C 84 -4.75 26.89 15.20
C THR C 84 -5.58 26.65 13.94
N SER C 85 -6.89 26.48 14.13
CA SER C 85 -7.81 26.46 13.00
C SER C 85 -8.29 27.89 12.77
N SER C 86 -7.99 28.75 13.74
CA SER C 86 -8.32 30.16 13.65
C SER C 86 -7.13 30.96 13.12
N SER C 87 -6.03 30.27 12.83
CA SER C 87 -4.80 30.92 12.39
C SER C 87 -5.00 31.71 11.10
N ASP C 88 -4.29 32.84 10.98
CA ASP C 88 -4.35 33.61 9.75
C ASP C 88 -3.07 34.41 9.47
N ASN C 89 -2.78 34.64 8.20
CA ASN C 89 -1.79 35.62 7.81
C ASN C 89 -2.28 37.02 8.18
N GLY C 90 -1.36 37.88 8.61
CA GLY C 90 -1.73 39.19 9.14
C GLY C 90 -2.05 40.24 8.08
N THR C 91 -2.22 39.81 6.84
CA THR C 91 -2.50 40.70 5.71
C THR C 91 -3.83 41.42 5.98
N CYS C 92 -3.89 42.75 5.94
CA CYS C 92 -3.21 43.61 4.95
C CYS C 92 -3.78 43.48 3.54
N TYR C 93 -2.96 43.08 2.57
CA TYR C 93 -3.31 43.27 1.15
C TYR C 93 -3.63 41.97 0.43
N PRO C 94 -4.44 42.07 -0.65
CA PRO C 94 -5.09 40.97 -1.35
C PRO C 94 -4.16 39.89 -1.92
N GLY C 95 -2.86 40.16 -1.92
CA GLY C 95 -1.93 39.35 -2.67
C GLY C 95 -1.85 37.88 -2.28
N ASP C 96 -1.04 37.16 -3.06
CA ASP C 96 -0.94 35.71 -2.98
C ASP C 96 0.45 35.27 -2.51
N PHE C 97 0.54 34.08 -1.92
CA PHE C 97 1.81 33.53 -1.47
C PHE C 97 2.22 32.38 -2.40
N ILE C 98 3.38 32.51 -3.04
CA ILE C 98 3.78 31.59 -4.11
C ILE C 98 4.53 30.38 -3.59
N ASN C 99 4.07 29.20 -3.97
CA ASN C 99 4.63 27.94 -3.47
C ASN C 99 4.61 27.89 -1.96
N TYR C 100 3.53 28.39 -1.37
CA TYR C 100 3.38 28.43 0.07
C TYR C 100 3.46 27.03 0.67
N GLU C 101 2.72 26.09 0.08
CA GLU C 101 2.61 24.74 0.65
C GLU C 101 3.96 24.03 0.65
N GLU C 102 4.72 24.23 -0.42
CA GLU C 102 6.08 23.72 -0.49
C GLU C 102 6.94 24.29 0.63
N LEU C 103 6.85 25.61 0.81
CA LEU C 103 7.57 26.29 1.88
C LEU C 103 7.28 25.60 3.21
N ARG C 104 5.99 25.34 3.46
CA ARG C 104 5.59 24.61 4.65
C ARG C 104 6.28 23.25 4.74
N GLU C 105 6.17 22.45 3.68
CA GLU C 105 6.73 21.11 3.68
C GLU C 105 8.24 21.15 3.97
N GLN C 106 8.85 22.28 3.61
CA GLN C 106 10.25 22.52 3.90
C GLN C 106 10.43 22.75 5.39
N LEU C 107 9.62 23.65 5.95
CA LEU C 107 9.68 23.93 7.38
C LEU C 107 9.48 22.67 8.22
N SER C 108 8.71 21.73 7.69
CA SER C 108 8.49 20.46 8.39
C SER C 108 9.79 19.68 8.54
N SER C 109 10.78 20.00 7.70
CA SER C 109 12.01 19.24 7.69
C SER C 109 13.09 19.86 8.58
N VAL C 110 12.76 20.95 9.26
CA VAL C 110 13.77 21.67 10.04
C VAL C 110 13.56 21.64 11.55
N SER C 111 14.50 22.26 12.25
CA SER C 111 14.77 21.97 13.65
C SER C 111 15.36 23.20 14.33
N SER C 112 16.68 23.37 14.18
CA SER C 112 17.30 24.64 14.52
C SER C 112 16.93 25.64 13.43
N PHE C 113 17.04 26.93 13.73
CA PHE C 113 16.42 27.95 12.90
C PHE C 113 16.85 29.36 13.30
N GLU C 114 18.14 29.64 13.19
CA GLU C 114 18.65 30.97 13.53
C GLU C 114 18.10 32.01 12.57
N ARG C 115 17.58 33.10 13.12
CA ARG C 115 17.12 34.22 12.29
C ARG C 115 18.03 35.42 12.50
N PHE C 116 18.18 36.23 11.47
CA PHE C 116 19.09 37.36 11.52
C PHE C 116 18.64 38.46 10.56
N GLU C 117 19.15 39.67 10.77
CA GLU C 117 18.82 40.76 9.87
C GLU C 117 19.76 40.67 8.68
N ILE C 118 19.20 40.39 7.51
CA ILE C 118 20.00 40.28 6.29
C ILE C 118 20.28 41.67 5.76
N PHE C 119 19.26 42.52 5.81
CA PHE C 119 19.37 43.90 5.33
C PHE C 119 18.97 44.86 6.44
N PRO C 120 19.96 45.31 7.22
CA PRO C 120 19.79 46.16 8.40
C PRO C 120 18.92 47.37 8.11
N LYS C 121 17.99 47.67 9.02
CA LYS C 121 17.02 48.73 8.82
C LYS C 121 17.69 50.06 8.44
N THR C 122 18.44 50.62 9.39
CA THR C 122 19.11 51.90 9.19
C THR C 122 20.07 51.90 7.99
N SER C 123 21.14 51.13 8.11
CA SER C 123 22.26 51.19 7.17
C SER C 123 21.88 50.98 5.70
N SER C 124 20.98 50.04 5.44
CA SER C 124 20.81 49.50 4.10
C SER C 124 20.20 50.45 3.07
N TRP C 125 19.20 51.24 3.48
CA TRP C 125 18.39 51.99 2.53
C TRP C 125 18.44 53.51 2.74
N PRO C 126 19.59 54.12 2.43
CA PRO C 126 19.79 55.56 2.61
C PRO C 126 19.02 56.42 1.61
N ASN C 127 18.76 55.87 0.42
CA ASN C 127 18.22 56.66 -0.67
C ASN C 127 16.69 56.58 -0.81
N HIS C 128 16.05 55.78 0.02
CA HIS C 128 14.63 55.52 -0.13
C HIS C 128 13.88 55.79 1.17
N ASP C 129 12.57 55.58 1.14
CA ASP C 129 11.69 55.79 2.29
C ASP C 129 11.04 54.48 2.68
N THR C 130 10.59 54.38 3.93
CA THR C 130 9.90 53.20 4.41
C THR C 130 8.43 53.49 4.70
N ASN C 131 7.55 52.86 3.93
CA ASN C 131 6.12 53.15 4.00
C ASN C 131 5.54 52.96 5.40
N PHE C 146 2.39 46.93 10.06
CA PHE C 146 2.77 46.12 8.90
C PHE C 146 3.79 45.06 9.29
N TYR C 147 4.07 44.14 8.37
CA TYR C 147 5.01 43.05 8.60
C TYR C 147 6.37 43.57 9.08
N ARG C 148 6.91 42.90 10.10
CA ARG C 148 8.20 43.27 10.69
C ARG C 148 9.39 42.79 9.87
N ASN C 149 9.28 41.58 9.32
CA ASN C 149 10.42 40.96 8.64
C ASN C 149 10.73 41.52 7.26
N LEU C 150 9.87 42.43 6.79
CA LEU C 150 10.09 43.07 5.50
C LEU C 150 9.97 44.57 5.65
N ILE C 151 10.60 45.30 4.74
CA ILE C 151 10.46 46.74 4.69
C ILE C 151 9.87 47.16 3.35
N TRP C 152 8.83 47.99 3.40
CA TRP C 152 8.18 48.44 2.18
C TRP C 152 8.84 49.73 1.75
N LEU C 153 9.57 49.68 0.64
CA LEU C 153 10.35 50.82 0.21
C LEU C 153 9.60 51.64 -0.83
N VAL C 154 9.52 52.94 -0.59
CA VAL C 154 8.93 53.87 -1.54
C VAL C 154 9.92 55.01 -1.77
N LYS C 155 9.52 55.98 -2.58
CA LYS C 155 10.43 57.03 -3.00
C LYS C 155 10.76 58.01 -1.88
N LYS C 156 11.97 58.57 -1.92
CA LYS C 156 12.35 59.64 -1.01
C LYS C 156 12.15 60.97 -1.72
N GLU C 157 11.22 61.78 -1.21
CA GLU C 157 10.77 62.96 -1.92
C GLU C 157 10.23 62.55 -3.29
N ASN C 158 10.87 63.05 -4.34
CA ASN C 158 10.50 62.71 -5.71
C ASN C 158 11.05 61.38 -6.18
N SER C 159 12.15 60.95 -5.57
CA SER C 159 13.03 59.96 -6.17
C SER C 159 12.92 58.55 -5.61
N TYR C 160 12.87 57.58 -6.52
CA TYR C 160 13.08 56.18 -6.17
C TYR C 160 14.20 55.68 -7.07
N PRO C 161 15.45 55.81 -6.61
CA PRO C 161 16.62 55.43 -7.40
C PRO C 161 16.63 53.94 -7.68
N LYS C 162 17.39 53.52 -8.69
CA LYS C 162 17.62 52.11 -8.92
C LYS C 162 18.42 51.53 -7.76
N LEU C 163 17.95 50.42 -7.21
CA LEU C 163 18.66 49.79 -6.11
C LEU C 163 19.18 48.40 -6.46
N SER C 164 20.42 48.14 -6.05
CA SER C 164 20.98 46.80 -6.12
C SER C 164 21.54 46.43 -4.74
N LYS C 165 21.02 45.35 -4.16
CA LYS C 165 21.51 44.85 -2.89
C LYS C 165 21.77 43.35 -2.96
N SER C 166 22.90 42.93 -2.38
CA SER C 166 23.33 41.54 -2.46
C SER C 166 23.54 40.93 -1.09
N TYR C 167 23.56 39.60 -1.03
CA TYR C 167 23.91 38.90 0.20
C TYR C 167 24.72 37.66 -0.11
N ILE C 168 25.72 37.39 0.73
CA ILE C 168 26.50 36.17 0.62
C ILE C 168 26.29 35.36 1.89
N ASN C 169 26.49 34.05 1.80
CA ASN C 169 26.13 33.19 2.92
C ASN C 169 27.32 33.00 3.86
N ASN C 170 27.21 33.60 5.05
CA ASN C 170 28.28 33.55 6.04
C ASN C 170 28.08 32.44 7.06
N LYS C 171 27.03 31.64 6.86
CA LYS C 171 26.79 30.51 7.74
C LYS C 171 27.00 29.21 6.98
N GLY C 172 26.88 28.09 7.68
CA GLY C 172 27.10 26.80 7.07
C GLY C 172 25.78 26.16 6.71
N LYS C 173 24.75 27.00 6.60
CA LYS C 173 23.39 26.52 6.46
C LYS C 173 22.71 27.23 5.30
N GLU C 174 21.64 26.62 4.79
CA GLU C 174 20.77 27.30 3.85
C GLU C 174 20.18 28.52 4.53
N VAL C 175 19.89 29.56 3.74
CA VAL C 175 19.21 30.73 4.28
C VAL C 175 17.91 31.00 3.54
N LEU C 176 16.81 30.97 4.30
CA LEU C 176 15.50 31.28 3.77
C LEU C 176 15.32 32.79 3.66
N VAL C 177 15.09 33.24 2.43
CA VAL C 177 14.89 34.66 2.15
C VAL C 177 13.51 34.86 1.54
N LEU C 178 12.74 35.74 2.16
CA LEU C 178 11.40 36.03 1.71
C LEU C 178 11.29 37.48 1.30
N TRP C 179 10.57 37.73 0.22
CA TRP C 179 10.33 39.10 -0.21
C TRP C 179 8.94 39.22 -0.81
N GLY C 180 8.57 40.43 -1.22
CA GLY C 180 7.25 40.67 -1.75
C GLY C 180 7.23 41.70 -2.85
N ILE C 181 6.14 41.72 -3.61
CA ILE C 181 6.02 42.53 -4.81
C ILE C 181 4.68 43.22 -4.83
N HIS C 182 4.70 44.53 -5.11
CA HIS C 182 3.47 45.31 -5.09
C HIS C 182 2.95 45.61 -6.49
N HIS C 183 1.64 45.49 -6.66
CA HIS C 183 0.99 45.86 -7.92
C HIS C 183 -0.11 46.88 -7.63
N PRO C 184 0.23 48.17 -7.66
CA PRO C 184 -0.73 49.25 -7.46
C PRO C 184 -1.90 49.13 -8.42
N SER C 185 -3.07 49.55 -7.98
CA SER C 185 -4.29 49.40 -8.77
C SER C 185 -4.39 50.46 -9.86
N THR C 186 -3.49 51.44 -9.83
CA THR C 186 -3.47 52.48 -10.84
C THR C 186 -2.07 53.09 -11.02
N SER C 187 -1.83 53.64 -12.21
CA SER C 187 -0.57 54.29 -12.51
C SER C 187 -0.28 55.42 -11.52
N ALA C 188 -1.33 56.17 -11.19
CA ALA C 188 -1.22 57.24 -10.22
C ALA C 188 -0.57 56.75 -8.93
N ASP C 189 -1.05 55.60 -8.44
CA ASP C 189 -0.47 54.96 -7.28
C ASP C 189 0.98 54.64 -7.56
N GLN C 190 1.22 54.07 -8.72
CA GLN C 190 2.56 53.64 -9.10
C GLN C 190 3.58 54.75 -8.93
N GLN C 191 3.26 55.93 -9.44
CA GLN C 191 4.16 57.07 -9.31
C GLN C 191 4.15 57.64 -7.89
N SER C 192 2.98 57.64 -7.26
CA SER C 192 2.86 58.17 -5.90
C SER C 192 3.72 57.41 -4.92
N LEU C 193 4.03 56.16 -5.27
CA LEU C 193 4.81 55.30 -4.40
C LEU C 193 6.25 55.17 -4.89
N TYR C 194 6.42 54.56 -6.06
CA TYR C 194 7.75 54.21 -6.58
C TYR C 194 8.33 55.20 -7.59
N GLN C 195 7.57 56.24 -7.92
CA GLN C 195 8.03 57.34 -8.77
C GLN C 195 8.20 56.95 -10.24
N ASN C 196 8.17 55.65 -10.53
CA ASN C 196 8.45 55.16 -11.87
C ASN C 196 7.29 54.39 -12.48
N ALA C 197 6.74 54.95 -13.56
CA ALA C 197 5.63 54.30 -14.26
C ALA C 197 6.11 53.05 -14.98
N ASP C 198 7.35 53.09 -15.43
CA ASP C 198 7.99 51.92 -16.03
C ASP C 198 9.06 51.41 -15.07
N ALA C 199 8.83 50.24 -14.48
CA ALA C 199 9.70 49.74 -13.44
C ALA C 199 9.85 48.23 -13.50
N TYR C 200 10.99 47.75 -13.00
CA TYR C 200 11.25 46.33 -12.92
C TYR C 200 11.82 46.02 -11.54
N VAL C 201 11.64 44.79 -11.09
CA VAL C 201 12.40 44.24 -10.00
C VAL C 201 12.87 42.87 -10.44
N PHE C 202 14.09 42.47 -10.06
CA PHE C 202 14.56 41.13 -10.36
C PHE C 202 15.50 40.65 -9.28
N VAL C 203 15.44 39.35 -8.99
CA VAL C 203 16.27 38.75 -7.96
C VAL C 203 16.83 37.42 -8.43
N CYS C 204 18.14 37.24 -8.28
CA CYS C 204 18.71 35.90 -8.47
C CYS C 204 19.73 35.47 -7.43
N SER C 205 19.50 34.27 -6.92
CA SER C 205 20.56 33.44 -6.37
C SER C 205 21.03 32.56 -7.52
N SER C 206 21.82 31.54 -7.23
CA SER C 206 22.24 30.61 -8.27
C SER C 206 21.19 29.53 -8.53
N ARG C 207 20.25 29.38 -7.59
CA ARG C 207 19.14 28.44 -7.78
C ARG C 207 17.98 29.13 -8.49
N TYR C 208 18.09 30.44 -8.69
CA TYR C 208 16.91 31.25 -8.91
C TYR C 208 17.17 32.45 -9.82
N SER C 209 16.18 32.77 -10.65
CA SER C 209 16.08 34.08 -11.28
C SER C 209 14.62 34.40 -11.57
N LYS C 210 14.23 35.65 -11.33
CA LYS C 210 12.91 36.11 -11.75
C LYS C 210 12.94 37.62 -12.02
N LYS C 211 12.25 38.05 -13.07
CA LYS C 211 12.00 39.48 -13.26
C LYS C 211 10.50 39.77 -13.18
N PHE C 212 10.12 40.43 -12.09
CA PHE C 212 8.76 40.89 -11.90
C PHE C 212 8.61 42.31 -12.40
N LYS C 213 7.63 42.54 -13.26
CA LYS C 213 7.22 43.87 -13.61
C LYS C 213 5.78 44.06 -13.16
N PRO C 214 5.43 45.29 -12.76
CA PRO C 214 4.09 45.56 -12.22
C PRO C 214 2.99 45.26 -13.23
N GLU C 215 1.99 44.51 -12.81
CA GLU C 215 0.75 44.42 -13.55
C GLU C 215 -0.27 45.30 -12.85
N ILE C 216 -0.58 46.43 -13.47
CA ILE C 216 -1.41 47.45 -12.85
C ILE C 216 -2.87 47.27 -13.26
N ALA C 217 -3.72 47.02 -12.27
CA ALA C 217 -5.12 46.75 -12.49
C ALA C 217 -5.83 46.58 -11.16
N ALA C 218 -7.16 46.56 -11.18
CA ALA C 218 -7.93 46.53 -9.95
C ALA C 218 -8.68 45.21 -9.79
N CYS C 219 -8.71 44.71 -8.55
CA CYS C 219 -9.45 43.49 -8.22
C CYS C 219 -9.36 43.18 -6.73
N ALA C 226 -5.68 50.78 -1.82
CA ALA C 226 -5.72 49.59 -2.67
C ALA C 226 -4.32 49.08 -3.00
N GLY C 227 -4.24 48.21 -4.00
CA GLY C 227 -2.99 47.55 -4.34
C GLY C 227 -2.99 46.08 -3.96
N ARG C 228 -2.02 45.34 -4.48
CA ARG C 228 -1.96 43.89 -4.31
C ARG C 228 -0.50 43.48 -4.14
N ILE C 229 -0.23 42.58 -3.21
CA ILE C 229 1.16 42.18 -2.92
C ILE C 229 1.36 40.67 -2.94
N ASN C 230 2.18 40.20 -3.87
CA ASN C 230 2.53 38.78 -3.97
C ASN C 230 3.84 38.46 -3.29
N TYR C 231 3.87 37.38 -2.51
CA TYR C 231 5.05 37.04 -1.72
C TYR C 231 5.78 35.82 -2.25
N TYR C 232 7.11 35.90 -2.29
CA TYR C 232 7.94 34.82 -2.78
C TYR C 232 9.04 34.50 -1.78
N TRP C 233 9.62 33.33 -1.92
CA TRP C 233 10.69 32.87 -1.04
C TRP C 233 11.71 32.03 -1.80
N THR C 234 12.92 31.95 -1.28
CA THR C 234 13.90 31.01 -1.82
C THR C 234 14.94 30.66 -0.78
N LEU C 235 15.67 29.57 -1.03
CA LEU C 235 16.73 29.14 -0.14
C LEU C 235 18.08 29.34 -0.81
N VAL C 236 18.92 30.15 -0.19
CA VAL C 236 20.27 30.35 -0.69
C VAL C 236 21.21 29.38 -0.01
N GLU C 237 21.87 28.54 -0.81
CA GLU C 237 22.80 27.56 -0.28
C GLU C 237 24.04 28.26 0.23
N PRO C 238 24.74 27.64 1.19
CA PRO C 238 25.91 28.27 1.80
C PRO C 238 26.96 28.69 0.76
N GLY C 239 27.41 29.94 0.87
CA GLY C 239 28.42 30.47 -0.03
C GLY C 239 27.83 31.14 -1.26
N ASP C 240 26.58 30.80 -1.57
CA ASP C 240 25.90 31.38 -2.73
C ASP C 240 25.42 32.79 -2.38
N LYS C 241 25.38 33.66 -3.39
CA LYS C 241 24.93 35.04 -3.20
C LYS C 241 23.61 35.31 -3.89
N ILE C 242 22.75 36.10 -3.24
CA ILE C 242 21.48 36.50 -3.83
C ILE C 242 21.47 37.99 -4.14
N THR C 243 20.76 38.37 -5.19
CA THR C 243 20.74 39.76 -5.63
C THR C 243 19.34 40.29 -5.91
N PHE C 244 19.06 41.46 -5.35
CA PHE C 244 17.82 42.21 -5.59
C PHE C 244 18.13 43.50 -6.34
N GLU C 245 17.38 43.75 -7.41
CA GLU C 245 17.53 45.00 -8.16
C GLU C 245 16.16 45.55 -8.53
N ALA C 246 15.90 46.79 -8.13
CA ALA C 246 14.56 47.34 -8.30
C ALA C 246 14.56 48.81 -8.67
N THR C 247 13.70 49.17 -9.61
CA THR C 247 13.34 50.56 -9.86
C THR C 247 12.02 50.92 -9.18
N GLY C 248 11.44 49.94 -8.47
CA GLY C 248 10.18 50.12 -7.77
C GLY C 248 9.53 48.82 -7.38
N ASN C 249 8.44 48.95 -6.61
CA ASN C 249 7.53 47.83 -6.35
C ASN C 249 8.15 46.71 -5.52
N LEU C 250 9.04 47.06 -4.60
CA LEU C 250 9.73 46.05 -3.83
C LEU C 250 9.51 46.11 -2.33
N VAL C 251 9.03 45.01 -1.77
CA VAL C 251 9.02 44.82 -0.32
C VAL C 251 10.21 43.92 0.04
N VAL C 252 11.22 44.53 0.65
CA VAL C 252 12.52 43.86 0.80
C VAL C 252 12.62 43.05 2.09
N PRO C 253 13.49 42.02 2.07
CA PRO C 253 13.75 41.27 3.29
C PRO C 253 14.43 42.16 4.33
N ARG C 254 13.92 42.14 5.56
CA ARG C 254 14.63 42.71 6.68
C ARG C 254 15.40 41.59 7.37
N TYR C 255 14.67 40.61 7.88
CA TYR C 255 15.28 39.42 8.46
C TYR C 255 15.15 38.23 7.51
N ALA C 256 16.19 37.40 7.48
CA ALA C 256 16.16 36.13 6.78
C ALA C 256 16.49 35.03 7.79
N PHE C 257 16.21 33.79 7.45
CA PHE C 257 16.31 32.72 8.45
C PHE C 257 17.32 31.65 8.07
N ALA C 258 18.43 31.61 8.82
CA ALA C 258 19.43 30.56 8.66
C ALA C 258 18.92 29.27 9.30
N MET C 259 18.86 28.20 8.52
CA MET C 259 18.28 26.95 9.01
C MET C 259 19.14 25.74 8.71
N GLU C 260 19.55 25.03 9.77
CA GLU C 260 20.27 23.78 9.61
C GLU C 260 19.34 22.59 9.86
N ARG C 261 19.59 21.50 9.14
CA ARG C 261 18.59 20.46 8.97
C ARG C 261 18.44 19.49 10.14
N ASN C 262 17.19 19.15 10.42
CA ASN C 262 16.83 17.81 10.81
C ASN C 262 16.37 17.18 9.50
N SER C 263 16.04 15.90 9.50
CA SER C 263 15.31 15.32 8.38
C SER C 263 13.82 15.19 8.69
N GLY C 264 13.42 15.62 9.88
CA GLY C 264 12.04 15.52 10.31
C GLY C 264 11.61 16.51 11.37
N SER C 265 10.30 16.69 11.50
CA SER C 265 9.71 17.54 12.53
C SER C 265 8.19 17.33 12.54
N GLY C 266 7.49 18.09 11.69
CA GLY C 266 6.06 17.90 11.53
C GLY C 266 5.22 19.13 11.86
N ILE C 267 4.09 19.26 11.19
CA ILE C 267 3.16 20.36 11.42
C ILE C 267 1.79 19.85 11.88
N ILE C 268 1.42 20.19 13.11
CA ILE C 268 0.14 19.79 13.67
C ILE C 268 -0.87 20.92 13.61
N ILE C 269 -2.12 20.59 13.29
CA ILE C 269 -3.20 21.55 13.39
C ILE C 269 -4.13 21.15 14.52
N SER C 270 -4.12 21.91 15.61
CA SER C 270 -4.93 21.58 16.78
C SER C 270 -5.31 22.81 17.58
N ASP C 271 -6.49 22.79 18.19
CA ASP C 271 -6.94 23.89 19.05
C ASP C 271 -6.65 23.55 20.50
N THR C 272 -6.11 22.37 20.73
CA THR C 272 -5.77 21.93 22.08
C THR C 272 -4.63 22.79 22.65
N SER C 273 -4.54 22.82 23.98
CA SER C 273 -3.61 23.69 24.67
C SER C 273 -2.31 22.98 25.04
N VAL C 274 -1.20 23.71 24.98
CA VAL C 274 0.11 23.16 25.29
C VAL C 274 0.48 23.31 26.77
N HIS C 275 0.88 22.20 27.38
CA HIS C 275 1.09 22.13 28.83
C HIS C 275 2.52 21.74 29.17
N ASP C 276 2.77 21.57 30.46
CA ASP C 276 4.05 21.06 30.94
C ASP C 276 3.91 19.54 31.07
N CYS C 277 4.58 18.83 30.18
CA CYS C 277 4.48 17.38 30.11
C CYS C 277 5.31 16.83 28.96
N ASN C 278 5.60 15.54 29.02
CA ASN C 278 6.42 14.91 27.98
C ASN C 278 5.66 13.76 27.35
N THR C 279 5.90 13.52 26.06
CA THR C 279 5.31 12.37 25.40
C THR C 279 6.26 11.76 24.39
N THR C 280 6.18 10.44 24.24
CA THR C 280 6.84 9.77 23.13
C THR C 280 6.04 10.07 21.87
N CYS C 281 4.75 10.32 22.06
CA CYS C 281 3.83 10.39 20.94
C CYS C 281 2.79 11.50 21.11
N GLN C 282 2.62 12.30 20.06
CA GLN C 282 1.67 13.40 20.11
C GLN C 282 0.66 13.33 18.98
N THR C 283 -0.60 13.61 19.29
CA THR C 283 -1.64 13.75 18.29
C THR C 283 -2.35 15.07 18.53
N PRO C 284 -2.98 15.64 17.49
CA PRO C 284 -3.69 16.91 17.63
C PRO C 284 -4.77 16.85 18.71
N LYS C 285 -5.26 15.64 19.00
CA LYS C 285 -6.27 15.44 20.03
C LYS C 285 -5.66 15.61 21.42
N GLY C 286 -4.45 15.08 21.57
CA GLY C 286 -3.79 14.96 22.85
C GLY C 286 -2.64 13.99 22.68
N ALA C 287 -2.00 13.60 23.77
CA ALA C 287 -0.82 12.75 23.69
C ALA C 287 -1.10 11.36 24.26
N ILE C 288 -0.12 10.47 24.16
CA ILE C 288 -0.32 9.09 24.56
C ILE C 288 0.89 8.47 25.25
N ASN C 289 0.64 7.86 26.41
CA ASN C 289 1.60 6.91 26.96
C ASN C 289 0.98 5.53 26.95
N THR C 290 1.45 4.69 26.02
CA THR C 290 0.95 3.33 25.90
C THR C 290 2.00 2.44 25.26
N SER C 291 2.03 1.18 25.66
CA SER C 291 2.88 0.19 25.01
C SER C 291 2.10 -0.61 23.99
N LEU C 292 0.81 -0.30 23.83
CA LEU C 292 -0.04 -1.03 22.92
C LEU C 292 0.33 -0.79 21.46
N PRO C 293 0.23 -1.84 20.63
CA PRO C 293 0.60 -1.79 19.20
C PRO C 293 -0.37 -0.98 18.34
N PHE C 294 -1.59 -0.73 18.83
CA PHE C 294 -2.63 -0.14 18.00
C PHE C 294 -3.33 1.06 18.65
N GLN C 295 -3.60 2.08 17.85
CA GLN C 295 -4.29 3.27 18.32
C GLN C 295 -5.30 3.77 17.28
N ASN C 296 -6.55 3.94 17.70
CA ASN C 296 -7.57 4.50 16.81
C ASN C 296 -7.84 5.99 17.02
N ILE C 297 -7.09 6.61 17.92
CA ILE C 297 -7.33 7.99 18.32
C ILE C 297 -7.31 8.99 17.16
N HIS C 298 -6.13 9.23 16.59
CA HIS C 298 -6.00 10.20 15.51
C HIS C 298 -5.07 9.66 14.41
N PRO C 299 -5.38 9.97 13.14
CA PRO C 299 -4.55 9.54 12.02
C PRO C 299 -3.21 10.27 11.99
N VAL C 300 -3.14 11.40 12.68
CA VAL C 300 -1.94 12.21 12.71
C VAL C 300 -1.25 12.11 14.06
N THR C 301 0.01 11.71 14.03
CA THR C 301 0.77 11.50 15.25
C THR C 301 2.26 11.70 14.99
N ILE C 302 3.01 11.97 16.06
CA ILE C 302 4.44 12.21 15.95
C ILE C 302 5.19 11.53 17.09
N GLY C 303 6.32 10.90 16.75
CA GLY C 303 7.08 10.11 17.71
C GLY C 303 6.85 8.62 17.51
N GLU C 304 7.34 7.81 18.45
CA GLU C 304 7.20 6.36 18.34
C GLU C 304 5.94 5.87 19.06
N CYS C 305 4.98 5.37 18.29
CA CYS C 305 3.70 4.94 18.85
C CYS C 305 2.85 4.11 17.88
N PRO C 306 1.67 3.67 18.34
CA PRO C 306 0.92 2.60 17.67
C PRO C 306 0.56 2.88 16.22
N LYS C 307 0.36 1.82 15.46
CA LYS C 307 -0.22 1.91 14.12
C LYS C 307 -1.64 2.45 14.27
N TYR C 308 -2.08 3.22 13.29
CA TYR C 308 -3.43 3.79 13.34
C TYR C 308 -4.40 2.86 12.62
N VAL C 309 -5.57 2.66 13.23
CA VAL C 309 -6.55 1.71 12.70
C VAL C 309 -7.99 2.22 12.84
N LYS C 310 -8.87 1.73 11.97
CA LYS C 310 -10.28 2.11 12.00
C LYS C 310 -11.08 1.22 12.96
N SER C 311 -10.38 0.25 13.56
CA SER C 311 -11.03 -0.69 14.48
C SER C 311 -11.62 0.03 15.67
N THR C 312 -12.83 -0.39 16.07
CA THR C 312 -13.41 0.12 17.31
C THR C 312 -12.86 -0.65 18.50
N LYS C 313 -12.72 -1.96 18.35
CA LYS C 313 -12.13 -2.80 19.39
C LYS C 313 -11.24 -3.91 18.85
N LEU C 314 -10.02 -3.99 19.38
CA LEU C 314 -9.18 -5.17 19.23
C LEU C 314 -8.88 -5.73 20.61
N ARG C 315 -9.42 -6.90 20.92
CA ARG C 315 -9.16 -7.53 22.21
C ARG C 315 -8.69 -8.96 22.01
N MET C 316 -7.44 -9.22 22.39
CA MET C 316 -6.82 -10.52 22.19
C MET C 316 -7.05 -11.42 23.40
N ALA C 317 -7.48 -12.65 23.14
CA ALA C 317 -7.69 -13.61 24.21
C ALA C 317 -6.35 -14.13 24.72
N THR C 318 -6.20 -14.18 26.03
CA THR C 318 -5.01 -14.73 26.67
C THR C 318 -5.36 -16.07 27.32
N GLY C 319 -6.29 -16.03 28.27
CA GLY C 319 -6.77 -17.23 28.93
C GLY C 319 -7.69 -18.05 28.04
N LEU C 320 -8.51 -18.89 28.66
CA LEU C 320 -9.33 -19.84 27.90
C LEU C 320 -10.82 -19.53 28.00
N ARG C 321 -11.62 -20.38 27.36
CA ARG C 321 -13.07 -20.22 27.36
C ARG C 321 -13.62 -20.33 28.78
N ASN C 322 -14.40 -19.34 29.19
CA ASN C 322 -14.94 -19.31 30.54
C ASN C 322 -16.27 -20.04 30.64
N VAL C 323 -16.28 -21.11 31.44
CA VAL C 323 -17.48 -21.91 31.63
C VAL C 323 -17.71 -22.14 33.12
N PRO C 324 -18.21 -21.11 33.82
CA PRO C 324 -18.34 -21.11 35.29
C PRO C 324 -19.03 -22.35 35.84
N SER C 325 -20.00 -22.89 35.11
CA SER C 325 -20.66 -24.13 35.51
C SER C 325 -21.31 -24.84 34.32
N GLY D 1 -15.00 -27.47 21.11
CA GLY D 1 -13.54 -27.45 21.13
C GLY D 1 -12.94 -28.22 19.98
N LEU D 2 -11.69 -27.92 19.64
CA LEU D 2 -10.98 -28.64 18.60
C LEU D 2 -10.48 -29.98 19.15
N PHE D 3 -9.95 -29.96 20.36
CA PHE D 3 -9.44 -31.17 21.00
C PHE D 3 -10.46 -31.80 21.97
N GLY D 4 -11.61 -31.16 22.09
CA GLY D 4 -12.76 -31.77 22.75
C GLY D 4 -12.70 -31.91 24.26
N ALA D 5 -11.96 -31.03 24.91
CA ALA D 5 -11.86 -31.05 26.38
C ALA D 5 -12.61 -29.86 26.98
N ILE D 6 -12.14 -28.66 26.67
CA ILE D 6 -12.81 -27.45 27.12
C ILE D 6 -14.13 -27.27 26.37
N ALA D 7 -15.22 -27.18 27.14
CA ALA D 7 -16.57 -27.25 26.60
C ALA D 7 -16.73 -28.58 25.89
N GLY D 8 -15.86 -29.53 26.26
CA GLY D 8 -15.81 -30.88 25.71
C GLY D 8 -16.42 -31.90 26.65
N PHE D 9 -15.85 -33.09 26.66
CA PHE D 9 -16.25 -34.12 27.62
C PHE D 9 -16.01 -33.68 29.07
N ILE D 10 -15.23 -32.63 29.24
CA ILE D 10 -15.25 -31.88 30.50
C ILE D 10 -16.12 -30.65 30.27
N GLU D 11 -17.30 -30.64 30.87
CA GLU D 11 -18.37 -29.75 30.42
C GLU D 11 -18.34 -28.37 31.06
N GLY D 12 -17.43 -28.17 32.01
CA GLY D 12 -17.37 -26.91 32.72
C GLY D 12 -16.03 -26.65 33.36
N GLY D 13 -15.81 -25.40 33.76
CA GLY D 13 -14.61 -25.02 34.46
C GLY D 13 -14.86 -24.91 35.95
N TRP D 14 -13.79 -24.72 36.70
CA TRP D 14 -13.88 -24.67 38.15
C TRP D 14 -13.55 -23.29 38.68
N THR D 15 -14.56 -22.60 39.20
CA THR D 15 -14.34 -21.33 39.88
C THR D 15 -13.57 -21.58 41.17
N GLY D 16 -13.50 -22.85 41.55
CA GLY D 16 -12.89 -23.23 42.82
C GLY D 16 -11.39 -23.40 42.75
N MET D 17 -10.84 -23.46 41.54
CA MET D 17 -9.38 -23.55 41.39
C MET D 17 -8.85 -22.20 40.92
N ILE D 18 -8.22 -21.46 41.83
CA ILE D 18 -7.76 -20.12 41.53
C ILE D 18 -6.26 -20.04 41.22
N ASP D 19 -5.56 -21.16 41.34
CA ASP D 19 -4.10 -21.14 41.32
C ASP D 19 -3.50 -21.41 39.95
N GLY D 20 -4.34 -21.61 38.94
CA GLY D 20 -3.85 -21.85 37.60
C GLY D 20 -4.94 -22.08 36.57
N TRP D 21 -4.53 -22.17 35.31
CA TRP D 21 -5.44 -22.45 34.22
C TRP D 21 -5.88 -23.91 34.18
N TYR D 22 -4.94 -24.82 34.39
CA TYR D 22 -5.23 -26.24 34.37
C TYR D 22 -4.92 -26.87 35.72
N GLY D 23 -5.62 -27.95 36.06
CA GLY D 23 -5.37 -28.65 37.31
C GLY D 23 -6.35 -29.77 37.66
N TYR D 24 -6.11 -30.40 38.80
CA TYR D 24 -6.86 -31.56 39.22
C TYR D 24 -7.74 -31.27 40.44
N HIS D 25 -8.86 -31.98 40.53
CA HIS D 25 -9.63 -32.05 41.75
C HIS D 25 -9.70 -33.50 42.20
N HIS D 26 -9.36 -33.76 43.45
CA HIS D 26 -9.18 -35.12 43.92
C HIS D 26 -10.08 -35.47 45.10
N GLN D 27 -10.23 -36.76 45.36
CA GLN D 27 -11.02 -37.24 46.49
C GLN D 27 -10.40 -38.49 47.09
N ASN D 28 -10.31 -38.52 48.42
CA ASN D 28 -9.78 -39.68 49.13
C ASN D 28 -9.84 -39.44 50.64
N GLU D 29 -9.50 -40.45 51.43
CA GLU D 29 -9.82 -40.43 52.86
C GLU D 29 -8.85 -39.60 53.68
N GLN D 30 -7.82 -39.06 53.03
CA GLN D 30 -6.96 -38.06 53.68
C GLN D 30 -7.46 -36.64 53.35
N GLY D 31 -8.61 -36.57 52.68
CA GLY D 31 -9.25 -35.31 52.36
C GLY D 31 -9.19 -34.98 50.88
N SER D 32 -10.02 -34.02 50.47
CA SER D 32 -10.12 -33.64 49.05
C SER D 32 -9.70 -32.18 48.84
N GLY D 33 -9.80 -31.72 47.59
CA GLY D 33 -9.50 -30.33 47.27
C GLY D 33 -9.08 -30.07 45.83
N TYR D 34 -8.78 -28.80 45.53
CA TYR D 34 -8.32 -28.41 44.21
C TYR D 34 -6.80 -28.17 44.18
N ALA D 35 -6.19 -28.52 43.06
CA ALA D 35 -4.80 -28.18 42.80
C ALA D 35 -4.69 -27.81 41.32
N ALA D 36 -3.62 -27.12 40.96
CA ALA D 36 -3.36 -26.83 39.55
C ALA D 36 -2.00 -27.36 39.17
N ASP D 37 -1.87 -27.90 37.97
CA ASP D 37 -0.58 -28.38 37.53
C ASP D 37 0.24 -27.16 37.13
N LEU D 38 1.33 -26.95 37.85
CA LEU D 38 2.09 -25.72 37.74
C LEU D 38 2.96 -25.72 36.50
N LYS D 39 3.27 -26.92 36.02
CA LYS D 39 4.13 -27.07 34.87
C LYS D 39 3.38 -26.78 33.56
N SER D 40 2.21 -27.39 33.40
CA SER D 40 1.39 -27.14 32.23
C SER D 40 0.92 -25.68 32.22
N THR D 41 0.39 -25.23 33.35
CA THR D 41 0.00 -23.84 33.51
C THR D 41 1.16 -22.92 33.13
N GLN D 42 2.25 -22.99 33.88
CA GLN D 42 3.40 -22.12 33.63
C GLN D 42 3.84 -22.14 32.17
N ASN D 43 3.83 -23.32 31.55
CA ASN D 43 4.18 -23.45 30.15
C ASN D 43 3.24 -22.65 29.24
N ALA D 44 1.93 -22.79 29.50
CA ALA D 44 0.93 -22.08 28.72
C ALA D 44 1.08 -20.58 28.90
N ILE D 45 1.36 -20.16 30.12
CA ILE D 45 1.60 -18.76 30.44
C ILE D 45 2.78 -18.22 29.65
N ASP D 46 3.83 -19.03 29.54
CA ASP D 46 5.01 -18.66 28.75
C ASP D 46 4.63 -18.51 27.28
N GLY D 47 3.91 -19.50 26.76
CA GLY D 47 3.52 -19.50 25.37
C GLY D 47 2.67 -18.30 24.99
N ILE D 48 1.68 -18.00 25.81
CA ILE D 48 0.75 -16.90 25.54
C ILE D 48 1.40 -15.55 25.76
N THR D 49 2.18 -15.44 26.83
CA THR D 49 2.97 -14.23 27.07
C THR D 49 3.80 -13.94 25.83
N ASN D 50 4.47 -14.96 25.32
CA ASN D 50 5.33 -14.79 24.15
C ASN D 50 4.54 -14.48 22.87
N LYS D 51 3.34 -15.04 22.78
CA LYS D 51 2.45 -14.74 21.67
C LYS D 51 2.12 -13.25 21.66
N VAL D 52 1.57 -12.78 22.77
CA VAL D 52 1.28 -11.36 22.95
C VAL D 52 2.49 -10.51 22.62
N ASN D 53 3.57 -10.68 23.39
CA ASN D 53 4.79 -9.91 23.20
C ASN D 53 5.27 -9.88 21.75
N SER D 54 5.21 -11.02 21.07
CA SER D 54 5.66 -11.10 19.69
C SER D 54 4.67 -10.41 18.74
N VAL D 55 3.42 -10.29 19.20
CA VAL D 55 2.41 -9.55 18.45
C VAL D 55 2.68 -8.05 18.53
N ILE D 56 2.94 -7.56 19.75
CA ILE D 56 3.22 -6.15 19.94
C ILE D 56 4.66 -5.80 19.50
N GLU D 57 5.49 -6.82 19.32
CA GLU D 57 6.85 -6.61 18.85
C GLU D 57 6.95 -6.70 17.33
N LYS D 58 5.81 -6.96 16.69
CA LYS D 58 5.79 -7.12 15.24
C LYS D 58 5.47 -5.80 14.54
N MET D 59 5.34 -4.73 15.33
CA MET D 59 5.19 -3.39 14.76
C MET D 59 6.41 -2.50 15.01
N ASN D 60 7.17 -2.24 13.96
CA ASN D 60 8.28 -1.30 14.03
C ASN D 60 7.92 0.01 13.32
N THR D 61 8.21 1.12 13.99
CA THR D 61 7.61 2.41 13.62
C THR D 61 8.11 2.96 12.29
N GLN D 62 7.17 3.39 11.46
CA GLN D 62 7.48 4.13 10.25
C GLN D 62 7.15 5.61 10.45
N PHE D 63 8.18 6.45 10.52
CA PHE D 63 8.01 7.85 10.86
C PHE D 63 8.33 8.75 9.68
N ILE D 64 7.75 9.94 9.69
CA ILE D 64 7.71 10.78 8.49
C ILE D 64 7.62 12.26 8.86
N ALA D 65 7.41 13.09 7.85
CA ALA D 65 6.66 14.31 8.05
C ALA D 65 5.39 14.07 7.24
N VAL D 66 4.30 13.80 7.95
CA VAL D 66 3.04 13.45 7.30
C VAL D 66 2.26 14.69 6.84
N GLY D 67 2.17 15.69 7.71
CA GLY D 67 1.28 16.81 7.48
C GLY D 67 1.60 17.43 6.14
N LYS D 68 0.60 17.46 5.26
CA LYS D 68 0.79 17.87 3.86
C LYS D 68 -0.35 18.77 3.42
N GLU D 69 -0.03 19.81 2.68
CA GLU D 69 -1.02 20.79 2.26
C GLU D 69 -0.98 20.95 0.74
N PHE D 70 -2.14 21.00 0.11
CA PHE D 70 -2.22 21.17 -1.34
C PHE D 70 -3.14 22.34 -1.70
N ASN D 71 -2.76 23.10 -2.71
CA ASN D 71 -3.58 24.23 -3.15
C ASN D 71 -4.74 23.76 -4.02
N HIS D 72 -5.54 24.69 -4.52
CA HIS D 72 -6.77 24.35 -5.22
C HIS D 72 -6.54 23.82 -6.64
N LEU D 73 -5.34 24.03 -7.17
CA LEU D 73 -4.95 23.43 -8.45
C LEU D 73 -4.17 22.14 -8.24
N GLU D 74 -4.02 21.76 -6.97
CA GLU D 74 -3.29 20.56 -6.58
C GLU D 74 -4.19 19.34 -6.37
N LYS D 75 -5.47 19.49 -6.68
CA LYS D 75 -6.48 18.49 -6.31
C LYS D 75 -6.12 17.02 -6.60
N ARG D 76 -5.53 16.76 -7.77
CA ARG D 76 -5.24 15.38 -8.16
C ARG D 76 -4.27 14.66 -7.22
N ILE D 77 -3.10 15.25 -7.01
CA ILE D 77 -2.10 14.66 -6.12
C ILE D 77 -2.59 14.66 -4.68
N GLU D 78 -3.49 15.60 -4.36
CA GLU D 78 -4.11 15.62 -3.05
C GLU D 78 -4.94 14.36 -2.85
N ASN D 79 -5.77 14.06 -3.84
CA ASN D 79 -6.57 12.83 -3.82
C ASN D 79 -5.69 11.58 -3.89
N LEU D 80 -4.48 11.74 -4.42
CA LEU D 80 -3.53 10.64 -4.43
C LEU D 80 -3.02 10.39 -3.02
N ASN D 81 -2.74 11.47 -2.30
CA ASN D 81 -2.40 11.38 -0.89
C ASN D 81 -3.52 10.68 -0.13
N LYS D 82 -4.75 11.14 -0.34
CA LYS D 82 -5.90 10.52 0.28
C LYS D 82 -5.95 9.02 -0.02
N LYS D 83 -5.71 8.66 -1.27
CA LYS D 83 -5.73 7.25 -1.67
C LYS D 83 -4.68 6.46 -0.90
N VAL D 84 -3.45 6.95 -0.88
CA VAL D 84 -2.38 6.28 -0.15
C VAL D 84 -2.76 6.08 1.31
N ASP D 85 -3.12 7.15 2.01
CA ASP D 85 -3.45 7.07 3.43
C ASP D 85 -4.58 6.07 3.68
N ASP D 86 -5.69 6.25 2.97
CA ASP D 86 -6.86 5.40 3.15
C ASP D 86 -6.54 3.93 2.90
N GLY D 87 -5.78 3.67 1.83
CA GLY D 87 -5.39 2.32 1.47
C GLY D 87 -4.54 1.65 2.53
N PHE D 88 -3.47 2.33 2.93
CA PHE D 88 -2.62 1.82 4.01
C PHE D 88 -3.46 1.52 5.23
N LEU D 89 -4.34 2.45 5.59
CA LEU D 89 -5.16 2.29 6.78
C LEU D 89 -6.07 1.07 6.67
N ASP D 90 -6.68 0.86 5.51
CA ASP D 90 -7.55 -0.29 5.29
C ASP D 90 -6.76 -1.58 5.44
N ILE D 91 -5.60 -1.64 4.81
CA ILE D 91 -4.75 -2.81 4.90
C ILE D 91 -4.39 -3.12 6.35
N TRP D 92 -3.95 -2.11 7.10
CA TRP D 92 -3.53 -2.33 8.48
C TRP D 92 -4.67 -2.73 9.42
N THR D 93 -5.81 -2.05 9.30
CA THR D 93 -6.99 -2.45 10.06
C THR D 93 -7.30 -3.91 9.77
N TYR D 94 -7.32 -4.26 8.49
CA TYR D 94 -7.56 -5.62 8.05
C TYR D 94 -6.62 -6.61 8.75
N ASN D 95 -5.32 -6.36 8.63
CA ASN D 95 -4.31 -7.23 9.24
C ASN D 95 -4.50 -7.37 10.75
N ALA D 96 -4.83 -6.27 11.41
CA ALA D 96 -5.14 -6.29 12.83
C ALA D 96 -6.31 -7.24 13.16
N GLU D 97 -7.49 -6.88 12.66
CA GLU D 97 -8.70 -7.66 12.93
C GLU D 97 -8.46 -9.13 12.65
N LEU D 98 -7.91 -9.42 11.47
CA LEU D 98 -7.61 -10.78 11.06
C LEU D 98 -6.71 -11.46 12.07
N LEU D 99 -5.63 -10.77 12.44
CA LEU D 99 -4.66 -11.32 13.38
C LEU D 99 -5.33 -11.72 14.69
N ILE D 100 -6.07 -10.79 15.28
CA ILE D 100 -6.72 -11.08 16.56
C ILE D 100 -7.75 -12.21 16.44
N LEU D 101 -8.48 -12.24 15.33
CA LEU D 101 -9.40 -13.34 15.08
C LEU D 101 -8.69 -14.70 15.09
N LEU D 102 -7.86 -14.90 14.08
CA LEU D 102 -7.10 -16.14 13.96
C LEU D 102 -6.45 -16.52 15.28
N GLU D 103 -5.54 -15.66 15.74
CA GLU D 103 -4.78 -15.97 16.95
C GLU D 103 -5.64 -16.23 18.18
N ASN D 104 -6.81 -15.61 18.25
CA ASN D 104 -7.73 -15.91 19.33
C ASN D 104 -8.21 -17.34 19.24
N GLU D 105 -8.71 -17.70 18.06
CA GLU D 105 -9.13 -19.08 17.81
C GLU D 105 -8.02 -20.05 18.20
N ARG D 106 -6.82 -19.79 17.69
CA ARG D 106 -5.66 -20.65 17.92
C ARG D 106 -5.31 -20.75 19.40
N THR D 107 -5.52 -19.66 20.13
CA THR D 107 -5.26 -19.65 21.56
C THR D 107 -6.23 -20.57 22.28
N LEU D 108 -7.52 -20.41 21.99
CA LEU D 108 -8.51 -21.29 22.60
C LEU D 108 -8.19 -22.76 22.31
N ASP D 109 -7.92 -23.06 21.04
CA ASP D 109 -7.53 -24.41 20.66
C ASP D 109 -6.30 -24.86 21.44
N TYR D 110 -5.42 -23.91 21.74
CA TYR D 110 -4.19 -24.19 22.46
C TYR D 110 -4.51 -24.65 23.87
N HIS D 111 -5.38 -23.92 24.54
CA HIS D 111 -5.81 -24.32 25.88
C HIS D 111 -6.49 -25.68 25.87
N ASP D 112 -7.44 -25.86 24.96
CA ASP D 112 -8.12 -27.15 24.82
C ASP D 112 -7.08 -28.26 24.71
N SER D 113 -6.14 -28.08 23.79
CA SER D 113 -5.04 -29.01 23.62
C SER D 113 -4.38 -29.33 24.95
N ASN D 114 -3.80 -28.32 25.59
CA ASN D 114 -3.09 -28.55 26.85
C ASN D 114 -3.91 -29.37 27.85
N VAL D 115 -5.17 -29.01 28.01
CA VAL D 115 -6.06 -29.76 28.89
C VAL D 115 -6.14 -31.23 28.49
N LYS D 116 -6.43 -31.48 27.22
CA LYS D 116 -6.48 -32.85 26.70
C LYS D 116 -5.21 -33.59 27.07
N ASN D 117 -4.07 -33.01 26.74
CA ASN D 117 -2.77 -33.61 27.02
C ASN D 117 -2.62 -34.01 28.48
N LEU D 118 -2.93 -33.09 29.39
CA LEU D 118 -2.90 -33.42 30.81
C LEU D 118 -3.75 -34.65 31.08
N TYR D 119 -5.00 -34.61 30.62
CA TYR D 119 -5.91 -35.74 30.82
C TYR D 119 -5.32 -37.07 30.36
N GLU D 120 -5.09 -37.20 29.05
CA GLU D 120 -4.59 -38.44 28.48
C GLU D 120 -3.27 -38.87 29.11
N LYS D 121 -2.51 -37.90 29.62
CA LYS D 121 -1.32 -38.22 30.39
C LYS D 121 -1.70 -39.01 31.63
N VAL D 122 -2.59 -38.44 32.45
CA VAL D 122 -3.06 -39.12 33.65
C VAL D 122 -3.64 -40.50 33.32
N ARG D 123 -4.57 -40.53 32.38
CA ARG D 123 -5.25 -41.76 32.00
C ARG D 123 -4.27 -42.83 31.54
N SER D 124 -3.26 -42.43 30.77
CA SER D 124 -2.28 -43.38 30.24
C SER D 124 -1.31 -43.84 31.32
N GLN D 125 -1.15 -43.03 32.36
CA GLN D 125 -0.47 -43.49 33.57
C GLN D 125 -1.27 -44.59 34.24
N LEU D 126 -2.55 -44.31 34.48
CA LEU D 126 -3.40 -45.22 35.24
C LEU D 126 -3.67 -46.56 34.56
N LYS D 127 -4.14 -46.52 33.32
CA LYS D 127 -4.66 -47.71 32.66
C LYS D 127 -5.90 -48.24 33.39
N ASN D 128 -5.87 -49.54 33.69
CA ASN D 128 -7.06 -50.23 34.21
C ASN D 128 -7.17 -50.29 35.74
N ASN D 129 -6.25 -49.62 36.45
CA ASN D 129 -6.33 -49.54 37.91
C ASN D 129 -7.45 -48.60 38.36
N ALA D 130 -8.03 -47.87 37.40
CA ALA D 130 -9.20 -47.04 37.66
C ALA D 130 -10.11 -47.08 36.44
N ARG D 131 -11.23 -46.37 36.51
CA ARG D 131 -12.15 -46.29 35.37
C ARG D 131 -12.50 -44.84 35.05
N GLU D 132 -12.41 -44.48 33.77
CA GLU D 132 -12.82 -43.16 33.34
C GLU D 132 -14.34 -43.12 33.25
N ILE D 133 -14.94 -42.26 34.07
CA ILE D 133 -16.39 -42.16 34.15
C ILE D 133 -16.89 -41.16 33.13
N GLY D 134 -15.94 -40.52 32.44
CA GLY D 134 -16.25 -39.37 31.62
C GLY D 134 -15.97 -38.11 32.41
N ASN D 135 -16.31 -36.96 31.85
CA ASN D 135 -16.13 -35.69 32.54
C ASN D 135 -14.74 -35.54 33.14
N GLY D 136 -13.74 -36.08 32.44
CA GLY D 136 -12.35 -35.95 32.84
C GLY D 136 -12.06 -36.46 34.23
N CYS D 137 -12.84 -37.43 34.70
CA CYS D 137 -12.67 -37.99 36.03
C CYS D 137 -12.31 -39.47 35.99
N PHE D 138 -11.69 -39.95 37.06
CA PHE D 138 -11.36 -41.36 37.20
C PHE D 138 -11.80 -41.86 38.57
N GLU D 139 -12.39 -43.04 38.60
CA GLU D 139 -12.70 -43.69 39.87
C GLU D 139 -11.66 -44.78 40.13
N PHE D 140 -10.94 -44.66 41.23
CA PHE D 140 -9.88 -45.61 41.55
C PHE D 140 -10.43 -46.94 42.04
N TYR D 141 -10.08 -48.02 41.35
CA TYR D 141 -10.53 -49.35 41.72
C TYR D 141 -9.80 -49.82 42.97
N HIS D 142 -8.78 -49.07 43.37
CA HIS D 142 -8.04 -49.34 44.59
C HIS D 142 -8.04 -48.09 45.44
N LYS D 143 -7.29 -48.13 46.55
CA LYS D 143 -7.18 -46.95 47.41
C LYS D 143 -6.01 -46.09 46.99
N CYS D 144 -6.29 -44.85 46.63
CA CYS D 144 -5.23 -43.90 46.29
C CYS D 144 -5.16 -42.83 47.36
N ASP D 145 -4.14 -42.89 48.20
CA ASP D 145 -3.95 -41.92 49.26
C ASP D 145 -3.23 -40.70 48.72
N ASP D 146 -2.90 -39.75 49.59
CA ASP D 146 -2.20 -38.55 49.18
C ASP D 146 -0.99 -38.88 48.30
N LYS D 147 -0.02 -39.59 48.87
CA LYS D 147 1.19 -39.93 48.13
C LYS D 147 0.91 -40.57 46.77
N CYS D 148 -0.08 -41.46 46.72
CA CYS D 148 -0.49 -42.06 45.45
C CYS D 148 -0.97 -40.99 44.50
N MET D 149 -1.89 -40.15 44.99
CA MET D 149 -2.41 -39.03 44.22
C MET D 149 -1.29 -38.20 43.59
N GLU D 150 -0.48 -37.57 44.44
CA GLU D 150 0.64 -36.77 44.00
C GLU D 150 1.59 -37.58 43.14
N SER D 151 1.50 -38.90 43.24
CA SER D 151 2.30 -39.80 42.41
C SER D 151 1.78 -39.81 40.97
N VAL D 152 0.45 -39.86 40.83
CA VAL D 152 -0.16 -39.69 39.53
C VAL D 152 0.18 -38.31 38.98
N LYS D 153 -0.02 -37.30 39.81
CA LYS D 153 0.15 -35.91 39.39
C LYS D 153 1.58 -35.61 38.93
N ASN D 154 2.57 -36.10 39.65
CA ASN D 154 3.95 -35.85 39.23
C ASN D 154 4.52 -36.90 38.29
N GLY D 155 3.69 -37.86 37.89
CA GLY D 155 4.05 -38.80 36.84
C GLY D 155 4.77 -40.06 37.30
N THR D 156 4.89 -40.24 38.60
CA THR D 156 5.69 -41.33 39.16
C THR D 156 4.85 -42.57 39.45
N TYR D 157 3.58 -42.53 39.03
CA TYR D 157 2.61 -43.54 39.43
C TYR D 157 3.12 -44.96 39.23
N ASP D 158 2.99 -45.78 40.26
CA ASP D 158 3.40 -47.17 40.19
C ASP D 158 2.19 -48.07 39.97
N TYR D 159 2.09 -48.64 38.77
CA TYR D 159 0.99 -49.54 38.44
C TYR D 159 1.06 -50.86 39.22
N PRO D 160 2.24 -51.52 39.21
CA PRO D 160 2.38 -52.83 39.84
C PRO D 160 1.95 -52.82 41.31
N LYS D 161 2.15 -51.68 41.97
CA LYS D 161 1.89 -51.57 43.40
C LYS D 161 0.43 -51.90 43.73
N TYR D 162 -0.48 -51.16 43.11
CA TYR D 162 -1.91 -51.29 43.40
C TYR D 162 -2.62 -52.22 42.42
N SER D 163 -1.85 -52.73 41.45
CA SER D 163 -2.39 -53.55 40.38
C SER D 163 -3.30 -54.67 40.87
N GLU D 164 -2.92 -55.29 41.98
CA GLU D 164 -3.64 -56.45 42.50
C GLU D 164 -5.01 -56.08 43.06
N GLU D 165 -5.05 -55.09 43.95
CA GLU D 165 -6.31 -54.65 44.54
C GLU D 165 -7.21 -54.06 43.45
N ALA D 166 -6.57 -53.43 42.47
CA ALA D 166 -7.29 -52.90 41.31
C ALA D 166 -8.00 -54.02 40.56
N LYS D 167 -7.26 -55.06 40.22
CA LYS D 167 -7.82 -56.21 39.51
C LYS D 167 -8.85 -56.91 40.37
N LEU D 168 -8.73 -56.76 41.68
CA LEU D 168 -9.62 -57.42 42.63
C LEU D 168 -10.99 -56.73 42.62
N ASN D 169 -11.01 -55.47 43.03
CA ASN D 169 -12.26 -54.71 43.00
C ASN D 169 -12.79 -54.53 41.58
N ARG D 170 -11.94 -54.81 40.59
CA ARG D 170 -12.31 -54.62 39.20
C ARG D 170 -12.99 -55.85 38.62
N GLU D 171 -12.24 -56.95 38.53
CA GLU D 171 -12.75 -58.18 37.93
C GLU D 171 -13.94 -58.73 38.73
N GLU D 172 -14.03 -58.33 40.00
CA GLU D 172 -15.21 -58.62 40.80
C GLU D 172 -16.44 -58.05 40.09
N ILE D 173 -16.21 -56.97 39.36
CA ILE D 173 -17.22 -56.37 38.49
C ILE D 173 -17.11 -57.02 37.09
N ASP D 174 -15.97 -56.82 36.43
CA ASP D 174 -15.65 -57.56 35.21
C ASP D 174 -15.72 -59.07 35.45
N ASP E 3 -24.75 -57.02 16.40
CA ASP E 3 -25.24 -55.72 15.94
C ASP E 3 -24.11 -54.70 15.84
N THR E 4 -24.32 -53.66 15.04
CA THR E 4 -23.24 -52.72 14.74
C THR E 4 -23.71 -51.27 14.66
N LEU E 5 -22.82 -50.34 15.05
CA LEU E 5 -23.04 -48.91 14.85
C LEU E 5 -21.77 -48.26 14.33
N CYS E 6 -21.86 -47.65 13.15
CA CYS E 6 -20.70 -47.03 12.52
C CYS E 6 -20.82 -45.52 12.49
N ILE E 7 -19.69 -44.83 12.57
CA ILE E 7 -19.65 -43.38 12.45
C ILE E 7 -18.84 -42.96 11.23
N GLY E 8 -19.36 -42.01 10.47
CA GLY E 8 -18.77 -41.60 9.21
C GLY E 8 -19.18 -40.21 8.79
N TYR E 9 -18.81 -39.81 7.58
CA TYR E 9 -19.07 -38.44 7.10
C TYR E 9 -19.73 -38.39 5.73
N HIS E 10 -20.45 -37.31 5.49
CA HIS E 10 -21.15 -37.09 4.22
C HIS E 10 -20.18 -37.03 3.04
N ALA E 11 -20.55 -37.70 1.95
CA ALA E 11 -19.81 -37.63 0.70
C ALA E 11 -20.77 -37.47 -0.47
N ASN E 12 -20.27 -36.94 -1.58
CA ASN E 12 -21.10 -36.75 -2.76
C ASN E 12 -20.32 -36.75 -4.07
N ASN E 13 -21.00 -36.40 -5.15
CA ASN E 13 -20.40 -36.41 -6.48
C ASN E 13 -19.69 -35.10 -6.81
N SER E 14 -19.67 -34.18 -5.85
CA SER E 14 -19.17 -32.84 -6.10
C SER E 14 -17.77 -32.83 -6.70
N THR E 15 -17.62 -32.07 -7.78
CA THR E 15 -16.36 -32.00 -8.52
C THR E 15 -15.52 -30.82 -8.08
N ASP E 16 -16.03 -30.07 -7.11
CA ASP E 16 -15.37 -28.86 -6.64
C ASP E 16 -14.08 -29.19 -5.90
N THR E 17 -12.99 -28.56 -6.33
CA THR E 17 -11.70 -28.74 -5.67
C THR E 17 -11.16 -27.39 -5.19
N VAL E 18 -10.61 -27.38 -3.98
CA VAL E 18 -10.03 -26.17 -3.43
C VAL E 18 -8.52 -26.36 -3.27
N ASP E 19 -7.84 -25.31 -2.83
CA ASP E 19 -6.40 -25.38 -2.66
C ASP E 19 -6.02 -25.17 -1.20
N THR E 20 -4.94 -25.79 -0.79
CA THR E 20 -4.45 -25.68 0.58
C THR E 20 -2.93 -25.74 0.59
N VAL E 21 -2.31 -25.05 1.55
CA VAL E 21 -0.86 -24.99 1.61
C VAL E 21 -0.22 -26.36 1.47
N LEU E 22 -0.78 -27.36 2.15
CA LEU E 22 -0.23 -28.71 2.13
C LEU E 22 -0.69 -29.57 0.94
N GLU E 23 -1.79 -29.17 0.31
CA GLU E 23 -2.38 -30.01 -0.73
C GLU E 23 -3.06 -29.19 -1.83
N LYS E 24 -2.90 -29.64 -3.07
CA LYS E 24 -3.42 -28.91 -4.24
C LYS E 24 -4.55 -29.68 -4.92
N ASN E 25 -5.45 -28.93 -5.56
CA ASN E 25 -6.60 -29.54 -6.23
C ASN E 25 -7.26 -30.60 -5.37
N VAL E 26 -7.79 -30.18 -4.22
CA VAL E 26 -8.42 -31.10 -3.30
C VAL E 26 -9.93 -31.09 -3.46
N THR E 27 -10.47 -32.21 -3.91
CA THR E 27 -11.92 -32.36 -4.06
C THR E 27 -12.60 -32.29 -2.71
N VAL E 28 -13.69 -31.51 -2.65
CA VAL E 28 -14.42 -31.33 -1.40
C VAL E 28 -15.92 -31.26 -1.65
N THR E 29 -16.70 -31.63 -0.62
CA THR E 29 -18.14 -31.70 -0.74
C THR E 29 -18.79 -30.35 -1.05
N HIS E 30 -18.52 -29.36 -0.21
CA HIS E 30 -19.16 -28.05 -0.34
C HIS E 30 -18.13 -26.92 -0.37
N SER E 31 -18.30 -25.98 -1.29
CA SER E 31 -17.40 -24.85 -1.40
C SER E 31 -18.14 -23.63 -1.93
N VAL E 32 -17.57 -22.45 -1.66
CA VAL E 32 -18.11 -21.20 -2.19
C VAL E 32 -17.05 -20.47 -2.98
N ASN E 33 -17.44 -19.95 -4.13
CA ASN E 33 -16.57 -19.06 -4.90
C ASN E 33 -16.70 -17.64 -4.39
N LEU E 34 -15.60 -17.07 -3.92
CA LEU E 34 -15.62 -15.72 -3.36
C LEU E 34 -15.25 -14.66 -4.38
N LEU E 35 -14.97 -15.10 -5.60
CA LEU E 35 -14.52 -14.19 -6.66
C LEU E 35 -15.50 -14.15 -7.83
N GLU E 36 -15.87 -12.94 -8.23
CA GLU E 36 -16.83 -12.75 -9.31
C GLU E 36 -16.14 -12.61 -10.66
N ASP E 37 -16.38 -13.59 -11.53
CA ASP E 37 -15.85 -13.55 -12.89
C ASP E 37 -16.90 -13.02 -13.87
N ARG E 38 -18.06 -12.64 -13.33
CA ARG E 38 -19.24 -12.40 -14.16
C ARG E 38 -19.68 -10.94 -14.16
N HIS E 39 -19.80 -10.37 -15.36
CA HIS E 39 -20.24 -8.99 -15.50
C HIS E 39 -21.36 -8.84 -16.54
N ASN E 40 -22.08 -7.72 -16.46
CA ASN E 40 -23.27 -7.49 -17.27
C ASN E 40 -23.01 -7.37 -18.77
N GLY E 41 -21.79 -7.01 -19.13
CA GLY E 41 -21.39 -6.97 -20.54
C GLY E 41 -21.78 -5.70 -21.27
N LYS E 42 -22.54 -4.85 -20.59
CA LYS E 42 -22.97 -3.59 -21.18
C LYS E 42 -22.92 -2.43 -20.19
N LEU E 43 -23.02 -1.21 -20.71
CA LEU E 43 -22.95 -0.01 -19.86
C LEU E 43 -24.33 0.36 -19.33
N CYS E 44 -24.48 0.32 -18.02
CA CYS E 44 -25.81 0.39 -17.40
C CYS E 44 -26.02 1.64 -16.56
N LYS E 45 -27.18 1.73 -15.93
CA LYS E 45 -27.50 2.86 -15.07
C LYS E 45 -26.81 2.72 -13.72
N LEU E 46 -27.04 3.67 -12.83
CA LEU E 46 -26.56 3.53 -11.46
C LEU E 46 -27.63 3.92 -10.44
N ARG E 47 -28.04 2.96 -9.62
CA ARG E 47 -28.91 3.23 -8.48
C ARG E 47 -30.22 3.88 -8.91
N GLY E 48 -30.65 3.58 -10.14
CA GLY E 48 -31.83 4.23 -10.68
C GLY E 48 -31.47 5.39 -11.62
N VAL E 49 -30.65 6.32 -11.13
CA VAL E 49 -30.29 7.50 -11.92
C VAL E 49 -29.30 7.11 -13.02
N ALA E 50 -28.96 8.07 -13.88
CA ALA E 50 -28.23 7.74 -15.10
C ALA E 50 -26.75 8.15 -15.04
N PRO E 51 -26.00 7.79 -16.11
CA PRO E 51 -24.68 8.36 -16.39
C PRO E 51 -24.84 9.55 -17.31
N LEU E 52 -23.71 10.14 -17.73
CA LEU E 52 -23.72 11.18 -18.75
C LEU E 52 -22.76 10.78 -19.87
N HIS E 53 -23.31 10.50 -21.04
CA HIS E 53 -22.51 9.96 -22.15
C HIS E 53 -22.41 10.95 -23.30
N LEU E 54 -21.19 11.43 -23.55
CA LEU E 54 -20.98 12.53 -24.48
C LEU E 54 -20.85 12.11 -25.95
N GLY E 55 -20.79 10.82 -26.20
CA GLY E 55 -20.57 10.33 -27.55
C GLY E 55 -19.14 10.59 -28.01
N LYS E 56 -18.99 11.08 -29.24
CA LYS E 56 -17.66 11.29 -29.81
C LYS E 56 -17.01 12.58 -29.29
N CYS E 57 -17.80 13.42 -28.63
CA CYS E 57 -17.27 14.60 -27.95
C CYS E 57 -16.50 14.17 -26.71
N ASN E 58 -15.58 15.03 -26.26
CA ASN E 58 -14.88 14.79 -25.00
C ASN E 58 -15.30 15.84 -23.98
N ILE E 59 -14.77 15.75 -22.77
CA ILE E 59 -15.13 16.70 -21.72
C ILE E 59 -14.94 18.15 -22.19
N ALA E 60 -13.79 18.40 -22.83
CA ALA E 60 -13.50 19.71 -23.37
C ALA E 60 -14.63 20.19 -24.28
N GLY E 61 -15.03 19.33 -25.21
CA GLY E 61 -16.12 19.65 -26.11
C GLY E 61 -17.39 20.00 -25.37
N TRP E 62 -17.82 19.10 -24.48
CA TRP E 62 -19.06 19.30 -23.73
C TRP E 62 -19.05 20.64 -22.98
N LEU E 63 -17.89 21.00 -22.43
CA LEU E 63 -17.79 22.24 -21.69
C LEU E 63 -17.80 23.48 -22.57
N LEU E 64 -17.02 23.45 -23.65
CA LEU E 64 -16.94 24.57 -24.58
C LEU E 64 -18.17 24.62 -25.48
N GLY E 65 -18.93 23.53 -25.50
CA GLY E 65 -20.07 23.43 -26.38
C GLY E 65 -19.70 23.19 -27.83
N ASN E 66 -18.83 22.22 -28.07
CA ASN E 66 -18.46 21.84 -29.44
C ASN E 66 -19.73 21.60 -30.24
N PRO E 67 -19.77 22.14 -31.46
CA PRO E 67 -20.96 22.08 -32.33
C PRO E 67 -21.55 20.67 -32.44
N GLU E 68 -20.70 19.64 -32.50
CA GLU E 68 -21.18 18.27 -32.71
C GLU E 68 -21.68 17.61 -31.43
N CYS E 69 -21.59 18.33 -30.32
CA CYS E 69 -22.14 17.87 -29.06
C CYS E 69 -23.58 18.35 -28.91
N GLU E 70 -24.45 17.49 -28.38
CA GLU E 70 -25.84 17.84 -28.16
C GLU E 70 -26.08 18.67 -26.90
N SER E 71 -25.50 18.22 -25.78
CA SER E 71 -25.90 18.66 -24.44
C SER E 71 -27.30 18.17 -24.08
N ALA E 75 -26.75 17.79 -20.26
CA ALA E 75 -27.53 18.89 -19.70
C ALA E 75 -27.57 18.82 -18.17
N SER E 76 -28.58 18.15 -17.64
CA SER E 76 -28.97 18.31 -16.24
C SER E 76 -28.03 17.63 -15.23
N SER E 77 -28.21 16.33 -15.02
CA SER E 77 -27.52 15.64 -13.93
C SER E 77 -27.04 14.23 -14.31
N TRP E 78 -26.45 13.53 -13.33
CA TRP E 78 -25.91 12.18 -13.55
C TRP E 78 -25.31 11.61 -12.28
N SER E 79 -25.16 10.28 -12.25
CA SER E 79 -24.42 9.57 -11.21
C SER E 79 -22.91 9.55 -11.51
N TYR E 80 -22.57 9.31 -12.77
CA TYR E 80 -21.18 9.25 -13.21
C TYR E 80 -21.08 9.64 -14.69
N ILE E 81 -19.89 10.01 -15.13
CA ILE E 81 -19.69 10.48 -16.51
C ILE E 81 -18.89 9.50 -17.35
N VAL E 82 -19.17 9.46 -18.65
CA VAL E 82 -18.47 8.54 -19.54
C VAL E 82 -17.90 9.22 -20.78
N GLU E 83 -16.64 8.90 -21.08
CA GLU E 83 -15.95 9.46 -22.24
C GLU E 83 -15.37 8.30 -23.05
N THR E 84 -15.85 8.15 -24.29
CA THR E 84 -15.51 6.97 -25.10
C THR E 84 -14.02 6.84 -25.36
N SER E 85 -13.58 5.60 -25.60
CA SER E 85 -12.16 5.27 -25.74
C SER E 85 -11.42 6.29 -26.58
N SER E 86 -11.98 6.60 -27.74
CA SER E 86 -11.57 7.79 -28.48
C SER E 86 -12.70 8.79 -28.42
N SER E 87 -12.51 9.82 -27.62
CA SER E 87 -13.39 10.97 -27.67
C SER E 87 -12.61 12.08 -28.34
N ASP E 88 -12.99 12.36 -29.58
CA ASP E 88 -12.23 13.26 -30.41
C ASP E 88 -12.75 14.67 -30.28
N ASN E 89 -14.00 14.90 -30.66
CA ASN E 89 -14.38 16.26 -31.00
C ASN E 89 -14.02 17.16 -29.84
N GLY E 90 -13.07 18.02 -30.16
CA GLY E 90 -12.04 18.50 -29.24
C GLY E 90 -12.06 19.97 -28.99
N THR E 91 -10.85 20.48 -28.75
CA THR E 91 -10.54 21.83 -29.20
C THR E 91 -10.41 21.75 -30.72
N CYS E 92 -11.29 22.44 -31.43
CA CYS E 92 -11.39 22.37 -32.89
C CYS E 92 -10.54 23.48 -33.49
N TYR E 93 -10.08 24.37 -32.61
CA TYR E 93 -9.12 25.40 -32.99
C TYR E 93 -7.78 25.08 -32.36
N PRO E 94 -6.72 25.03 -33.18
CA PRO E 94 -5.39 24.71 -32.64
C PRO E 94 -5.05 25.59 -31.46
N GLY E 95 -4.63 24.97 -30.36
CA GLY E 95 -4.52 25.66 -29.09
C GLY E 95 -4.26 24.71 -27.93
N ASP E 96 -4.40 25.21 -26.72
CA ASP E 96 -4.11 24.41 -25.53
C ASP E 96 -5.07 24.70 -24.38
N PHE E 97 -5.46 23.65 -23.67
CA PHE E 97 -6.33 23.80 -22.50
C PHE E 97 -5.51 23.74 -21.22
N ILE E 98 -5.50 24.83 -20.47
CA ILE E 98 -4.75 24.90 -19.22
C ILE E 98 -5.43 24.09 -18.12
N ASN E 99 -4.64 23.28 -17.42
CA ASN E 99 -5.13 22.49 -16.30
C ASN E 99 -6.34 21.64 -16.66
N TYR E 100 -6.28 20.98 -17.81
CA TYR E 100 -7.39 20.16 -18.26
C TYR E 100 -7.76 19.09 -17.23
N GLU E 101 -6.77 18.33 -16.79
CA GLU E 101 -7.00 17.19 -15.91
C GLU E 101 -7.44 17.62 -14.52
N GLU E 102 -6.98 18.77 -14.07
CA GLU E 102 -7.42 19.32 -12.79
C GLU E 102 -8.90 19.65 -12.84
N LEU E 103 -9.32 20.20 -13.97
CA LEU E 103 -10.73 20.52 -14.20
C LEU E 103 -11.55 19.23 -14.21
N ARG E 104 -11.11 18.28 -15.02
CA ARG E 104 -11.76 16.97 -15.07
C ARG E 104 -11.93 16.40 -13.67
N GLU E 105 -10.87 16.50 -12.87
CA GLU E 105 -10.89 16.00 -11.51
C GLU E 105 -11.94 16.74 -10.69
N GLN E 106 -12.05 18.05 -10.91
CA GLN E 106 -13.05 18.86 -10.23
C GLN E 106 -14.46 18.35 -10.53
N LEU E 107 -14.76 18.14 -11.79
CA LEU E 107 -16.05 17.59 -12.18
C LEU E 107 -16.27 16.19 -11.61
N SER E 108 -15.18 15.45 -11.49
CA SER E 108 -15.23 14.02 -11.16
C SER E 108 -16.03 13.73 -9.89
N SER E 109 -16.15 14.72 -9.01
CA SER E 109 -17.12 14.64 -7.93
C SER E 109 -18.13 15.77 -8.03
N VAL E 110 -19.34 15.45 -8.46
CA VAL E 110 -20.43 16.42 -8.59
C VAL E 110 -21.64 15.76 -9.25
N SER E 111 -22.81 16.38 -9.15
CA SER E 111 -24.00 15.89 -9.83
C SER E 111 -24.79 17.03 -10.47
N SER E 112 -25.52 17.78 -9.65
CA SER E 112 -26.23 18.95 -10.12
C SER E 112 -25.23 19.96 -10.67
N PHE E 113 -25.70 20.80 -11.59
CA PHE E 113 -24.82 21.43 -12.56
C PHE E 113 -25.64 22.14 -13.63
N GLU E 114 -26.11 23.34 -13.33
CA GLU E 114 -26.99 24.05 -14.24
C GLU E 114 -26.26 25.04 -15.14
N ARG E 115 -26.37 24.82 -16.45
CA ARG E 115 -25.67 25.65 -17.44
C ARG E 115 -26.53 26.82 -17.90
N PHE E 116 -26.07 28.03 -17.61
CA PHE E 116 -26.88 29.22 -17.87
C PHE E 116 -26.11 30.27 -18.67
N GLU E 117 -26.80 31.27 -19.19
CA GLU E 117 -26.13 32.32 -19.96
C GLU E 117 -25.76 33.46 -19.02
N ILE E 118 -24.46 33.60 -18.76
CA ILE E 118 -23.97 34.61 -17.82
C ILE E 118 -23.85 35.98 -18.48
N PHE E 119 -23.32 36.00 -19.70
CA PHE E 119 -23.19 37.22 -20.47
C PHE E 119 -23.94 37.01 -21.78
N PRO E 120 -25.27 37.21 -21.75
CA PRO E 120 -26.11 36.93 -22.91
C PRO E 120 -25.56 37.58 -24.16
N LYS E 121 -25.53 36.83 -25.25
CA LYS E 121 -24.88 37.27 -26.48
C LYS E 121 -25.22 38.71 -26.81
N THR E 122 -26.50 38.95 -27.10
CA THR E 122 -26.97 40.23 -27.61
C THR E 122 -26.56 41.45 -26.76
N SER E 123 -27.09 41.52 -25.54
CA SER E 123 -27.09 42.75 -24.76
C SER E 123 -25.75 43.13 -24.12
N SER E 124 -24.85 42.15 -24.01
CA SER E 124 -23.60 42.35 -23.27
C SER E 124 -22.54 43.16 -24.03
N TRP E 125 -22.52 43.01 -25.36
CA TRP E 125 -21.49 43.65 -26.17
C TRP E 125 -22.07 44.55 -27.27
N PRO E 126 -22.46 45.78 -26.90
CA PRO E 126 -22.92 46.79 -27.86
C PRO E 126 -21.80 47.31 -28.74
N ASN E 127 -20.61 47.44 -28.15
CA ASN E 127 -19.49 48.10 -28.83
C ASN E 127 -18.55 47.15 -29.55
N HIS E 128 -18.90 45.87 -29.54
CA HIS E 128 -18.09 44.86 -30.21
C HIS E 128 -18.94 43.96 -31.10
N ASP E 129 -18.28 43.24 -31.99
CA ASP E 129 -18.97 42.47 -33.02
C ASP E 129 -19.03 41.02 -32.59
N THR E 130 -20.23 40.60 -32.20
CA THR E 130 -20.40 39.29 -31.58
C THR E 130 -20.68 38.23 -32.64
N ASN E 131 -20.85 38.66 -33.89
CA ASN E 131 -21.30 37.76 -34.94
C ASN E 131 -20.19 37.09 -35.73
N ARG E 132 -19.06 37.79 -35.88
CA ARG E 132 -17.95 37.27 -36.68
C ARG E 132 -16.99 36.40 -35.87
N GLY E 133 -17.55 35.42 -35.16
CA GLY E 133 -16.82 34.60 -34.21
C GLY E 133 -16.47 33.20 -34.65
N VAL E 134 -16.44 32.98 -35.97
CA VAL E 134 -16.36 31.62 -36.49
C VAL E 134 -15.17 31.41 -37.43
N THR E 135 -14.64 30.19 -37.43
CA THR E 135 -13.51 29.83 -38.27
C THR E 135 -13.83 28.64 -39.17
N ALA E 136 -12.99 28.44 -40.19
CA ALA E 136 -13.15 27.36 -41.15
C ALA E 136 -12.82 26.00 -40.55
N ALA E 137 -11.81 25.97 -39.67
CA ALA E 137 -11.33 24.72 -39.08
C ALA E 137 -12.40 24.04 -38.23
N CYS E 138 -13.29 24.84 -37.66
CA CYS E 138 -14.28 24.35 -36.71
C CYS E 138 -15.68 24.52 -37.30
N PRO E 139 -16.06 23.60 -38.19
CA PRO E 139 -17.19 23.85 -39.09
C PRO E 139 -18.54 23.47 -38.52
N TYR E 140 -19.60 23.74 -39.28
CA TYR E 140 -20.86 23.02 -39.14
C TYR E 140 -21.41 22.70 -40.54
N ALA E 141 -21.54 21.41 -40.84
CA ALA E 141 -22.03 20.94 -42.13
C ALA E 141 -21.25 21.53 -43.32
N GLY E 142 -19.93 21.66 -43.18
CA GLY E 142 -19.10 22.20 -44.24
C GLY E 142 -19.10 23.72 -44.24
N ALA E 143 -20.06 24.28 -43.52
CA ALA E 143 -20.11 25.71 -43.26
C ALA E 143 -19.27 26.02 -42.02
N LYS E 144 -19.34 27.26 -41.53
CA LYS E 144 -18.55 27.66 -40.37
C LYS E 144 -19.35 27.59 -39.07
N SER E 145 -18.70 27.13 -38.01
CA SER E 145 -19.33 27.09 -36.69
C SER E 145 -18.34 27.47 -35.58
N PHE E 146 -18.79 27.38 -34.34
CA PHE E 146 -17.95 27.71 -33.19
C PHE E 146 -18.61 27.23 -31.91
N TYR E 147 -17.96 27.47 -30.77
CA TYR E 147 -18.48 27.04 -29.49
C TYR E 147 -19.68 27.91 -29.08
N ARG E 148 -20.71 27.28 -28.54
CA ARG E 148 -21.94 28.00 -28.20
C ARG E 148 -21.86 28.68 -26.84
N ASN E 149 -20.88 28.30 -26.04
CA ASN E 149 -20.70 28.89 -24.72
C ASN E 149 -19.71 30.04 -24.74
N LEU E 150 -19.20 30.35 -25.93
CA LEU E 150 -18.19 31.39 -26.09
C LEU E 150 -18.55 32.37 -27.20
N ILE E 151 -18.54 33.65 -26.87
CA ILE E 151 -18.68 34.72 -27.85
C ILE E 151 -17.29 35.24 -28.22
N TRP E 152 -16.94 35.15 -29.49
CA TRP E 152 -15.64 35.66 -29.93
C TRP E 152 -15.81 37.11 -30.35
N LEU E 153 -15.28 38.02 -29.54
CA LEU E 153 -15.53 39.44 -29.73
C LEU E 153 -14.59 40.03 -30.77
N VAL E 154 -15.13 40.92 -31.60
CA VAL E 154 -14.39 41.46 -32.73
C VAL E 154 -14.50 42.97 -32.82
N LYS E 155 -13.95 43.53 -33.89
CA LYS E 155 -14.02 44.96 -34.16
C LYS E 155 -15.44 45.40 -34.50
N LYS E 156 -15.90 46.48 -33.87
CA LYS E 156 -17.12 47.14 -34.29
C LYS E 156 -16.69 48.20 -35.29
N GLU E 157 -17.08 48.01 -36.55
CA GLU E 157 -16.40 48.68 -37.65
C GLU E 157 -14.90 48.36 -37.58
N ASN E 158 -14.08 49.40 -37.43
CA ASN E 158 -12.65 49.21 -37.18
C ASN E 158 -12.27 49.34 -35.71
N SER E 159 -13.26 49.55 -34.85
CA SER E 159 -12.99 49.91 -33.47
C SER E 159 -13.16 48.75 -32.49
N TYR E 160 -12.32 48.75 -31.45
CA TYR E 160 -12.37 47.74 -30.40
C TYR E 160 -12.17 48.40 -29.04
N PRO E 161 -13.26 48.94 -28.46
CA PRO E 161 -13.22 49.59 -27.15
C PRO E 161 -12.75 48.65 -26.04
N LYS E 162 -12.00 49.19 -25.09
CA LYS E 162 -11.67 48.45 -23.87
C LYS E 162 -12.95 48.07 -23.13
N LEU E 163 -13.10 46.79 -22.81
CA LEU E 163 -14.28 46.34 -22.08
C LEU E 163 -13.97 45.85 -20.67
N SER E 164 -14.76 46.30 -19.71
CA SER E 164 -14.76 45.73 -18.36
C SER E 164 -16.13 45.15 -18.02
N LYS E 165 -16.20 43.83 -17.92
CA LYS E 165 -17.44 43.17 -17.54
C LYS E 165 -17.28 42.40 -16.23
N SER E 166 -18.32 42.40 -15.42
CA SER E 166 -18.26 41.73 -14.12
C SER E 166 -19.40 40.73 -13.96
N TYR E 167 -19.16 39.69 -13.18
CA TYR E 167 -20.24 38.85 -12.68
C TYR E 167 -20.06 38.57 -11.21
N ILE E 168 -21.04 39.00 -10.41
CA ILE E 168 -21.13 38.59 -9.03
C ILE E 168 -21.90 37.27 -8.99
N ASN E 169 -21.50 36.35 -8.11
CA ASN E 169 -22.21 35.10 -7.99
C ASN E 169 -23.16 35.17 -6.79
N ASN E 170 -24.45 35.30 -7.09
CA ASN E 170 -25.47 35.46 -6.07
C ASN E 170 -26.16 34.14 -5.73
N LYS E 171 -25.77 33.09 -6.45
CA LYS E 171 -26.27 31.75 -6.19
C LYS E 171 -25.61 31.22 -4.92
N GLY E 172 -25.97 29.99 -4.54
CA GLY E 172 -25.39 29.37 -3.37
C GLY E 172 -24.19 28.50 -3.72
N LYS E 173 -24.03 28.23 -5.01
CA LYS E 173 -23.01 27.29 -5.47
C LYS E 173 -21.72 27.97 -5.89
N GLU E 174 -20.75 27.15 -6.29
CA GLU E 174 -19.63 27.62 -7.08
C GLU E 174 -20.12 27.80 -8.51
N VAL E 175 -19.46 28.68 -9.26
CA VAL E 175 -19.79 28.82 -10.67
C VAL E 175 -18.55 28.67 -11.53
N LEU E 176 -18.61 27.71 -12.46
CA LEU E 176 -17.50 27.46 -13.37
C LEU E 176 -17.59 28.40 -14.57
N VAL E 177 -16.55 29.22 -14.74
CA VAL E 177 -16.46 30.16 -15.84
C VAL E 177 -15.25 29.83 -16.70
N LEU E 178 -15.47 29.67 -18.00
CA LEU E 178 -14.42 29.27 -18.92
C LEU E 178 -14.26 30.30 -20.03
N TRP E 179 -13.01 30.67 -20.32
CA TRP E 179 -12.74 31.64 -21.38
C TRP E 179 -11.57 31.20 -22.25
N GLY E 180 -11.18 32.07 -23.18
CA GLY E 180 -10.11 31.75 -24.11
C GLY E 180 -9.31 32.96 -24.55
N ILE E 181 -8.14 32.71 -25.09
CA ILE E 181 -7.22 33.77 -25.51
C ILE E 181 -6.70 33.45 -26.89
N HIS E 182 -6.86 34.37 -27.82
CA HIS E 182 -6.45 34.12 -29.20
C HIS E 182 -5.04 34.64 -29.49
N HIS E 183 -4.14 33.73 -29.84
CA HIS E 183 -2.84 34.12 -30.36
C HIS E 183 -2.82 33.97 -31.88
N PRO E 184 -2.83 35.10 -32.59
CA PRO E 184 -2.94 35.22 -34.05
C PRO E 184 -1.70 34.72 -34.79
N SER E 185 -1.90 34.35 -36.06
CA SER E 185 -0.81 33.82 -36.89
C SER E 185 0.03 34.94 -37.48
N THR E 186 -0.34 36.18 -37.18
CA THR E 186 0.37 37.34 -37.67
C THR E 186 -0.23 38.63 -37.13
N SER E 187 0.52 39.72 -37.23
CA SER E 187 0.04 41.03 -36.83
C SER E 187 -1.15 41.43 -37.70
N ALA E 188 -1.07 41.11 -38.98
CA ALA E 188 -2.14 41.41 -39.92
C ALA E 188 -3.49 41.00 -39.37
N ASP E 189 -3.56 39.78 -38.82
CA ASP E 189 -4.77 39.31 -38.16
C ASP E 189 -5.10 40.15 -36.93
N GLN E 190 -4.12 40.32 -36.05
CA GLN E 190 -4.32 41.05 -34.80
C GLN E 190 -4.98 42.41 -35.03
N GLN E 191 -4.30 43.27 -35.77
CA GLN E 191 -4.80 44.63 -36.01
C GLN E 191 -5.92 44.65 -37.05
N SER E 192 -6.04 43.57 -37.81
CA SER E 192 -7.13 43.46 -38.78
C SER E 192 -8.43 43.14 -38.07
N LEU E 193 -8.31 42.61 -36.85
CA LEU E 193 -9.40 41.90 -36.20
C LEU E 193 -9.81 42.59 -34.90
N TYR E 194 -8.92 42.56 -33.92
CA TYR E 194 -9.14 43.29 -32.67
C TYR E 194 -8.67 44.74 -32.83
N GLN E 195 -7.94 44.98 -33.92
CA GLN E 195 -7.64 46.34 -34.39
C GLN E 195 -6.64 47.10 -33.52
N ASN E 196 -6.31 46.55 -32.37
CA ASN E 196 -5.31 47.16 -31.50
C ASN E 196 -4.01 46.34 -31.46
N ALA E 197 -2.95 46.87 -32.05
CA ALA E 197 -1.66 46.17 -32.11
C ALA E 197 -1.25 45.69 -30.72
N ASP E 198 -1.30 46.59 -29.75
CA ASP E 198 -1.27 46.20 -28.36
C ASP E 198 -2.64 45.74 -27.94
N ALA E 199 -2.72 44.54 -27.39
CA ALA E 199 -3.94 44.10 -26.73
C ALA E 199 -3.55 43.48 -25.40
N TYR E 200 -4.44 43.59 -24.41
CA TYR E 200 -4.21 42.91 -23.15
C TYR E 200 -5.53 42.39 -22.59
N VAL E 201 -5.49 41.18 -22.06
CA VAL E 201 -6.63 40.64 -21.32
C VAL E 201 -6.24 40.56 -19.87
N PHE E 202 -7.17 40.92 -18.99
CA PHE E 202 -6.92 40.80 -17.57
C PHE E 202 -8.14 40.23 -16.86
N VAL E 203 -7.92 39.14 -16.13
CA VAL E 203 -8.98 38.45 -15.43
C VAL E 203 -8.71 38.47 -13.94
N CYS E 204 -9.67 39.00 -13.18
CA CYS E 204 -9.48 39.16 -11.74
C CYS E 204 -10.62 38.54 -10.94
N SER E 205 -10.24 37.62 -10.05
CA SER E 205 -11.16 37.03 -9.09
C SER E 205 -10.50 37.06 -7.71
N SER E 206 -11.18 36.48 -6.72
CA SER E 206 -10.63 36.46 -5.36
C SER E 206 -9.51 35.44 -5.27
N ARG E 207 -9.42 34.57 -6.29
CA ARG E 207 -8.32 33.64 -6.41
C ARG E 207 -7.52 33.93 -7.67
N TYR E 208 -8.18 33.81 -8.82
CA TYR E 208 -7.53 34.06 -10.09
C TYR E 208 -7.23 35.54 -10.33
N SER E 209 -5.96 35.85 -10.57
CA SER E 209 -5.58 37.12 -11.18
C SER E 209 -4.50 36.91 -12.23
N LYS E 210 -4.79 37.24 -13.48
CA LYS E 210 -3.77 37.11 -14.53
C LYS E 210 -3.97 38.07 -15.71
N LYS E 211 -2.87 38.43 -16.36
CA LYS E 211 -2.91 39.31 -17.53
C LYS E 211 -2.18 38.68 -18.71
N PHE E 212 -2.93 38.36 -19.76
CA PHE E 212 -2.37 37.79 -20.98
C PHE E 212 -2.23 38.85 -22.06
N LYS E 213 -1.00 39.16 -22.43
CA LYS E 213 -0.73 39.87 -23.66
C LYS E 213 -0.52 38.80 -24.74
N PRO E 214 -1.04 39.05 -25.95
CA PRO E 214 -0.93 38.04 -27.01
C PRO E 214 0.50 37.76 -27.43
N GLU E 215 0.78 36.51 -27.77
CA GLU E 215 2.04 36.16 -28.41
C GLU E 215 1.77 35.77 -29.85
N ILE E 216 2.19 36.62 -30.78
CA ILE E 216 1.95 36.34 -32.19
C ILE E 216 3.08 35.54 -32.81
N ALA E 217 2.70 34.48 -33.52
CA ALA E 217 3.60 33.81 -34.45
C ALA E 217 2.85 32.63 -35.06
N ALA E 218 3.34 32.15 -36.20
CA ALA E 218 2.69 31.06 -36.90
C ALA E 218 3.53 29.79 -36.80
N CYS E 219 3.06 28.85 -35.98
CA CYS E 219 3.65 27.52 -35.90
C CYS E 219 2.73 26.53 -36.62
N PRO E 220 3.07 25.23 -36.61
CA PRO E 220 2.40 24.29 -37.52
C PRO E 220 0.88 24.43 -37.54
N LYS E 221 0.30 24.30 -38.72
CA LYS E 221 -1.15 24.29 -38.87
C LYS E 221 -1.69 22.90 -38.60
N VAL E 222 -2.62 22.81 -37.66
CA VAL E 222 -3.49 21.65 -37.58
C VAL E 222 -4.88 22.19 -37.88
N ARG E 223 -5.87 21.31 -38.00
CA ARG E 223 -7.19 21.72 -38.43
C ARG E 223 -7.07 22.68 -39.62
N ASP E 224 -6.11 22.38 -40.51
CA ASP E 224 -5.91 23.16 -41.74
C ASP E 224 -5.23 24.53 -41.54
N GLN E 225 -5.15 24.99 -40.29
CA GLN E 225 -4.72 26.37 -40.02
C GLN E 225 -3.73 26.51 -38.85
N ALA E 226 -2.89 27.55 -38.92
CA ALA E 226 -1.75 27.71 -38.03
C ALA E 226 -1.98 28.60 -36.80
N GLY E 227 -3.18 29.15 -36.67
CA GLY E 227 -3.50 30.05 -35.58
C GLY E 227 -3.46 29.36 -34.23
N ARG E 228 -3.65 30.12 -33.15
CA ARG E 228 -3.57 29.54 -31.81
C ARG E 228 -4.64 30.08 -30.88
N ILE E 229 -5.12 29.25 -29.97
CA ILE E 229 -6.04 29.70 -28.93
C ILE E 229 -5.88 28.87 -27.64
N ASN E 230 -5.99 29.53 -26.49
CA ASN E 230 -5.74 28.88 -25.22
C ASN E 230 -6.91 29.05 -24.25
N TYR E 231 -7.39 27.94 -23.72
CA TYR E 231 -8.59 27.95 -22.90
C TYR E 231 -8.24 27.90 -21.42
N TYR E 232 -8.97 28.68 -20.63
CA TYR E 232 -8.74 28.74 -19.20
C TYR E 232 -10.06 28.65 -18.47
N TRP E 233 -10.01 28.30 -17.20
CA TRP E 233 -11.21 28.11 -16.40
C TRP E 233 -11.00 28.49 -14.94
N THR E 234 -12.08 28.92 -14.29
CA THR E 234 -12.01 29.24 -12.88
C THR E 234 -13.33 28.95 -12.19
N LEU E 235 -13.23 28.54 -10.93
CA LEU E 235 -14.38 28.39 -10.07
C LEU E 235 -14.52 29.65 -9.23
N VAL E 236 -15.64 30.34 -9.40
CA VAL E 236 -15.90 31.55 -8.63
C VAL E 236 -16.92 31.26 -7.52
N GLU E 237 -16.59 31.67 -6.30
CA GLU E 237 -17.40 31.35 -5.14
C GLU E 237 -18.57 32.33 -4.97
N PRO E 238 -19.60 31.91 -4.20
CA PRO E 238 -20.72 32.81 -3.91
C PRO E 238 -20.22 34.07 -3.22
N GLY E 239 -20.89 35.19 -3.46
CA GLY E 239 -20.45 36.46 -2.92
C GLY E 239 -19.06 36.84 -3.40
N ASP E 240 -18.81 36.63 -4.69
CA ASP E 240 -17.51 36.92 -5.30
C ASP E 240 -17.71 37.50 -6.69
N LYS E 241 -16.89 38.49 -7.03
CA LYS E 241 -16.97 39.09 -8.36
C LYS E 241 -15.83 38.60 -9.26
N ILE E 242 -16.19 38.10 -10.44
CA ILE E 242 -15.21 37.82 -11.48
C ILE E 242 -15.22 38.95 -12.52
N THR E 243 -14.04 39.45 -12.85
CA THR E 243 -13.94 40.63 -13.70
C THR E 243 -13.04 40.40 -14.92
N PHE E 244 -13.54 40.81 -16.07
CA PHE E 244 -12.81 40.73 -17.33
C PHE E 244 -12.52 42.14 -17.87
N GLU E 245 -11.30 42.33 -18.38
CA GLU E 245 -10.96 43.55 -19.08
C GLU E 245 -10.18 43.22 -20.35
N ALA E 246 -10.64 43.72 -21.49
CA ALA E 246 -9.98 43.39 -22.75
C ALA E 246 -9.89 44.56 -23.73
N THR E 247 -8.70 44.78 -24.25
CA THR E 247 -8.53 45.63 -25.43
C THR E 247 -8.43 44.76 -26.68
N GLY E 248 -8.45 43.45 -26.49
CA GLY E 248 -8.47 42.52 -27.60
C GLY E 248 -8.06 41.11 -27.25
N ASN E 249 -8.28 40.21 -28.21
CA ASN E 249 -7.77 38.85 -28.16
C ASN E 249 -8.59 37.89 -27.30
N LEU E 250 -9.59 38.42 -26.58
CA LEU E 250 -10.40 37.61 -25.68
C LEU E 250 -11.51 36.84 -26.39
N VAL E 251 -11.55 35.53 -26.17
CA VAL E 251 -12.71 34.71 -26.51
C VAL E 251 -13.50 34.51 -25.23
N VAL E 252 -14.77 34.89 -25.25
CA VAL E 252 -15.46 35.28 -24.02
C VAL E 252 -16.53 34.30 -23.56
N PRO E 253 -16.78 34.27 -22.24
CA PRO E 253 -17.83 33.45 -21.63
C PRO E 253 -19.22 33.88 -22.07
N ARG E 254 -20.05 32.91 -22.42
CA ARG E 254 -21.45 33.14 -22.71
C ARG E 254 -22.26 32.39 -21.67
N TYR E 255 -22.08 31.07 -21.67
CA TYR E 255 -22.66 30.21 -20.65
C TYR E 255 -21.64 29.86 -19.57
N ALA E 256 -22.08 29.90 -18.31
CA ALA E 256 -21.30 29.43 -17.17
C ALA E 256 -22.07 28.30 -16.49
N PHE E 257 -21.38 27.50 -15.68
CA PHE E 257 -22.02 26.32 -15.09
C PHE E 257 -22.07 26.35 -13.55
N ALA E 258 -23.28 26.46 -13.00
CA ALA E 258 -23.46 26.46 -11.54
C ALA E 258 -23.35 25.06 -10.98
N MET E 259 -22.59 24.90 -9.90
CA MET E 259 -22.18 23.57 -9.47
C MET E 259 -22.66 23.19 -8.07
N GLU E 260 -23.49 22.16 -8.00
CA GLU E 260 -23.92 21.57 -6.74
C GLU E 260 -23.05 20.35 -6.44
N ARG E 261 -22.36 20.37 -5.30
CA ARG E 261 -21.30 19.41 -5.04
C ARG E 261 -21.77 18.14 -4.35
N ASN E 262 -21.66 17.02 -5.06
CA ASN E 262 -21.77 15.71 -4.43
C ASN E 262 -20.37 15.12 -4.27
N SER E 263 -20.14 14.50 -3.11
CA SER E 263 -18.81 14.02 -2.73
C SER E 263 -18.38 12.80 -3.55
N GLY E 264 -19.27 12.30 -4.40
CA GLY E 264 -18.99 11.09 -5.15
C GLY E 264 -19.65 11.10 -6.52
N SER E 265 -19.10 10.26 -7.40
CA SER E 265 -19.35 10.32 -8.84
C SER E 265 -18.12 9.68 -9.49
N GLY E 266 -17.74 10.17 -10.67
CA GLY E 266 -16.54 9.68 -11.33
C GLY E 266 -16.56 9.86 -12.83
N ILE E 267 -15.46 9.50 -13.48
CA ILE E 267 -15.36 9.54 -14.94
C ILE E 267 -14.79 8.23 -15.50
N ILE E 268 -15.57 7.57 -16.35
CA ILE E 268 -15.15 6.31 -16.94
C ILE E 268 -14.90 6.48 -18.43
N ILE E 269 -13.78 5.95 -18.90
CA ILE E 269 -13.51 5.96 -20.34
C ILE E 269 -13.86 4.60 -20.92
N SER E 270 -14.94 4.55 -21.70
CA SER E 270 -15.48 3.28 -22.17
C SER E 270 -15.98 3.31 -23.61
N ASP E 271 -15.57 2.30 -24.39
CA ASP E 271 -16.11 2.10 -25.72
C ASP E 271 -17.45 1.37 -25.65
N THR E 272 -17.68 0.71 -24.51
CA THR E 272 -18.83 -0.16 -24.36
C THR E 272 -20.14 0.62 -24.52
N SER E 273 -21.15 -0.05 -25.08
CA SER E 273 -22.42 0.59 -25.41
C SER E 273 -23.33 0.70 -24.19
N VAL E 274 -23.93 1.86 -23.99
CA VAL E 274 -24.81 2.08 -22.86
C VAL E 274 -26.11 1.31 -23.07
N HIS E 275 -27.04 1.45 -22.13
CA HIS E 275 -28.26 0.64 -22.11
C HIS E 275 -29.18 1.04 -20.96
N ASP E 276 -30.38 0.49 -20.97
CA ASP E 276 -31.31 0.65 -19.86
C ASP E 276 -31.10 -0.48 -18.85
N CYS E 277 -30.65 -0.12 -17.66
CA CYS E 277 -30.61 -1.07 -16.55
C CYS E 277 -30.62 -0.30 -15.24
N ASN E 278 -30.34 -1.00 -14.15
CA ASN E 278 -29.80 -0.38 -12.96
C ASN E 278 -28.54 -1.13 -12.60
N THR E 279 -27.86 -0.68 -11.54
CA THR E 279 -26.95 -1.53 -10.79
C THR E 279 -26.25 -0.71 -9.70
N THR E 280 -25.76 -1.38 -8.67
CA THR E 280 -25.03 -0.71 -7.60
C THR E 280 -23.52 -0.75 -7.83
N CYS E 281 -23.09 -1.52 -8.82
CA CYS E 281 -21.68 -1.60 -9.17
C CYS E 281 -21.51 -1.58 -10.67
N GLN E 282 -20.77 -0.61 -11.19
CA GLN E 282 -20.63 -0.43 -12.63
C GLN E 282 -19.18 -0.28 -13.04
N THR E 283 -18.84 -0.89 -14.17
CA THR E 283 -17.47 -0.94 -14.64
C THR E 283 -17.44 -0.72 -16.14
N PRO E 284 -16.30 -0.22 -16.65
CA PRO E 284 -16.09 0.06 -18.08
C PRO E 284 -16.44 -1.13 -18.98
N LYS E 285 -16.17 -2.35 -18.53
CA LYS E 285 -16.44 -3.55 -19.32
C LYS E 285 -17.91 -3.95 -19.26
N GLY E 286 -18.61 -3.54 -18.21
CA GLY E 286 -19.99 -3.92 -18.00
C GLY E 286 -20.41 -3.69 -16.56
N ALA E 287 -21.66 -4.04 -16.24
CA ALA E 287 -22.15 -3.87 -14.88
C ALA E 287 -21.90 -5.13 -14.05
N ILE E 288 -22.23 -5.05 -12.76
CA ILE E 288 -21.97 -6.16 -11.86
C ILE E 288 -23.07 -6.37 -10.82
N ASN E 289 -23.53 -7.60 -10.71
CA ASN E 289 -24.45 -7.98 -9.64
C ASN E 289 -23.86 -9.14 -8.86
N THR E 290 -23.56 -8.91 -7.60
CA THR E 290 -23.04 -9.98 -6.75
C THR E 290 -22.81 -9.49 -5.32
N SER E 291 -22.80 -10.43 -4.38
CA SER E 291 -22.37 -10.13 -3.01
C SER E 291 -20.93 -10.58 -2.79
N LEU E 292 -20.35 -11.19 -3.82
CA LEU E 292 -19.01 -11.74 -3.73
C LEU E 292 -17.98 -10.65 -3.45
N PRO E 293 -17.15 -10.84 -2.40
CA PRO E 293 -16.25 -9.81 -1.89
C PRO E 293 -15.16 -9.41 -2.88
N PHE E 294 -14.91 -10.26 -3.88
CA PHE E 294 -13.83 -10.01 -4.84
C PHE E 294 -14.31 -10.08 -6.28
N GLN E 295 -13.58 -9.43 -7.18
CA GLN E 295 -13.80 -9.60 -8.62
C GLN E 295 -12.51 -9.40 -9.40
N ASN E 296 -12.35 -10.18 -10.46
CA ASN E 296 -11.25 -9.99 -11.39
C ASN E 296 -11.69 -9.17 -12.60
N ILE E 297 -12.93 -8.72 -12.59
CA ILE E 297 -13.53 -8.04 -13.73
C ILE E 297 -12.73 -6.82 -14.21
N HIS E 298 -12.75 -5.74 -13.43
CA HIS E 298 -12.04 -4.53 -13.80
C HIS E 298 -11.44 -3.81 -12.59
N PRO E 299 -10.25 -3.22 -12.77
CA PRO E 299 -9.62 -2.41 -11.73
C PRO E 299 -10.45 -1.16 -11.42
N VAL E 300 -10.99 -0.55 -12.47
CA VAL E 300 -11.81 0.65 -12.32
C VAL E 300 -13.27 0.28 -12.11
N THR E 301 -13.83 0.71 -10.98
CA THR E 301 -15.24 0.49 -10.71
C THR E 301 -15.84 1.69 -9.98
N ILE E 302 -17.06 2.05 -10.33
CA ILE E 302 -17.77 3.05 -9.55
C ILE E 302 -19.08 2.48 -9.03
N GLY E 303 -19.54 3.02 -7.90
CA GLY E 303 -20.59 2.40 -7.13
C GLY E 303 -19.95 1.60 -6.01
N GLU E 304 -20.76 0.86 -5.25
CA GLU E 304 -20.22 0.07 -4.15
C GLU E 304 -19.87 -1.33 -4.65
N CYS E 305 -18.58 -1.65 -4.61
CA CYS E 305 -18.03 -2.77 -5.36
C CYS E 305 -17.04 -3.61 -4.57
N PRO E 306 -16.80 -4.84 -5.07
CA PRO E 306 -15.78 -5.78 -4.57
C PRO E 306 -14.35 -5.28 -4.83
N LYS E 307 -13.38 -5.84 -4.10
CA LYS E 307 -11.96 -5.58 -4.39
C LYS E 307 -11.59 -6.16 -5.73
N TYR E 308 -10.78 -5.45 -6.50
CA TYR E 308 -10.20 -6.02 -7.71
C TYR E 308 -9.00 -6.88 -7.33
N VAL E 309 -8.90 -8.03 -7.98
CA VAL E 309 -7.80 -8.95 -7.72
C VAL E 309 -7.35 -9.59 -9.02
N LYS E 310 -6.09 -9.97 -9.11
CA LYS E 310 -5.60 -10.68 -10.29
C LYS E 310 -6.07 -12.13 -10.26
N SER E 311 -6.62 -12.55 -9.13
CA SER E 311 -7.01 -13.94 -8.92
C SER E 311 -7.92 -14.46 -10.03
N THR E 312 -7.55 -15.61 -10.60
CA THR E 312 -8.38 -16.27 -11.60
C THR E 312 -9.55 -16.95 -10.90
N LYS E 313 -9.24 -17.66 -9.81
CA LYS E 313 -10.25 -18.32 -9.01
C LYS E 313 -9.92 -18.29 -7.52
N LEU E 314 -10.91 -17.91 -6.71
CA LEU E 314 -10.77 -18.01 -5.27
C LEU E 314 -11.88 -18.91 -4.72
N ARG E 315 -11.50 -20.09 -4.24
CA ARG E 315 -12.47 -21.09 -3.83
C ARG E 315 -12.29 -21.49 -2.38
N MET E 316 -13.28 -21.19 -1.57
CA MET E 316 -13.20 -21.41 -0.13
C MET E 316 -14.00 -22.64 0.28
N ALA E 317 -13.41 -23.46 1.15
CA ALA E 317 -14.03 -24.72 1.52
C ALA E 317 -14.99 -24.59 2.70
N THR E 318 -16.25 -24.92 2.46
CA THR E 318 -17.26 -24.97 3.51
C THR E 318 -17.36 -26.38 4.08
N GLY E 319 -17.72 -27.33 3.23
CA GLY E 319 -17.81 -28.73 3.61
C GLY E 319 -16.46 -29.41 3.74
N LEU E 320 -16.48 -30.74 3.69
CA LEU E 320 -15.29 -31.53 4.01
C LEU E 320 -14.73 -32.26 2.80
N ARG E 321 -13.66 -33.02 3.03
CA ARG E 321 -12.95 -33.71 1.95
C ARG E 321 -13.81 -34.80 1.32
N ASN E 322 -13.86 -34.80 -0.01
CA ASN E 322 -14.60 -35.83 -0.72
C ASN E 322 -13.83 -37.16 -0.79
N VAL E 323 -14.43 -38.21 -0.26
CA VAL E 323 -13.89 -39.57 -0.39
C VAL E 323 -15.02 -40.57 -0.66
N PRO E 324 -15.58 -40.51 -1.88
CA PRO E 324 -16.81 -41.17 -2.31
C PRO E 324 -16.72 -42.70 -2.38
N SER E 325 -15.62 -43.22 -2.90
CA SER E 325 -15.50 -44.62 -3.27
C SER E 325 -16.53 -45.02 -4.34
N GLY F 1 -6.38 -35.88 7.35
CA GLY F 1 -6.14 -36.55 8.62
C GLY F 1 -5.14 -35.83 9.50
N LEU F 2 -5.49 -34.62 9.93
CA LEU F 2 -4.75 -33.95 10.98
C LEU F 2 -5.20 -34.56 12.30
N PHE F 3 -6.50 -34.77 12.42
CA PHE F 3 -7.07 -35.46 13.58
C PHE F 3 -7.25 -36.94 13.30
N GLY F 4 -6.85 -37.37 12.10
CA GLY F 4 -6.77 -38.78 11.75
C GLY F 4 -8.10 -39.47 11.55
N ALA F 5 -9.18 -38.69 11.44
CA ALA F 5 -10.51 -39.27 11.26
C ALA F 5 -10.87 -39.39 9.78
N ILE F 6 -11.12 -38.25 9.14
CA ILE F 6 -11.47 -38.26 7.72
C ILE F 6 -10.29 -38.74 6.87
N ALA F 7 -10.55 -39.76 6.05
CA ALA F 7 -9.50 -40.47 5.31
C ALA F 7 -8.50 -41.06 6.31
N GLY F 8 -8.97 -41.22 7.54
CA GLY F 8 -8.18 -41.70 8.66
C GLY F 8 -8.47 -43.15 8.96
N PHE F 9 -8.46 -43.50 10.24
CA PHE F 9 -8.92 -44.82 10.66
C PHE F 9 -10.37 -45.05 10.23
N ILE F 10 -11.05 -43.98 9.84
CA ILE F 10 -12.28 -44.11 9.06
C ILE F 10 -11.93 -43.86 7.60
N GLU F 11 -11.95 -44.91 6.79
CA GLU F 11 -11.31 -44.87 5.47
C GLU F 11 -11.97 -43.95 4.43
N GLY F 12 -13.26 -43.67 4.60
CA GLY F 12 -13.98 -42.88 3.62
C GLY F 12 -15.38 -42.49 4.04
N GLY F 13 -16.03 -41.69 3.21
CA GLY F 13 -17.35 -41.16 3.52
C GLY F 13 -18.47 -41.94 2.88
N TRP F 14 -19.69 -41.69 3.35
CA TRP F 14 -20.86 -42.38 2.84
C TRP F 14 -21.66 -41.50 1.89
N THR F 15 -21.67 -41.87 0.61
CA THR F 15 -22.46 -41.13 -0.38
C THR F 15 -23.93 -41.20 -0.01
N GLY F 16 -24.29 -42.22 0.77
CA GLY F 16 -25.67 -42.52 1.08
C GLY F 16 -26.26 -41.75 2.25
N MET F 17 -25.47 -40.89 2.88
CA MET F 17 -26.01 -40.01 3.91
C MET F 17 -26.16 -38.59 3.38
N ILE F 18 -27.41 -38.21 3.09
CA ILE F 18 -27.71 -36.93 2.48
C ILE F 18 -28.16 -35.90 3.51
N ASP F 19 -28.27 -36.33 4.76
CA ASP F 19 -28.98 -35.55 5.76
C ASP F 19 -28.09 -34.58 6.53
N GLY F 20 -26.77 -34.72 6.36
CA GLY F 20 -25.84 -33.84 7.05
C GLY F 20 -24.39 -34.26 6.92
N TRP F 21 -23.50 -33.50 7.55
CA TRP F 21 -22.05 -33.70 7.45
C TRP F 21 -21.58 -34.93 8.21
N TYR F 22 -21.99 -35.05 9.47
CA TYR F 22 -21.59 -36.19 10.29
C TYR F 22 -22.83 -36.94 10.77
N GLY F 23 -22.74 -38.28 10.79
CA GLY F 23 -23.86 -39.10 11.21
C GLY F 23 -23.49 -40.56 11.45
N TYR F 24 -24.53 -41.40 11.58
CA TYR F 24 -24.35 -42.80 11.93
C TYR F 24 -24.89 -43.72 10.83
N HIS F 25 -24.33 -44.92 10.75
CA HIS F 25 -24.96 -46.06 10.07
C HIS F 25 -25.20 -47.15 11.11
N HIS F 26 -26.17 -48.04 10.88
CA HIS F 26 -26.51 -49.03 11.93
C HIS F 26 -27.18 -50.33 11.47
N GLN F 27 -27.04 -51.38 12.28
CA GLN F 27 -27.62 -52.66 11.92
C GLN F 27 -28.27 -53.25 13.15
N ASN F 28 -29.46 -53.81 12.97
CA ASN F 28 -30.06 -54.66 13.99
C ASN F 28 -31.05 -55.64 13.36
N GLU F 29 -31.84 -56.34 14.17
CA GLU F 29 -32.93 -57.17 13.65
C GLU F 29 -33.91 -56.30 12.85
N GLN F 30 -34.02 -55.03 13.26
CA GLN F 30 -34.90 -54.09 12.58
C GLN F 30 -34.20 -53.49 11.36
N GLY F 31 -32.97 -53.95 11.10
CA GLY F 31 -32.27 -53.64 9.87
C GLY F 31 -31.25 -52.52 9.97
N SER F 32 -30.86 -52.00 8.81
CA SER F 32 -29.76 -51.04 8.68
C SER F 32 -30.28 -49.60 8.62
N GLY F 33 -29.34 -48.64 8.56
CA GLY F 33 -29.69 -47.24 8.27
C GLY F 33 -28.59 -46.17 8.31
N TYR F 34 -28.86 -45.08 7.60
CA TYR F 34 -27.96 -43.95 7.58
C TYR F 34 -28.78 -42.85 8.21
N ALA F 35 -28.42 -42.43 9.42
CA ALA F 35 -29.09 -41.31 10.07
C ALA F 35 -28.08 -40.26 10.51
N ALA F 36 -28.16 -39.07 9.91
CA ALA F 36 -27.20 -38.01 10.17
C ALA F 36 -27.35 -37.43 11.58
N ASP F 37 -26.22 -37.26 12.27
CA ASP F 37 -26.23 -36.59 13.57
C ASP F 37 -26.57 -35.12 13.38
N LEU F 38 -27.48 -34.62 14.22
CA LEU F 38 -28.01 -33.27 14.04
C LEU F 38 -27.19 -32.19 14.72
N LYS F 39 -27.12 -32.25 16.05
CA LYS F 39 -26.51 -31.17 16.83
C LYS F 39 -25.15 -30.75 16.29
N SER F 40 -24.19 -31.68 16.32
CA SER F 40 -22.84 -31.40 15.84
C SER F 40 -22.86 -30.79 14.44
N THR F 41 -23.59 -31.42 13.52
CA THR F 41 -23.67 -30.93 12.15
C THR F 41 -24.04 -29.46 12.11
N GLN F 42 -25.14 -29.11 12.78
CA GLN F 42 -25.61 -27.72 12.80
C GLN F 42 -24.59 -26.80 13.44
N ASN F 43 -23.92 -27.27 14.48
CA ASN F 43 -22.83 -26.51 15.10
C ASN F 43 -21.74 -26.17 14.10
N ALA F 44 -21.42 -27.14 13.23
CA ALA F 44 -20.42 -26.94 12.20
C ALA F 44 -20.91 -25.98 11.13
N ILE F 45 -22.20 -26.09 10.79
CA ILE F 45 -22.82 -25.15 9.86
C ILE F 45 -22.65 -23.73 10.39
N ASP F 46 -22.87 -23.57 11.69
CA ASP F 46 -22.74 -22.28 12.35
C ASP F 46 -21.31 -21.78 12.28
N GLY F 47 -20.38 -22.63 12.73
CA GLY F 47 -18.97 -22.29 12.68
C GLY F 47 -18.51 -21.82 11.30
N ILE F 48 -18.83 -22.61 10.28
CA ILE F 48 -18.36 -22.35 8.92
C ILE F 48 -19.03 -21.15 8.29
N THR F 49 -20.35 -21.05 8.42
CA THR F 49 -21.07 -19.89 7.90
C THR F 49 -20.62 -18.61 8.59
N ASN F 50 -20.17 -18.74 9.83
CA ASN F 50 -19.59 -17.62 10.56
C ASN F 50 -18.19 -17.34 10.07
N LYS F 51 -17.53 -18.39 9.58
CA LYS F 51 -16.19 -18.25 9.01
C LYS F 51 -16.21 -17.44 7.73
N VAL F 52 -17.07 -17.85 6.78
CA VAL F 52 -17.17 -17.16 5.50
C VAL F 52 -17.88 -15.83 5.65
N ASN F 53 -18.96 -15.81 6.42
CA ASN F 53 -19.64 -14.56 6.75
C ASN F 53 -18.66 -13.54 7.30
N SER F 54 -17.83 -13.97 8.24
CA SER F 54 -16.81 -13.11 8.83
C SER F 54 -15.77 -12.67 7.80
N VAL F 55 -15.29 -13.62 7.00
CA VAL F 55 -14.31 -13.29 5.97
C VAL F 55 -14.83 -12.17 5.07
N ILE F 56 -16.09 -12.30 4.65
CA ILE F 56 -16.72 -11.25 3.85
C ILE F 56 -16.82 -9.93 4.63
N GLU F 57 -17.31 -10.02 5.86
CA GLU F 57 -17.46 -8.85 6.73
C GLU F 57 -16.16 -8.04 6.82
N LYS F 58 -15.04 -8.75 6.89
CA LYS F 58 -13.76 -8.14 7.26
C LYS F 58 -13.25 -7.11 6.25
N MET F 59 -13.81 -7.11 5.05
CA MET F 59 -13.34 -6.24 3.96
C MET F 59 -14.24 -5.00 3.77
N ASN F 60 -13.71 -3.83 4.12
CA ASN F 60 -14.47 -2.57 4.08
C ASN F 60 -13.93 -1.58 3.05
N THR F 61 -14.69 -1.38 1.97
CA THR F 61 -14.32 -0.46 0.90
C THR F 61 -14.64 1.01 1.25
N GLN F 62 -13.90 1.93 0.65
CA GLN F 62 -14.20 3.36 0.73
C GLN F 62 -14.74 3.80 -0.63
N PHE F 63 -15.64 4.79 -0.64
CA PHE F 63 -16.19 5.30 -1.89
C PHE F 63 -15.06 5.87 -2.75
N ILE F 64 -14.95 5.39 -3.98
CA ILE F 64 -13.70 5.52 -4.72
C ILE F 64 -13.84 5.88 -6.19
N ALA F 65 -13.14 6.93 -6.60
CA ALA F 65 -12.72 7.05 -7.98
C ALA F 65 -11.21 6.95 -7.96
N VAL F 66 -10.71 5.78 -8.38
CA VAL F 66 -9.27 5.52 -8.38
C VAL F 66 -8.61 6.25 -9.56
N GLY F 67 -9.35 6.35 -10.66
CA GLY F 67 -8.84 6.94 -11.88
C GLY F 67 -8.45 8.41 -11.79
N LYS F 68 -7.28 8.72 -12.36
CA LYS F 68 -6.83 10.09 -12.52
C LYS F 68 -6.22 10.27 -13.92
N GLU F 69 -6.14 11.51 -14.37
CA GLU F 69 -5.58 11.79 -15.68
C GLU F 69 -4.34 12.68 -15.54
N PHE F 70 -3.25 12.28 -16.18
CA PHE F 70 -2.01 13.06 -16.10
C PHE F 70 -1.50 13.37 -17.50
N ASN F 71 -1.18 14.64 -17.77
CA ASN F 71 -0.68 15.01 -19.08
C ASN F 71 0.77 14.57 -19.30
N HIS F 72 1.31 14.88 -20.47
CA HIS F 72 2.60 14.34 -20.90
C HIS F 72 3.78 14.83 -20.07
N LEU F 73 3.56 15.88 -19.28
CA LEU F 73 4.61 16.35 -18.37
C LEU F 73 4.41 15.82 -16.95
N GLU F 74 3.34 15.06 -16.75
CA GLU F 74 3.00 14.50 -15.44
C GLU F 74 3.50 13.07 -15.28
N LYS F 75 4.28 12.61 -16.24
CA LYS F 75 4.69 11.21 -16.34
C LYS F 75 5.13 10.61 -15.00
N ARG F 76 5.93 11.36 -14.25
CA ARG F 76 6.45 10.86 -12.98
C ARG F 76 5.35 10.45 -12.00
N ILE F 77 4.44 11.38 -11.71
CA ILE F 77 3.37 11.12 -10.75
C ILE F 77 2.35 10.18 -11.35
N GLU F 78 2.30 10.10 -12.68
CA GLU F 78 1.50 9.09 -13.35
C GLU F 78 2.05 7.73 -12.91
N ASN F 79 3.37 7.62 -12.90
CA ASN F 79 4.05 6.39 -12.52
C ASN F 79 3.96 6.09 -11.02
N LEU F 80 3.89 7.15 -10.22
CA LEU F 80 3.73 6.99 -8.78
C LEU F 80 2.33 6.49 -8.46
N ASN F 81 1.34 7.08 -9.12
CA ASN F 81 -0.03 6.60 -9.03
C ASN F 81 -0.12 5.14 -9.41
N LYS F 82 0.43 4.82 -10.58
CA LYS F 82 0.46 3.43 -11.02
C LYS F 82 1.08 2.54 -9.95
N LYS F 83 2.22 2.97 -9.41
CA LYS F 83 2.91 2.20 -8.38
C LYS F 83 2.02 1.95 -7.18
N VAL F 84 1.21 2.95 -6.82
CA VAL F 84 0.29 2.81 -5.71
C VAL F 84 -0.77 1.76 -6.02
N ASP F 85 -1.49 1.94 -7.12
CA ASP F 85 -2.57 1.01 -7.46
C ASP F 85 -2.06 -0.42 -7.58
N ASP F 86 -0.87 -0.57 -8.15
CA ASP F 86 -0.28 -1.89 -8.36
C ASP F 86 0.19 -2.52 -7.06
N GLY F 87 0.81 -1.72 -6.20
CA GLY F 87 1.22 -2.19 -4.90
C GLY F 87 0.03 -2.68 -4.10
N PHE F 88 -0.98 -1.82 -3.98
CA PHE F 88 -2.21 -2.19 -3.28
C PHE F 88 -2.84 -3.46 -3.87
N LEU F 89 -2.98 -3.48 -5.18
CA LEU F 89 -3.55 -4.64 -5.87
C LEU F 89 -2.80 -5.91 -5.50
N ASP F 90 -1.47 -5.85 -5.59
CA ASP F 90 -0.62 -6.97 -5.22
C ASP F 90 -0.94 -7.44 -3.81
N ILE F 91 -0.93 -6.50 -2.87
CA ILE F 91 -1.11 -6.86 -1.47
C ILE F 91 -2.49 -7.48 -1.18
N TRP F 92 -3.53 -6.95 -1.82
CA TRP F 92 -4.87 -7.49 -1.62
C TRP F 92 -5.05 -8.85 -2.28
N THR F 93 -4.36 -9.07 -3.39
CA THR F 93 -4.32 -10.40 -3.99
C THR F 93 -3.68 -11.38 -2.99
N TYR F 94 -2.53 -10.99 -2.48
CA TYR F 94 -1.82 -11.79 -1.49
C TYR F 94 -2.73 -12.16 -0.31
N ASN F 95 -3.34 -11.15 0.29
CA ASN F 95 -4.25 -11.38 1.40
C ASN F 95 -5.39 -12.32 1.04
N ALA F 96 -6.01 -12.08 -0.11
CA ALA F 96 -7.09 -12.92 -0.59
C ALA F 96 -6.69 -14.40 -0.63
N GLU F 97 -5.74 -14.71 -1.51
CA GLU F 97 -5.35 -16.10 -1.71
C GLU F 97 -4.80 -16.77 -0.44
N LEU F 98 -3.95 -16.04 0.28
CA LEU F 98 -3.40 -16.55 1.54
C LEU F 98 -4.53 -16.94 2.50
N LEU F 99 -5.44 -16.01 2.73
CA LEU F 99 -6.60 -16.26 3.58
C LEU F 99 -7.33 -17.52 3.12
N ILE F 100 -7.58 -17.62 1.81
CA ILE F 100 -8.24 -18.79 1.23
C ILE F 100 -7.54 -20.11 1.61
N LEU F 101 -6.24 -20.19 1.38
CA LEU F 101 -5.48 -21.38 1.72
C LEU F 101 -5.59 -21.71 3.21
N LEU F 102 -5.19 -20.76 4.04
CA LEU F 102 -5.16 -20.99 5.48
C LEU F 102 -6.51 -21.45 6.02
N GLU F 103 -7.56 -20.70 5.70
CA GLU F 103 -8.90 -21.03 6.18
C GLU F 103 -9.43 -22.33 5.58
N ASN F 104 -8.95 -22.68 4.39
CA ASN F 104 -9.25 -23.99 3.82
C ASN F 104 -8.71 -25.10 4.73
N GLU F 105 -7.41 -25.03 5.00
CA GLU F 105 -6.77 -25.99 5.90
C GLU F 105 -7.53 -26.09 7.22
N ARG F 106 -7.72 -24.94 7.87
CA ARG F 106 -8.38 -24.91 9.16
C ARG F 106 -9.79 -25.49 9.09
N THR F 107 -10.47 -25.27 7.97
CA THR F 107 -11.80 -25.82 7.76
C THR F 107 -11.78 -27.34 7.73
N LEU F 108 -10.99 -27.90 6.83
CA LEU F 108 -10.92 -29.36 6.70
C LEU F 108 -10.52 -30.01 8.03
N ASP F 109 -9.49 -29.46 8.66
CA ASP F 109 -9.05 -29.97 9.95
C ASP F 109 -10.18 -29.86 10.97
N TYR F 110 -10.97 -28.81 10.84
CA TYR F 110 -12.14 -28.60 11.69
C TYR F 110 -13.07 -29.80 11.57
N HIS F 111 -13.49 -30.09 10.33
CA HIS F 111 -14.32 -31.27 10.06
C HIS F 111 -13.73 -32.53 10.67
N ASP F 112 -12.44 -32.74 10.43
CA ASP F 112 -11.75 -33.88 10.99
C ASP F 112 -11.99 -33.95 12.51
N SER F 113 -11.76 -32.83 13.18
CA SER F 113 -11.84 -32.76 14.64
C SER F 113 -13.25 -33.08 15.12
N ASN F 114 -14.25 -32.57 14.41
CA ASN F 114 -15.64 -32.80 14.80
C ASN F 114 -16.02 -34.26 14.61
N VAL F 115 -15.59 -34.84 13.50
CA VAL F 115 -15.78 -36.26 13.26
C VAL F 115 -15.22 -37.05 14.43
N LYS F 116 -13.90 -36.96 14.62
CA LYS F 116 -13.26 -37.69 15.70
C LYS F 116 -13.99 -37.48 17.02
N ASN F 117 -14.30 -36.24 17.34
CA ASN F 117 -14.92 -35.90 18.62
C ASN F 117 -16.29 -36.54 18.80
N LEU F 118 -17.04 -36.66 17.69
CA LEU F 118 -18.29 -37.38 17.69
C LEU F 118 -18.04 -38.85 18.00
N TYR F 119 -17.07 -39.44 17.29
CA TYR F 119 -16.67 -40.82 17.55
C TYR F 119 -16.38 -41.06 19.03
N GLU F 120 -15.36 -40.36 19.55
CA GLU F 120 -14.98 -40.46 20.95
C GLU F 120 -16.16 -40.22 21.89
N LYS F 121 -17.11 -39.39 21.46
CA LYS F 121 -18.33 -39.24 22.23
C LYS F 121 -19.06 -40.57 22.32
N VAL F 122 -19.34 -41.16 21.16
CA VAL F 122 -19.95 -42.49 21.11
C VAL F 122 -19.20 -43.47 22.01
N ARG F 123 -17.93 -43.70 21.70
CA ARG F 123 -17.10 -44.66 22.43
C ARG F 123 -17.15 -44.46 23.95
N SER F 124 -16.86 -43.23 24.38
CA SER F 124 -16.85 -42.91 25.81
C SER F 124 -18.23 -43.04 26.44
N GLN F 125 -19.26 -43.03 25.59
CA GLN F 125 -20.62 -43.30 26.06
C GLN F 125 -20.87 -44.81 26.23
N LEU F 126 -20.36 -45.60 25.29
CA LEU F 126 -20.63 -47.04 25.26
C LEU F 126 -19.78 -47.86 26.24
N LYS F 127 -18.53 -47.48 26.44
CA LYS F 127 -17.58 -48.29 27.20
C LYS F 127 -17.44 -49.68 26.60
N ASN F 128 -17.43 -50.70 27.45
CA ASN F 128 -17.17 -52.07 27.00
C ASN F 128 -18.42 -52.85 26.56
N ASN F 129 -19.59 -52.23 26.71
CA ASN F 129 -20.82 -52.84 26.24
C ASN F 129 -20.78 -53.04 24.73
N ALA F 130 -19.82 -52.39 24.09
CA ALA F 130 -19.49 -52.64 22.70
C ALA F 130 -17.98 -52.68 22.54
N ARG F 131 -17.51 -53.16 21.39
CA ARG F 131 -16.09 -53.11 21.09
C ARG F 131 -15.83 -52.37 19.78
N GLU F 132 -14.58 -51.94 19.59
CA GLU F 132 -14.23 -51.18 18.39
C GLU F 132 -13.71 -52.12 17.31
N ILE F 133 -14.50 -52.27 16.25
CA ILE F 133 -14.16 -53.20 15.18
C ILE F 133 -13.14 -52.58 14.23
N GLY F 134 -13.11 -51.25 14.19
CA GLY F 134 -12.30 -50.54 13.22
C GLY F 134 -13.16 -49.87 12.15
N ASN F 135 -12.56 -48.89 11.47
CA ASN F 135 -13.32 -48.04 10.56
C ASN F 135 -14.46 -47.36 11.30
N GLY F 136 -14.25 -47.12 12.59
CA GLY F 136 -15.22 -46.41 13.40
C GLY F 136 -16.56 -47.12 13.54
N CYS F 137 -16.54 -48.44 13.48
CA CYS F 137 -17.74 -49.23 13.76
C CYS F 137 -17.65 -49.90 15.14
N PHE F 138 -18.75 -49.86 15.87
CA PHE F 138 -18.85 -50.55 17.14
C PHE F 138 -19.68 -51.82 16.99
N GLU F 139 -19.22 -52.91 17.59
CA GLU F 139 -20.00 -54.13 17.63
C GLU F 139 -20.59 -54.29 19.02
N PHE F 140 -21.88 -54.62 19.08
CA PHE F 140 -22.62 -54.61 20.34
C PHE F 140 -22.59 -55.93 21.08
N TYR F 141 -22.03 -55.90 22.29
CA TYR F 141 -22.02 -57.08 23.15
C TYR F 141 -23.42 -57.40 23.65
N HIS F 142 -24.36 -56.50 23.38
CA HIS F 142 -25.77 -56.78 23.62
C HIS F 142 -26.61 -56.51 22.36
N LYS F 143 -27.92 -56.66 22.48
CA LYS F 143 -28.80 -56.44 21.34
C LYS F 143 -29.34 -55.03 21.34
N CYS F 144 -29.31 -54.39 20.18
CA CYS F 144 -29.69 -52.99 20.07
C CYS F 144 -30.91 -52.82 19.17
N ASP F 145 -32.01 -52.38 19.77
CA ASP F 145 -33.19 -52.01 19.00
C ASP F 145 -33.10 -50.53 18.64
N ASP F 146 -34.12 -50.04 17.93
CA ASP F 146 -34.10 -48.67 17.43
C ASP F 146 -34.17 -47.64 18.55
N LYS F 147 -34.77 -48.03 19.68
CA LYS F 147 -34.82 -47.16 20.85
C LYS F 147 -33.44 -47.12 21.51
N CYS F 148 -32.68 -48.20 21.37
CA CYS F 148 -31.32 -48.25 21.87
C CYS F 148 -30.44 -47.34 21.04
N MET F 149 -30.49 -47.50 19.72
CA MET F 149 -29.76 -46.63 18.81
C MET F 149 -30.13 -45.18 19.10
N GLU F 150 -31.43 -44.92 19.19
CA GLU F 150 -31.92 -43.57 19.46
C GLU F 150 -31.37 -43.03 20.78
N SER F 151 -31.23 -43.91 21.76
CA SER F 151 -30.71 -43.50 23.07
C SER F 151 -29.23 -43.15 22.96
N VAL F 152 -28.50 -43.91 22.15
CA VAL F 152 -27.13 -43.55 21.83
C VAL F 152 -27.05 -42.17 21.21
N LYS F 153 -27.66 -42.02 20.04
CA LYS F 153 -27.54 -40.81 19.24
C LYS F 153 -27.95 -39.54 19.99
N ASN F 154 -29.12 -39.57 20.63
CA ASN F 154 -29.58 -38.41 21.38
C ASN F 154 -28.69 -38.11 22.59
N GLY F 155 -27.78 -39.03 22.89
CA GLY F 155 -26.79 -38.83 23.93
C GLY F 155 -27.25 -39.34 25.29
N THR F 156 -28.34 -40.07 25.30
CA THR F 156 -28.99 -40.51 26.53
C THR F 156 -28.66 -41.95 26.95
N TYR F 157 -27.86 -42.64 26.14
CA TYR F 157 -27.69 -44.10 26.24
C TYR F 157 -27.31 -44.60 27.63
N ASP F 158 -27.94 -45.69 28.04
CA ASP F 158 -27.82 -46.21 29.41
C ASP F 158 -26.94 -47.47 29.50
N TYR F 159 -25.78 -47.31 30.12
CA TYR F 159 -24.80 -48.39 30.26
C TYR F 159 -25.25 -49.52 31.21
N PRO F 160 -25.63 -49.16 32.45
CA PRO F 160 -25.91 -50.18 33.48
C PRO F 160 -27.09 -51.08 33.12
N LYS F 161 -27.92 -50.64 32.17
CA LYS F 161 -29.04 -51.45 31.70
C LYS F 161 -28.56 -52.72 30.98
N TYR F 162 -27.67 -52.53 30.01
CA TYR F 162 -27.17 -53.64 29.21
C TYR F 162 -25.86 -54.16 29.80
N SER F 163 -25.49 -53.58 30.94
CA SER F 163 -24.27 -53.96 31.64
C SER F 163 -24.12 -55.47 31.79
N GLU F 164 -25.00 -56.07 32.57
CA GLU F 164 -24.91 -57.50 32.87
C GLU F 164 -24.88 -58.33 31.59
N GLU F 165 -25.87 -58.11 30.74
CA GLU F 165 -25.97 -58.80 29.47
C GLU F 165 -24.61 -58.82 28.76
N ALA F 166 -24.13 -57.63 28.40
CA ALA F 166 -22.84 -57.51 27.73
C ALA F 166 -21.75 -58.28 28.48
N LYS F 167 -21.67 -58.06 29.79
CA LYS F 167 -20.66 -58.68 30.62
C LYS F 167 -20.60 -60.20 30.42
N LEU F 168 -21.76 -60.84 30.52
CA LEU F 168 -21.86 -62.26 30.18
C LEU F 168 -21.40 -62.53 28.75
N ASN F 169 -22.12 -61.94 27.78
CA ASN F 169 -21.84 -62.19 26.36
C ASN F 169 -20.38 -61.96 26.00
N ARG F 170 -19.74 -61.04 26.69
CA ARG F 170 -18.38 -60.62 26.36
C ARG F 170 -17.37 -61.74 26.57
C1 NAG G . -3.65 35.14 3.38
C2 NAG G . -2.76 34.91 2.17
C3 NAG G . -3.59 34.95 0.88
C4 NAG G . -4.78 34.01 1.00
C5 NAG G . -5.55 34.23 2.29
C6 NAG G . -6.62 33.15 2.46
C7 NAG G . -0.44 35.52 2.35
C8 NAG G . 0.59 36.61 2.37
N2 NAG G . -1.69 35.88 2.11
O3 NAG G . -2.77 34.56 -0.21
O4 NAG G . -5.64 34.25 -0.11
O5 NAG G . -4.69 34.19 3.41
O6 NAG G . -6.75 32.82 3.83
O7 NAG G . -0.12 34.34 2.55
#